data_4D96
#
_entry.id   4D96
#
_cell.length_a   66.590
_cell.length_b   165.350
_cell.length_c   68.920
_cell.angle_alpha   90.00
_cell.angle_beta   119.01
_cell.angle_gamma   90.00
#
_symmetry.space_group_name_H-M   'P 1 21 1'
#
loop_
_entity.id
_entity.type
_entity.pdbx_description
1 polymer 'D-cysteine desulfhydrase'
2 non-polymer 'N-[3-HYDROXY-2-METHYL-5-PHOSPHONOOXYMETHYL-PYRIDIN-4-Y-LMETHYL]-1-AMINO-CYCLOPROPANECARBOXYLIC ACID'
3 non-polymer BENZAMIDINE
4 non-polymer 'SULFATE ION'
5 water water
#
_entity_poly.entity_id   1
_entity_poly.type   'polypeptide(L)'
_entity_poly.pdbx_seq_one_letter_code
;MRGSHHHHHHGMASMPLHHLTRFPRLEFIGAPTPLEYLPRLSDYLGREIYIKRDDVTPIAMGGNKLRKLEFLVADALREG
ADTLITAGAIQSNHVRQTAAVAAKLGLHCVALLENPIGTTAENYLTNGNRLLLDLFNTQIEMCDALTDPDAQLQTLATRI
EAQGFRPYVIPVGGSSALGAMGYVESALEIAQQCEEVVGLSSVVVASGSAGTHAGLAVGLEHLMPDVELIGVTVSRSVAE
QKPKVIALQQAIAGQLALTATADIHLWDDYFAPGYGVPNDAGMEAVKLLASLEGVLLDPVYTGKAMAGLIDGISQKRFND
DGPILFIHTGGAPALFAYHPHV
;
_entity_poly.pdbx_strand_id   A,B,C,D
#
loop_
_chem_comp.id
_chem_comp.type
_chem_comp.name
_chem_comp.formula
5PA non-polymer 'N-[3-HYDROXY-2-METHYL-5-PHOSPHONOOXYMETHYL-PYRIDIN-4-Y-LMETHYL]-1-AMINO-CYCLOPROPANECARBOXYLIC ACID' 'C12 H17 N2 O7 P'
BEN non-polymer BENZAMIDINE 'C7 H8 N2'
SO4 non-polymer 'SULFATE ION' 'O4 S -2'
#
# COMPACT_ATOMS: atom_id res chain seq x y z
N MET A 15 43.35 -0.62 22.65
CA MET A 15 44.40 -0.75 21.61
CA MET A 15 44.42 -0.76 21.61
C MET A 15 44.14 -1.89 20.60
N PRO A 16 43.87 -3.12 21.10
CA PRO A 16 43.93 -4.27 20.17
C PRO A 16 42.96 -4.25 18.98
N LEU A 17 41.86 -3.51 19.10
CA LEU A 17 40.80 -3.51 18.08
C LEU A 17 40.74 -2.22 17.26
N HIS A 18 41.83 -1.47 17.26
CA HIS A 18 41.86 -0.14 16.63
C HIS A 18 41.76 -0.15 15.13
N HIS A 19 42.02 -1.29 14.49
CA HIS A 19 41.86 -1.41 13.04
C HIS A 19 40.40 -1.41 12.63
N LEU A 20 39.52 -1.51 13.62
CA LEU A 20 38.09 -1.38 13.40
C LEU A 20 37.72 -0.03 12.78
N THR A 21 38.38 1.04 13.22
CA THR A 21 38.11 2.39 12.68
C THR A 21 38.51 2.55 11.21
N ARG A 22 39.17 1.54 10.64
CA ARG A 22 39.55 1.57 9.22
C ARG A 22 38.35 1.32 8.31
N PHE A 23 37.37 0.58 8.81
CA PHE A 23 36.16 0.27 8.04
C PHE A 23 35.20 1.45 8.12
N PRO A 24 34.69 1.92 6.96
CA PRO A 24 33.64 2.93 7.03
C PRO A 24 32.38 2.34 7.67
N ARG A 25 31.68 3.14 8.47
CA ARG A 25 30.41 2.71 9.04
C ARG A 25 29.41 3.86 9.17
N LEU A 26 28.13 3.52 9.00
CA LEU A 26 27.05 4.46 9.27
C LEU A 26 26.73 4.43 10.76
N GLU A 27 25.83 5.31 11.18
CA GLU A 27 25.38 5.37 12.57
C GLU A 27 23.88 5.18 12.60
N PHE A 28 23.44 4.06 13.16
CA PHE A 28 22.02 3.77 13.30
C PHE A 28 21.62 3.69 14.77
N ILE A 29 22.62 3.51 15.64
CA ILE A 29 22.38 3.27 17.06
C ILE A 29 22.65 4.53 17.88
N GLY A 30 23.87 5.03 17.76
CA GLY A 30 24.32 6.17 18.55
C GLY A 30 25.01 5.69 19.81
N ALA A 31 24.33 5.85 20.94
CA ALA A 31 24.88 5.51 22.25
C ALA A 31 24.78 4.00 22.49
N PRO A 32 25.69 3.47 23.35
CA PRO A 32 25.66 2.10 23.83
C PRO A 32 24.28 1.65 24.27
N THR A 33 23.87 0.46 23.85
CA THR A 33 22.60 -0.10 24.31
C THR A 33 22.72 -0.48 25.78
N PRO A 34 21.61 -0.41 26.53
CA PRO A 34 21.66 -0.67 27.97
C PRO A 34 22.19 -2.06 28.30
N LEU A 35 22.96 -2.12 29.37
CA LEU A 35 23.38 -3.38 29.96
C LEU A 35 22.83 -3.33 31.38
N GLU A 36 21.88 -4.21 31.66
CA GLU A 36 21.07 -4.12 32.87
C GLU A 36 21.17 -5.40 33.70
N TYR A 37 21.16 -5.26 35.02
CA TYR A 37 21.04 -6.37 35.93
C TYR A 37 19.61 -6.88 35.92
N LEU A 38 19.43 -8.19 36.01
CA LEU A 38 18.08 -8.76 36.08
C LEU A 38 17.83 -9.34 37.47
N PRO A 39 17.41 -8.47 38.42
CA PRO A 39 17.38 -8.91 39.82
C PRO A 39 16.37 -10.01 40.15
N ARG A 40 15.24 -10.07 39.43
CA ARG A 40 14.19 -11.02 39.77
C ARG A 40 14.48 -12.39 39.14
N LEU A 41 15.00 -12.38 37.92
CA LEU A 41 15.45 -13.61 37.27
C LEU A 41 16.65 -14.22 38.02
N SER A 42 17.56 -13.36 38.48
CA SER A 42 18.73 -13.77 39.27
C SER A 42 18.30 -14.44 40.57
N ASP A 43 17.28 -13.87 41.20
CA ASP A 43 16.70 -14.42 42.42
C ASP A 43 16.14 -15.84 42.19
N TYR A 44 15.42 -16.01 41.09
CA TYR A 44 14.83 -17.30 40.74
C TYR A 44 15.86 -18.35 40.33
N LEU A 45 16.87 -17.93 39.58
CA LEU A 45 17.84 -18.88 39.01
C LEU A 45 18.97 -19.23 39.98
N GLY A 46 19.20 -18.34 40.94
CA GLY A 46 20.23 -18.55 41.96
C GLY A 46 21.62 -18.14 41.52
N ARG A 47 21.69 -17.16 40.63
CA ARG A 47 22.95 -16.66 40.09
C ARG A 47 22.73 -15.28 39.47
N GLU A 48 23.78 -14.47 39.42
CA GLU A 48 23.67 -13.15 38.82
C GLU A 48 23.56 -13.21 37.29
N ILE A 49 22.43 -12.70 36.77
CA ILE A 49 22.22 -12.59 35.35
C ILE A 49 22.15 -11.11 34.99
N TYR A 50 22.89 -10.76 33.94
CA TYR A 50 22.87 -9.45 33.32
C TYR A 50 22.37 -9.62 31.88
N ILE A 51 21.89 -8.53 31.28
CA ILE A 51 21.37 -8.58 29.92
C ILE A 51 21.90 -7.41 29.10
N LYS A 52 22.33 -7.70 27.88
CA LYS A 52 22.76 -6.67 26.92
C LYS A 52 21.61 -6.44 25.96
N ARG A 53 21.11 -5.21 25.95
CA ARG A 53 19.83 -4.90 25.32
C ARG A 53 19.96 -4.46 23.87
N ASP A 54 20.40 -5.36 23.00
CA ASP A 54 20.47 -5.04 21.58
C ASP A 54 19.12 -5.12 20.90
N ASP A 55 18.10 -5.47 21.67
CA ASP A 55 16.73 -5.46 21.19
C ASP A 55 16.16 -4.04 21.17
N VAL A 56 16.87 -3.10 21.78
CA VAL A 56 16.42 -1.71 21.84
C VAL A 56 17.22 -0.76 20.91
N THR A 57 17.80 -1.30 19.84
CA THR A 57 18.40 -0.46 18.78
C THR A 57 17.27 0.27 18.02
N PRO A 58 17.43 1.59 17.75
CA PRO A 58 16.28 2.45 17.46
C PRO A 58 15.64 2.42 16.04
N ILE A 59 16.03 1.46 15.21
CA ILE A 59 15.39 1.32 13.90
C ILE A 59 14.34 0.21 13.92
N ALA A 60 13.13 0.55 13.49
CA ALA A 60 12.01 -0.39 13.35
C ALA A 60 12.08 -1.63 14.23
N MET A 61 11.90 -1.41 15.54
CA MET A 61 11.83 -2.48 16.56
C MET A 61 13.16 -3.23 16.85
N GLY A 62 14.26 -2.65 16.39
CA GLY A 62 15.62 -3.07 16.80
C GLY A 62 16.07 -4.50 16.50
N GLY A 63 17.20 -4.89 17.10
CA GLY A 63 17.76 -6.23 16.91
C GLY A 63 19.26 -6.23 16.67
N ASN A 64 19.83 -7.43 16.65
CA ASN A 64 21.27 -7.59 16.43
C ASN A 64 21.79 -7.19 15.05
N LYS A 65 20.90 -7.04 14.07
CA LYS A 65 21.35 -6.82 12.70
C LYS A 65 21.71 -5.36 12.35
N LEU A 66 21.14 -4.40 13.08
CA LEU A 66 21.48 -2.99 12.86
C LEU A 66 22.97 -2.70 13.00
N ARG A 67 23.62 -3.37 13.97
CA ARG A 67 25.07 -3.32 14.13
C ARG A 67 25.81 -3.74 12.86
N LYS A 68 25.39 -4.86 12.27
CA LYS A 68 26.00 -5.39 11.06
C LYS A 68 25.75 -4.51 9.84
N LEU A 69 24.54 -3.94 9.78
CA LEU A 69 24.11 -3.12 8.64
C LEU A 69 24.86 -1.80 8.58
N GLU A 70 25.17 -1.22 9.75
CA GLU A 70 26.05 -0.05 9.83
C GLU A 70 27.30 -0.20 8.97
N PHE A 71 27.86 -1.41 8.94
CA PHE A 71 29.08 -1.69 8.18
C PHE A 71 28.74 -2.04 6.75
N LEU A 72 27.84 -3.01 6.56
CA LEU A 72 27.48 -3.51 5.22
C LEU A 72 26.91 -2.40 4.35
N VAL A 73 25.92 -1.68 4.87
CA VAL A 73 25.30 -0.61 4.09
C VAL A 73 26.29 0.51 3.79
N ALA A 74 27.17 0.83 4.75
CA ALA A 74 28.26 1.78 4.50
C ALA A 74 29.11 1.36 3.30
N ASP A 75 29.30 0.04 3.18
CA ASP A 75 30.09 -0.55 2.10
C ASP A 75 29.30 -0.49 0.80
N ALA A 76 28.00 -0.79 0.90
CA ALA A 76 27.09 -0.70 -0.25
C ALA A 76 27.13 0.67 -0.89
N LEU A 77 27.10 1.72 -0.05
CA LEU A 77 27.13 3.09 -0.56
C LEU A 77 28.47 3.44 -1.22
N ARG A 78 29.56 2.88 -0.68
CA ARG A 78 30.89 3.03 -1.26
C ARG A 78 30.93 2.53 -2.69
N GLU A 79 30.15 1.48 -2.96
CA GLU A 79 30.06 0.86 -4.29
C GLU A 79 29.13 1.64 -5.23
N GLY A 80 28.43 2.64 -4.71
CA GLY A 80 27.42 3.36 -5.48
C GLY A 80 26.14 2.54 -5.69
N ALA A 81 25.96 1.50 -4.87
CA ALA A 81 24.78 0.65 -4.92
C ALA A 81 23.52 1.39 -4.46
N ASP A 82 22.38 1.08 -5.07
CA ASP A 82 21.11 1.74 -4.76
C ASP A 82 20.01 0.77 -4.33
N THR A 83 20.38 -0.50 -4.23
CA THR A 83 19.46 -1.58 -3.90
C THR A 83 20.12 -2.54 -2.90
N LEU A 84 19.40 -2.91 -1.85
CA LEU A 84 19.86 -3.97 -0.98
C LEU A 84 19.10 -5.28 -1.22
N ILE A 85 19.84 -6.37 -1.40
CA ILE A 85 19.20 -7.66 -1.61
C ILE A 85 19.68 -8.71 -0.62
N THR A 86 18.74 -9.27 0.12
CA THR A 86 19.03 -10.25 1.15
C THR A 86 17.99 -11.39 1.17
N ALA A 87 18.17 -12.34 2.09
CA ALA A 87 17.30 -13.52 2.14
C ALA A 87 17.03 -13.93 3.58
N GLY A 88 15.94 -14.68 3.78
CA GLY A 88 15.64 -15.23 5.09
C GLY A 88 14.29 -15.90 5.10
N ALA A 89 13.82 -16.28 6.29
CA ALA A 89 12.46 -16.77 6.48
C ALA A 89 11.46 -15.64 6.28
N ILE A 90 10.20 -16.00 6.04
CA ILE A 90 9.11 -15.03 6.02
C ILE A 90 9.12 -14.16 7.29
N GLN A 91 9.46 -14.76 8.44
CA GLN A 91 9.48 -14.01 9.71
C GLN A 91 10.87 -13.58 10.19
N SER A 92 11.81 -13.53 9.24
CA SER A 92 13.19 -13.11 9.48
C SER A 92 13.30 -11.66 9.97
N ASN A 93 14.03 -11.49 11.07
CA ASN A 93 14.26 -10.17 11.67
C ASN A 93 15.25 -9.35 10.85
N HIS A 94 16.26 -10.05 10.33
CA HIS A 94 17.27 -9.47 9.45
C HIS A 94 16.66 -8.80 8.26
N VAL A 95 15.81 -9.54 7.53
CA VAL A 95 15.13 -8.96 6.38
C VAL A 95 14.41 -7.67 6.79
N ARG A 96 13.67 -7.74 7.91
CA ARG A 96 12.90 -6.60 8.42
C ARG A 96 13.77 -5.39 8.74
N GLN A 97 14.88 -5.60 9.45
CA GLN A 97 15.84 -4.51 9.75
C GLN A 97 16.53 -4.01 8.46
N THR A 98 16.83 -4.92 7.54
CA THR A 98 17.39 -4.54 6.23
C THR A 98 16.40 -3.65 5.47
N ALA A 99 15.14 -4.11 5.35
CA ALA A 99 14.10 -3.31 4.67
C ALA A 99 13.88 -1.94 5.31
N ALA A 100 13.95 -1.89 6.65
CA ALA A 100 13.78 -0.64 7.36
C ALA A 100 14.90 0.35 7.02
N VAL A 101 16.14 -0.15 7.04
CA VAL A 101 17.31 0.68 6.74
C VAL A 101 17.29 1.17 5.28
N ALA A 102 16.91 0.28 4.37
CA ALA A 102 16.73 0.62 2.96
C ALA A 102 15.77 1.79 2.73
N ALA A 103 14.59 1.71 3.35
CA ALA A 103 13.59 2.78 3.24
C ALA A 103 14.17 4.08 3.78
N LYS A 104 14.72 4.01 4.99
CA LYS A 104 15.34 5.18 5.64
C LYS A 104 16.28 5.94 4.72
N LEU A 105 17.02 5.21 3.88
CA LEU A 105 18.04 5.80 3.03
C LEU A 105 17.65 6.02 1.57
N GLY A 106 16.41 5.65 1.23
CA GLY A 106 15.94 5.73 -0.15
C GLY A 106 16.60 4.71 -1.05
N LEU A 107 17.07 3.63 -0.45
CA LEU A 107 17.57 2.51 -1.23
C LEU A 107 16.39 1.61 -1.50
N HIS A 108 16.48 0.86 -2.59
CA HIS A 108 15.49 -0.17 -2.85
C HIS A 108 15.91 -1.40 -2.10
N CYS A 109 14.97 -2.30 -1.85
CA CYS A 109 15.23 -3.56 -1.15
C CYS A 109 14.46 -4.72 -1.81
N VAL A 110 15.17 -5.82 -2.00
CA VAL A 110 14.59 -7.02 -2.59
C VAL A 110 14.90 -8.18 -1.65
N ALA A 111 13.85 -8.87 -1.21
CA ALA A 111 13.98 -9.96 -0.24
C ALA A 111 13.61 -11.32 -0.82
N LEU A 112 14.56 -12.25 -0.79
CA LEU A 112 14.27 -13.64 -1.13
C LEU A 112 13.79 -14.38 0.10
N LEU A 113 12.50 -14.63 0.19
CA LEU A 113 11.93 -15.23 1.38
C LEU A 113 11.56 -16.71 1.20
N GLU A 114 11.63 -17.44 2.30
CA GLU A 114 11.19 -18.82 2.32
C GLU A 114 10.28 -19.07 3.52
N ASN A 115 9.54 -20.17 3.45
CA ASN A 115 8.76 -20.68 4.57
C ASN A 115 9.50 -21.91 5.11
N PRO A 116 10.28 -21.74 6.19
CA PRO A 116 11.13 -22.86 6.62
C PRO A 116 10.38 -23.97 7.39
N ILE A 117 9.13 -23.73 7.76
CA ILE A 117 8.41 -24.68 8.61
C ILE A 117 7.17 -25.31 7.98
N GLY A 118 6.85 -24.90 6.74
CA GLY A 118 5.68 -25.40 6.02
C GLY A 118 4.32 -25.07 6.61
N THR A 119 4.24 -23.99 7.38
CA THR A 119 2.98 -23.55 7.98
C THR A 119 2.05 -22.89 6.97
N THR A 120 0.75 -23.04 7.20
CA THR A 120 -0.23 -22.30 6.43
C THR A 120 -0.98 -21.31 7.34
N ALA A 121 -0.50 -21.15 8.58
CA ALA A 121 -1.10 -20.23 9.57
C ALA A 121 -1.00 -18.77 9.10
N GLU A 122 -2.13 -18.06 9.12
CA GLU A 122 -2.21 -16.73 8.50
C GLU A 122 -1.33 -15.66 9.16
N ASN A 123 -1.23 -15.68 10.48
CA ASN A 123 -0.32 -14.76 11.18
C ASN A 123 1.16 -14.99 10.84
N TYR A 124 1.56 -16.26 10.70
CA TYR A 124 2.93 -16.52 10.23
C TYR A 124 3.16 -15.98 8.83
N LEU A 125 2.19 -16.21 7.94
CA LEU A 125 2.27 -15.79 6.56
C LEU A 125 2.13 -14.27 6.37
N THR A 126 1.37 -13.59 7.23
CA THR A 126 0.99 -12.20 6.96
C THR A 126 1.27 -11.15 8.04
N ASN A 127 1.40 -11.59 9.28
CA ASN A 127 1.55 -10.67 10.40
C ASN A 127 3.02 -10.55 10.78
N GLY A 128 3.32 -9.88 11.89
CA GLY A 128 4.68 -9.81 12.44
C GLY A 128 5.70 -9.16 11.53
N ASN A 129 6.86 -9.80 11.38
CA ASN A 129 7.91 -9.23 10.54
C ASN A 129 7.48 -9.09 9.08
N ARG A 130 6.72 -10.06 8.56
CA ARG A 130 6.23 -10.01 7.17
C ARG A 130 5.33 -8.82 6.88
N LEU A 131 4.52 -8.46 7.87
CA LEU A 131 3.66 -7.26 7.79
C LEU A 131 4.49 -6.01 7.57
N LEU A 132 5.51 -5.82 8.39
CA LEU A 132 6.29 -4.60 8.38
C LEU A 132 7.02 -4.39 7.05
N LEU A 133 7.40 -5.49 6.41
CA LEU A 133 8.10 -5.43 5.12
C LEU A 133 7.28 -4.73 4.04
N ASP A 134 5.96 -4.94 4.06
CA ASP A 134 5.08 -4.25 3.12
C ASP A 134 5.02 -2.75 3.41
N LEU A 135 5.08 -2.37 4.69
CA LEU A 135 5.15 -0.96 5.08
C LEU A 135 6.42 -0.28 4.57
N PHE A 136 7.52 -1.02 4.49
CA PHE A 136 8.78 -0.46 3.97
C PHE A 136 8.90 -0.55 2.45
N ASN A 137 7.85 -1.00 1.77
CA ASN A 137 7.84 -1.19 0.31
C ASN A 137 8.90 -2.17 -0.21
N THR A 138 9.07 -3.28 0.52
CA THR A 138 9.97 -4.35 0.11
C THR A 138 9.39 -5.08 -1.10
N GLN A 139 10.22 -5.29 -2.11
CA GLN A 139 9.91 -6.21 -3.20
C GLN A 139 10.18 -7.64 -2.71
N ILE A 140 9.13 -8.45 -2.72
CA ILE A 140 9.15 -9.78 -2.10
C ILE A 140 9.29 -10.86 -3.18
N GLU A 141 10.33 -11.67 -3.05
CA GLU A 141 10.57 -12.77 -3.97
C GLU A 141 10.48 -14.08 -3.19
N MET A 142 9.43 -14.86 -3.44
CA MET A 142 9.26 -16.13 -2.77
C MET A 142 10.07 -17.23 -3.46
N CYS A 143 10.63 -18.13 -2.66
CA CYS A 143 11.25 -19.34 -3.20
C CYS A 143 10.78 -20.53 -2.39
N ASP A 144 10.79 -21.70 -3.00
CA ASP A 144 10.43 -22.94 -2.32
C ASP A 144 11.24 -23.10 -1.06
N ALA A 145 12.55 -22.92 -1.19
CA ALA A 145 13.48 -23.13 -0.08
C ALA A 145 14.82 -22.46 -0.37
N LEU A 146 15.46 -21.97 0.68
CA LEU A 146 16.80 -21.42 0.57
C LEU A 146 17.81 -22.55 0.64
N THR A 147 17.88 -23.37 -0.42
CA THR A 147 18.78 -24.52 -0.48
C THR A 147 20.22 -24.09 -0.69
N ASP A 148 20.42 -22.97 -1.37
CA ASP A 148 21.74 -22.44 -1.65
C ASP A 148 21.67 -20.91 -1.67
N PRO A 149 21.45 -20.29 -0.48
CA PRO A 149 21.17 -18.85 -0.40
C PRO A 149 22.15 -17.96 -1.15
N ASP A 150 23.43 -18.32 -1.14
CA ASP A 150 24.42 -17.46 -1.79
C ASP A 150 24.28 -17.47 -3.31
N ALA A 151 24.11 -18.65 -3.90
CA ALA A 151 23.85 -18.77 -5.34
C ALA A 151 22.50 -18.18 -5.73
N GLN A 152 21.49 -18.45 -4.91
CA GLN A 152 20.13 -17.97 -5.17
C GLN A 152 20.08 -16.44 -5.14
N LEU A 153 20.80 -15.84 -4.18
CA LEU A 153 20.95 -14.40 -4.13
C LEU A 153 21.66 -13.83 -5.36
N GLN A 154 22.66 -14.55 -5.88
CA GLN A 154 23.35 -14.08 -7.08
C GLN A 154 22.45 -14.17 -8.31
N THR A 155 21.63 -15.22 -8.39
CA THR A 155 20.64 -15.32 -9.46
C THR A 155 19.70 -14.12 -9.40
N LEU A 156 19.22 -13.79 -8.20
CA LEU A 156 18.34 -12.65 -8.01
C LEU A 156 19.00 -11.32 -8.38
N ALA A 157 20.25 -11.13 -7.95
CA ALA A 157 20.97 -9.88 -8.19
C ALA A 157 21.22 -9.64 -9.68
N THR A 158 21.45 -10.71 -10.44
CA THR A 158 21.64 -10.63 -11.88
C THR A 158 20.41 -10.04 -12.58
N ARG A 159 19.26 -10.65 -12.32
CA ARG A 159 17.98 -10.22 -12.89
C ARG A 159 17.61 -8.81 -12.43
N ILE A 160 17.90 -8.49 -11.17
CA ILE A 160 17.69 -7.14 -10.64
C ILE A 160 18.65 -6.13 -11.29
N GLU A 161 19.91 -6.53 -11.48
CA GLU A 161 20.90 -5.72 -12.20
C GLU A 161 20.45 -5.41 -13.64
N ALA A 162 19.77 -6.37 -14.28
CA ALA A 162 19.26 -6.20 -15.65
C ALA A 162 18.24 -5.06 -15.77
N GLN A 163 17.44 -4.84 -14.72
CA GLN A 163 16.51 -3.71 -14.71
C GLN A 163 17.22 -2.37 -14.62
N GLY A 164 18.54 -2.41 -14.45
CA GLY A 164 19.33 -1.20 -14.33
C GLY A 164 19.64 -0.81 -12.89
N PHE A 165 19.13 -1.57 -11.93
CA PHE A 165 19.45 -1.34 -10.50
C PHE A 165 20.94 -1.57 -10.23
N ARG A 166 21.46 -0.89 -9.21
CA ARG A 166 22.84 -1.05 -8.74
C ARG A 166 22.80 -1.82 -7.41
N PRO A 167 22.79 -3.15 -7.46
CA PRO A 167 22.44 -3.92 -6.26
C PRO A 167 23.64 -4.29 -5.40
N TYR A 168 23.36 -4.58 -4.13
CA TYR A 168 24.38 -5.03 -3.18
C TYR A 168 23.82 -6.20 -2.38
N VAL A 169 24.46 -7.36 -2.53
CA VAL A 169 24.02 -8.61 -1.95
C VAL A 169 24.44 -8.72 -0.48
N ILE A 170 23.46 -8.78 0.40
CA ILE A 170 23.72 -9.01 1.82
C ILE A 170 23.39 -10.46 2.10
N PRO A 171 24.37 -11.24 2.60
CA PRO A 171 24.09 -12.66 2.87
C PRO A 171 23.07 -12.86 3.99
N VAL A 172 22.57 -14.08 4.14
CA VAL A 172 21.65 -14.43 5.21
C VAL A 172 22.25 -13.94 6.54
N GLY A 173 21.46 -13.17 7.27
CA GLY A 173 21.84 -12.67 8.60
C GLY A 173 22.94 -11.61 8.60
N GLY A 174 23.30 -11.11 7.44
CA GLY A 174 24.43 -10.18 7.31
C GLY A 174 25.74 -10.78 7.83
N SER A 175 25.78 -12.10 7.93
CA SER A 175 26.91 -12.78 8.57
C SER A 175 28.11 -13.05 7.64
N SER A 176 28.74 -11.97 7.19
CA SER A 176 30.07 -12.04 6.61
C SER A 176 31.02 -11.40 7.62
N ALA A 177 32.32 -11.46 7.34
CA ALA A 177 33.33 -10.89 8.23
C ALA A 177 33.14 -9.39 8.43
N LEU A 178 32.74 -8.68 7.37
CA LEU A 178 32.47 -7.25 7.49
C LEU A 178 31.25 -7.00 8.35
N GLY A 179 30.16 -7.74 8.11
CA GLY A 179 28.94 -7.61 8.91
C GLY A 179 29.23 -7.85 10.38
N ALA A 180 29.98 -8.89 10.66
CA ALA A 180 30.31 -9.28 12.02
C ALA A 180 31.10 -8.22 12.81
N MET A 181 31.69 -7.26 12.11
CA MET A 181 32.41 -6.16 12.76
C MET A 181 31.53 -5.40 13.76
N GLY A 182 30.23 -5.39 13.50
CA GLY A 182 29.26 -4.80 14.42
C GLY A 182 29.34 -5.42 15.79
N TYR A 183 29.60 -6.73 15.85
CA TYR A 183 29.66 -7.42 17.14
C TYR A 183 31.02 -7.48 17.80
N VAL A 184 32.07 -7.23 16.99
CA VAL A 184 33.37 -6.93 17.54
C VAL A 184 33.21 -5.62 18.32
N GLU A 185 32.49 -4.67 17.71
CA GLU A 185 32.22 -3.38 18.34
C GLU A 185 31.33 -3.50 19.59
N SER A 186 30.37 -4.42 19.55
CA SER A 186 29.49 -4.70 20.70
C SER A 186 30.34 -5.12 21.91
N ALA A 187 31.37 -5.91 21.64
CA ALA A 187 32.28 -6.41 22.68
C ALA A 187 33.03 -5.26 23.35
N LEU A 188 33.31 -4.21 22.59
CA LEU A 188 33.97 -3.02 23.12
C LEU A 188 33.04 -2.25 24.05
N GLU A 189 31.79 -2.10 23.63
CA GLU A 189 30.74 -1.57 24.49
C GLU A 189 30.62 -2.35 25.78
N ILE A 190 30.50 -3.67 25.63
CA ILE A 190 30.24 -4.60 26.74
C ILE A 190 31.36 -4.57 27.77
N ALA A 191 32.60 -4.61 27.30
CA ALA A 191 33.75 -4.51 28.20
C ALA A 191 33.74 -3.16 28.93
N GLN A 192 33.46 -2.08 28.21
CA GLN A 192 33.41 -0.73 28.79
C GLN A 192 32.35 -0.62 29.88
N GLN A 193 31.15 -1.14 29.62
CA GLN A 193 30.05 -1.12 30.59
C GLN A 193 30.32 -1.99 31.81
N CYS A 194 31.05 -3.09 31.62
CA CYS A 194 31.32 -4.03 32.71
C CYS A 194 32.49 -3.62 33.62
N GLU A 195 33.27 -2.61 33.21
CA GLU A 195 34.43 -2.13 33.97
CA GLU A 195 34.43 -2.17 33.99
C GLU A 195 34.04 -1.70 35.38
N GLU A 196 34.66 -2.34 36.38
CA GLU A 196 34.50 -2.02 37.80
C GLU A 196 33.08 -2.18 38.36
N VAL A 197 32.14 -2.54 37.48
CA VAL A 197 30.76 -2.79 37.87
C VAL A 197 30.51 -4.28 38.09
N VAL A 198 30.87 -5.10 37.10
CA VAL A 198 30.71 -6.56 37.21
C VAL A 198 31.83 -7.34 36.52
N GLY A 199 32.37 -8.33 37.23
CA GLY A 199 33.30 -9.30 36.66
C GLY A 199 32.53 -10.50 36.14
N LEU A 200 32.31 -10.50 34.82
CA LEU A 200 31.54 -11.54 34.14
C LEU A 200 32.29 -12.86 34.13
N SER A 201 31.53 -13.95 34.15
CA SER A 201 32.12 -15.26 33.94
C SER A 201 31.75 -15.84 32.58
N SER A 202 30.53 -15.57 32.15
CA SER A 202 29.97 -16.20 30.95
C SER A 202 29.12 -15.23 30.17
N VAL A 203 29.06 -15.45 28.86
CA VAL A 203 28.20 -14.68 27.97
C VAL A 203 27.44 -15.69 27.12
N VAL A 204 26.14 -15.47 26.98
CA VAL A 204 25.27 -16.37 26.22
C VAL A 204 24.57 -15.62 25.09
N VAL A 205 24.64 -16.17 23.89
CA VAL A 205 23.97 -15.62 22.72
C VAL A 205 23.51 -16.74 21.80
N ALA A 206 22.36 -16.54 21.13
CA ALA A 206 21.89 -17.49 20.11
C ALA A 206 22.83 -17.48 18.92
N SER A 207 22.97 -18.63 18.29
CA SER A 207 23.95 -18.80 17.24
C SER A 207 23.27 -19.41 16.03
N GLY A 208 23.01 -18.55 15.04
CA GLY A 208 22.26 -18.92 13.85
C GLY A 208 23.11 -18.75 12.61
N SER A 209 22.99 -17.59 11.96
CA SER A 209 23.81 -17.31 10.76
C SER A 209 25.28 -17.11 11.14
N ALA A 210 25.52 -16.91 12.43
CA ALA A 210 26.84 -17.05 13.09
C ALA A 210 27.69 -15.79 13.26
N GLY A 211 27.27 -14.68 12.66
CA GLY A 211 28.03 -13.42 12.70
C GLY A 211 28.06 -12.76 14.06
N THR A 212 26.96 -12.86 14.80
CA THR A 212 26.88 -12.33 16.17
C THR A 212 27.84 -13.09 17.08
N HIS A 213 27.68 -14.41 17.16
CA HIS A 213 28.63 -15.28 17.88
C HIS A 213 30.05 -14.92 17.51
N ALA A 214 30.35 -14.87 16.22
CA ALA A 214 31.73 -14.71 15.74
C ALA A 214 32.36 -13.34 16.00
N GLY A 215 31.59 -12.27 15.81
CA GLY A 215 32.06 -10.93 16.18
C GLY A 215 32.38 -10.86 17.67
N LEU A 216 31.44 -11.33 18.49
CA LEU A 216 31.63 -11.36 19.94
C LEU A 216 32.83 -12.25 20.34
N ALA A 217 32.99 -13.38 19.65
CA ALA A 217 34.13 -14.29 19.92
C ALA A 217 35.49 -13.60 19.76
N VAL A 218 35.66 -12.87 18.66
CA VAL A 218 36.89 -12.10 18.41
C VAL A 218 37.08 -10.96 19.42
N GLY A 219 36.04 -10.16 19.60
CA GLY A 219 36.09 -9.03 20.54
C GLY A 219 36.43 -9.45 21.95
N LEU A 220 35.67 -10.42 22.46
CA LEU A 220 35.85 -10.92 23.83
C LEU A 220 37.21 -11.57 24.07
N GLU A 221 37.71 -12.33 23.10
CA GLU A 221 39.06 -12.89 23.21
C GLU A 221 40.08 -11.79 23.47
N HIS A 222 39.97 -10.68 22.74
CA HIS A 222 40.93 -9.60 22.93
C HIS A 222 40.66 -8.65 24.07
N LEU A 223 39.38 -8.44 24.43
CA LEU A 223 39.07 -7.50 25.51
C LEU A 223 38.80 -8.14 26.87
N MET A 224 38.30 -9.37 26.86
CA MET A 224 37.88 -10.05 28.09
C MET A 224 38.29 -11.53 28.05
N PRO A 225 39.61 -11.82 28.03
CA PRO A 225 40.14 -13.15 27.76
C PRO A 225 39.53 -14.32 28.54
N ASP A 226 39.30 -14.13 29.84
CA ASP A 226 38.89 -15.23 30.69
C ASP A 226 37.37 -15.49 30.73
N VAL A 227 36.61 -14.72 29.95
CA VAL A 227 35.15 -14.84 29.90
C VAL A 227 34.76 -15.96 28.94
N GLU A 228 33.87 -16.85 29.39
CA GLU A 228 33.40 -17.97 28.57
C GLU A 228 32.21 -17.57 27.68
N LEU A 229 32.41 -17.55 26.36
CA LEU A 229 31.34 -17.30 25.40
C LEU A 229 30.62 -18.59 24.96
N ILE A 230 29.32 -18.68 25.26
CA ILE A 230 28.50 -19.83 24.85
C ILE A 230 27.48 -19.43 23.79
N GLY A 231 27.56 -20.10 22.63
CA GLY A 231 26.55 -19.97 21.60
C GLY A 231 25.52 -21.08 21.76
N VAL A 232 24.26 -20.72 21.81
CA VAL A 232 23.18 -21.72 21.79
C VAL A 232 22.63 -21.79 20.36
N THR A 233 22.76 -22.95 19.71
CA THR A 233 22.30 -23.05 18.34
C THR A 233 20.79 -22.94 18.25
N VAL A 234 20.33 -22.41 17.11
CA VAL A 234 18.91 -22.19 16.87
C VAL A 234 18.44 -22.97 15.64
N SER A 235 19.40 -23.47 14.86
CA SER A 235 19.10 -24.21 13.63
C SER A 235 19.94 -25.48 13.38
N ARG A 236 21.05 -25.64 14.08
CA ARG A 236 22.07 -26.66 13.71
C ARG A 236 22.72 -27.34 14.89
N SER A 237 23.24 -28.54 14.65
CA SER A 237 24.07 -29.26 15.60
C SER A 237 25.41 -28.56 15.76
N VAL A 238 26.09 -28.83 16.87
CA VAL A 238 27.45 -28.34 17.08
C VAL A 238 28.36 -28.67 15.89
N ALA A 239 28.25 -29.90 15.38
CA ALA A 239 29.05 -30.37 14.24
C ALA A 239 28.91 -29.51 12.97
N GLU A 240 27.68 -29.20 12.61
CA GLU A 240 27.40 -28.34 11.45
C GLU A 240 27.77 -26.87 11.74
N GLN A 241 27.45 -26.42 12.96
CA GLN A 241 27.56 -24.98 13.30
C GLN A 241 28.98 -24.53 13.60
N LYS A 242 29.75 -25.30 14.35
CA LYS A 242 31.12 -24.89 14.73
C LYS A 242 32.02 -24.44 13.58
N PRO A 243 32.08 -25.22 12.46
CA PRO A 243 32.91 -24.71 11.37
C PRO A 243 32.42 -23.39 10.78
N LYS A 244 31.11 -23.11 10.84
CA LYS A 244 30.57 -21.81 10.39
C LYS A 244 31.04 -20.65 11.26
N VAL A 245 31.00 -20.81 12.58
CA VAL A 245 31.49 -19.75 13.48
C VAL A 245 33.01 -19.57 13.36
N ILE A 246 33.72 -20.69 13.25
CA ILE A 246 35.18 -20.66 13.15
C ILE A 246 35.69 -19.85 11.93
N ALA A 247 35.06 -20.06 10.78
CA ALA A 247 35.47 -19.35 9.56
C ALA A 247 35.28 -17.82 9.68
N LEU A 248 34.18 -17.39 10.28
CA LEU A 248 33.95 -15.96 10.46
C LEU A 248 34.97 -15.40 11.45
N GLN A 249 35.03 -15.98 12.65
CA GLN A 249 36.09 -15.68 13.63
C GLN A 249 37.47 -15.47 12.99
N GLN A 250 37.90 -16.45 12.19
CA GLN A 250 39.23 -16.41 11.55
C GLN A 250 39.35 -15.29 10.52
N ALA A 251 38.34 -15.17 9.66
CA ALA A 251 38.29 -14.10 8.65
C ALA A 251 38.18 -12.73 9.29
N ILE A 252 37.43 -12.64 10.39
CA ILE A 252 37.29 -11.39 11.16
C ILE A 252 38.64 -11.00 11.75
N ALA A 253 39.30 -11.94 12.42
CA ALA A 253 40.63 -11.73 13.01
C ALA A 253 41.63 -11.16 11.99
N GLY A 254 41.71 -11.81 10.83
CA GLY A 254 42.60 -11.42 9.74
C GLY A 254 42.32 -10.03 9.19
N GLN A 255 41.04 -9.66 9.13
CA GLN A 255 40.63 -8.34 8.66
C GLN A 255 41.02 -7.24 9.67
N LEU A 256 41.31 -7.64 10.90
CA LEU A 256 41.73 -6.71 11.94
C LEU A 256 43.21 -6.87 12.30
N ALA A 257 43.94 -7.66 11.52
CA ALA A 257 45.36 -7.95 11.76
C ALA A 257 45.63 -8.42 13.18
N LEU A 258 44.83 -9.38 13.62
CA LEU A 258 44.99 -10.04 14.91
C LEU A 258 44.94 -11.52 14.63
N THR A 259 45.30 -12.33 15.63
CA THR A 259 45.04 -13.75 15.59
C THR A 259 43.84 -14.02 16.51
N ALA A 260 43.21 -15.20 16.36
CA ALA A 260 42.19 -15.64 17.30
C ALA A 260 42.34 -17.13 17.59
N THR A 261 42.82 -17.44 18.79
CA THR A 261 43.11 -18.82 19.18
C THR A 261 42.05 -19.40 20.08
N ALA A 262 41.04 -18.59 20.42
CA ALA A 262 39.98 -19.08 21.29
C ALA A 262 39.24 -20.24 20.64
N ASP A 263 38.86 -21.19 21.48
CA ASP A 263 38.00 -22.27 21.05
C ASP A 263 36.57 -21.75 21.03
N ILE A 264 35.77 -22.24 20.10
CA ILE A 264 34.36 -21.84 20.02
C ILE A 264 33.49 -22.84 20.78
N HIS A 265 32.54 -22.33 21.57
CA HIS A 265 31.66 -23.19 22.38
C HIS A 265 30.24 -23.10 21.95
N LEU A 266 29.62 -24.27 21.79
CA LEU A 266 28.25 -24.35 21.26
C LEU A 266 27.44 -25.41 21.99
N TRP A 267 26.18 -25.10 22.27
CA TRP A 267 25.24 -26.10 22.79
C TRP A 267 24.10 -26.21 21.82
N ASP A 268 23.76 -27.44 21.47
CA ASP A 268 22.75 -27.67 20.45
C ASP A 268 21.50 -28.37 20.94
N ASP A 269 21.32 -28.42 22.26
CA ASP A 269 20.27 -29.23 22.89
C ASP A 269 18.93 -28.52 22.99
N TYR A 270 18.86 -27.31 22.45
CA TYR A 270 17.75 -26.40 22.79
C TYR A 270 16.93 -25.93 21.61
N PHE A 271 17.23 -26.44 20.41
CA PHE A 271 16.54 -25.96 19.19
C PHE A 271 15.54 -26.94 18.55
N ALA A 272 15.59 -28.22 18.93
CA ALA A 272 14.66 -29.23 18.42
C ALA A 272 13.22 -28.80 18.70
N PRO A 273 12.29 -29.06 17.74
CA PRO A 273 12.40 -29.86 16.50
C PRO A 273 13.18 -29.26 15.33
N GLY A 274 13.60 -28.01 15.41
CA GLY A 274 14.35 -27.40 14.31
C GLY A 274 14.14 -25.91 14.21
N TYR A 275 14.87 -25.28 13.30
CA TYR A 275 14.79 -23.83 13.10
C TYR A 275 13.37 -23.35 12.90
N GLY A 276 13.01 -22.30 13.65
CA GLY A 276 11.72 -21.65 13.49
C GLY A 276 10.56 -22.39 14.12
N VAL A 277 10.81 -23.56 14.71
CA VAL A 277 9.75 -24.31 15.40
C VAL A 277 9.83 -24.03 16.91
N PRO A 278 8.74 -23.53 17.52
CA PRO A 278 8.78 -23.26 18.96
C PRO A 278 8.88 -24.56 19.74
N ASN A 279 9.54 -24.52 20.89
CA ASN A 279 9.51 -25.67 21.79
C ASN A 279 9.14 -25.27 23.23
N ASP A 280 8.84 -26.28 24.06
CA ASP A 280 8.36 -26.06 25.41
C ASP A 280 9.28 -25.24 26.28
N ALA A 281 10.57 -25.59 26.29
CA ALA A 281 11.57 -24.88 27.09
C ALA A 281 11.78 -23.44 26.61
N GLY A 282 11.64 -23.24 25.30
CA GLY A 282 11.73 -21.91 24.71
C GLY A 282 10.57 -21.02 25.15
N MET A 283 9.35 -21.56 25.08
CA MET A 283 8.17 -20.79 25.46
CA MET A 283 8.16 -20.79 25.46
C MET A 283 8.10 -20.55 26.96
N GLU A 284 8.63 -21.48 27.75
CA GLU A 284 8.70 -21.28 29.20
C GLU A 284 9.75 -20.24 29.60
N ALA A 285 10.82 -20.13 28.81
CA ALA A 285 11.83 -19.09 29.00
C ALA A 285 11.26 -17.71 28.65
N VAL A 286 10.46 -17.65 27.59
CA VAL A 286 9.78 -16.43 27.18
C VAL A 286 8.82 -15.96 28.28
N LYS A 287 8.08 -16.92 28.84
CA LYS A 287 7.12 -16.62 29.90
C LYS A 287 7.79 -16.19 31.19
N LEU A 288 8.98 -16.74 31.44
CA LEU A 288 9.77 -16.41 32.61
C LEU A 288 10.31 -14.98 32.55
N LEU A 289 10.93 -14.62 31.42
CA LEU A 289 11.49 -13.27 31.25
C LEU A 289 10.41 -12.19 31.22
N ALA A 290 9.27 -12.52 30.61
CA ALA A 290 8.15 -11.60 30.54
C ALA A 290 7.57 -11.36 31.94
N SER A 291 7.27 -12.46 32.63
CA SER A 291 6.60 -12.38 33.93
C SER A 291 7.47 -11.82 35.04
N LEU A 292 8.78 -12.08 34.96
CA LEU A 292 9.72 -11.64 36.01
C LEU A 292 10.44 -10.33 35.74
N GLU A 293 10.67 -10.00 34.47
CA GLU A 293 11.50 -8.86 34.12
C GLU A 293 10.85 -7.88 33.13
N GLY A 294 9.69 -8.24 32.59
CA GLY A 294 8.96 -7.38 31.65
C GLY A 294 9.74 -7.24 30.37
N VAL A 295 10.55 -8.27 30.09
CA VAL A 295 11.45 -8.36 28.94
C VAL A 295 10.83 -9.32 27.94
N LEU A 296 10.81 -8.95 26.66
CA LEU A 296 10.19 -9.80 25.67
C LEU A 296 11.24 -10.55 24.83
N LEU A 297 11.22 -11.87 24.93
CA LEU A 297 12.08 -12.70 24.09
C LEU A 297 11.30 -13.10 22.83
N ASP A 298 11.72 -14.17 22.16
CA ASP A 298 10.98 -14.66 20.97
C ASP A 298 11.04 -16.20 20.87
N PRO A 299 10.09 -16.79 20.12
CA PRO A 299 10.05 -18.25 19.99
C PRO A 299 11.20 -18.88 19.18
N VAL A 300 11.84 -18.10 18.31
CA VAL A 300 12.80 -18.65 17.33
C VAL A 300 14.24 -18.61 17.84
N TYR A 301 14.62 -17.51 18.45
CA TYR A 301 16.02 -17.25 18.79
C TYR A 301 16.29 -17.14 20.27
N THR A 302 15.76 -16.08 20.90
CA THR A 302 16.15 -15.71 22.26
C THR A 302 15.48 -16.56 23.33
N GLY A 303 14.24 -16.96 23.11
CA GLY A 303 13.57 -17.91 23.99
C GLY A 303 14.37 -19.21 24.10
N LYS A 304 14.87 -19.69 22.96
CA LYS A 304 15.67 -20.93 22.92
C LYS A 304 17.08 -20.76 23.49
N ALA A 305 17.69 -19.61 23.20
CA ALA A 305 18.99 -19.24 23.80
C ALA A 305 18.88 -19.16 25.32
N MET A 306 17.84 -18.49 25.80
CA MET A 306 17.64 -18.31 27.24
C MET A 306 17.35 -19.63 27.93
N ALA A 307 16.59 -20.50 27.27
CA ALA A 307 16.33 -21.86 27.77
C ALA A 307 17.65 -22.64 27.92
N GLY A 308 18.61 -22.35 27.04
CA GLY A 308 19.95 -22.94 27.16
C GLY A 308 20.72 -22.43 28.37
N LEU A 309 20.61 -21.13 28.64
CA LEU A 309 21.23 -20.51 29.80
C LEU A 309 20.67 -21.19 31.06
N ILE A 310 19.35 -21.32 31.10
CA ILE A 310 18.65 -21.88 32.26
C ILE A 310 19.07 -23.32 32.51
N ASP A 311 18.95 -24.19 31.52
CA ASP A 311 19.41 -25.58 31.65
C ASP A 311 20.89 -25.63 32.04
N GLY A 312 21.66 -24.71 31.46
CA GLY A 312 23.09 -24.57 31.76
C GLY A 312 23.38 -24.31 33.23
N ILE A 313 22.55 -23.48 33.86
CA ILE A 313 22.66 -23.27 35.32
C ILE A 313 22.20 -24.54 36.05
N SER A 314 21.04 -25.04 35.67
CA SER A 314 20.50 -26.27 36.22
C SER A 314 21.52 -27.43 36.21
N GLN A 315 22.24 -27.58 35.10
CA GLN A 315 23.10 -28.75 34.95
C GLN A 315 24.59 -28.49 35.15
N LYS A 316 24.93 -27.24 35.49
CA LYS A 316 26.29 -26.81 35.78
C LYS A 316 27.21 -27.03 34.58
N ARG A 317 26.76 -26.54 33.43
CA ARG A 317 27.51 -26.65 32.17
C ARG A 317 28.51 -25.50 31.96
N PHE A 318 28.31 -24.37 32.64
CA PHE A 318 29.25 -23.25 32.60
C PHE A 318 30.54 -23.55 33.37
N ASN A 319 31.54 -22.68 33.18
CA ASN A 319 32.86 -22.83 33.80
C ASN A 319 32.83 -22.71 35.33
N ASP A 320 32.00 -21.81 35.86
CA ASP A 320 31.78 -21.69 37.31
C ASP A 320 30.38 -21.20 37.70
N ASP A 321 30.28 -20.53 38.84
CA ASP A 321 29.01 -20.04 39.35
C ASP A 321 28.89 -18.52 39.27
N GLY A 322 29.76 -17.88 38.49
CA GLY A 322 29.84 -16.42 38.41
C GLY A 322 28.83 -15.79 37.45
N PRO A 323 28.89 -14.46 37.29
CA PRO A 323 27.86 -13.74 36.54
C PRO A 323 27.78 -14.13 35.06
N ILE A 324 26.56 -14.13 34.54
CA ILE A 324 26.31 -14.46 33.16
C ILE A 324 25.64 -13.29 32.44
N LEU A 325 26.22 -12.87 31.32
CA LEU A 325 25.61 -11.89 30.44
C LEU A 325 24.87 -12.56 29.27
N PHE A 326 23.56 -12.37 29.22
CA PHE A 326 22.75 -12.76 28.06
C PHE A 326 22.65 -11.59 27.08
N ILE A 327 23.04 -11.84 25.84
CA ILE A 327 22.88 -10.87 24.76
C ILE A 327 21.46 -10.96 24.22
N HIS A 328 20.66 -9.94 24.46
CA HIS A 328 19.36 -9.87 23.81
C HIS A 328 19.51 -9.35 22.42
N THR A 329 19.39 -10.29 21.47
CA THR A 329 19.58 -10.02 20.05
C THR A 329 18.26 -9.64 19.35
N GLY A 330 17.18 -9.56 20.11
CA GLY A 330 15.88 -9.09 19.61
C GLY A 330 14.88 -10.20 19.34
N GLY A 331 14.08 -10.02 18.28
CA GLY A 331 13.19 -11.08 17.81
C GLY A 331 11.72 -10.96 18.15
N ALA A 332 11.37 -10.05 19.06
CA ALA A 332 10.00 -9.96 19.59
C ALA A 332 8.86 -9.84 18.59
N PRO A 333 9.06 -9.15 17.44
CA PRO A 333 7.91 -9.01 16.53
C PRO A 333 7.38 -10.37 16.07
N ALA A 334 8.20 -11.42 16.14
CA ALA A 334 7.77 -12.76 15.73
C ALA A 334 6.75 -13.37 16.70
N LEU A 335 6.68 -12.88 17.93
CA LEU A 335 5.61 -13.29 18.86
C LEU A 335 4.23 -13.16 18.21
N PHE A 336 3.98 -12.05 17.53
CA PHE A 336 2.68 -11.78 16.92
C PHE A 336 2.39 -12.65 15.70
N ALA A 337 3.45 -13.14 15.05
CA ALA A 337 3.31 -13.99 13.88
C ALA A 337 3.04 -15.44 14.30
N TYR A 338 3.61 -15.84 15.45
CA TYR A 338 3.45 -17.19 15.96
C TYR A 338 2.15 -17.44 16.72
N HIS A 339 1.49 -16.37 17.16
CA HIS A 339 0.18 -16.48 17.83
C HIS A 339 -0.92 -16.59 16.81
N PRO A 340 -1.91 -17.48 17.04
CA PRO A 340 -2.08 -18.40 18.18
C PRO A 340 -1.22 -19.66 18.11
N HIS A 341 -0.83 -20.04 16.89
CA HIS A 341 -0.04 -21.24 16.66
C HIS A 341 0.49 -21.34 15.27
N VAL A 342 1.57 -22.10 15.13
CA VAL A 342 2.16 -22.49 13.85
C VAL A 342 2.56 -21.31 12.96
N THR B 21 11.85 18.29 40.41
CA THR B 21 12.76 17.24 40.98
C THR B 21 12.39 16.90 42.43
N ARG B 22 11.32 17.54 42.92
CA ARG B 22 10.83 17.29 44.28
C ARG B 22 9.91 16.08 44.36
N PHE B 23 9.68 15.43 43.21
CA PHE B 23 8.86 14.22 43.16
C PHE B 23 9.76 12.99 43.04
N PRO B 24 9.54 11.99 43.91
CA PRO B 24 10.22 10.71 43.74
C PRO B 24 9.92 10.10 42.37
N ARG B 25 10.96 9.63 41.69
CA ARG B 25 10.83 9.02 40.37
C ARG B 25 11.70 7.78 40.21
N LEU B 26 11.17 6.77 39.53
CA LEU B 26 11.92 5.57 39.19
C LEU B 26 12.61 5.73 37.84
N GLU B 27 13.77 5.09 37.66
CA GLU B 27 14.49 5.14 36.41
C GLU B 27 14.02 4.02 35.48
N PHE B 28 13.26 4.39 34.45
CA PHE B 28 12.78 3.44 33.46
C PHE B 28 13.35 3.69 32.07
N ILE B 29 13.90 4.89 31.85
CA ILE B 29 14.36 5.29 30.53
C ILE B 29 15.88 5.52 30.52
N GLY B 30 16.37 6.37 31.41
CA GLY B 30 17.79 6.69 31.48
C GLY B 30 18.16 7.84 30.59
N ALA B 31 18.95 7.55 29.54
CA ALA B 31 19.40 8.55 28.59
C ALA B 31 18.23 9.18 27.84
N PRO B 32 18.33 10.48 27.49
CA PRO B 32 17.30 11.11 26.68
C PRO B 32 17.07 10.35 25.39
N THR B 33 15.81 10.18 25.01
CA THR B 33 15.45 9.52 23.75
C THR B 33 15.87 10.37 22.54
N PRO B 34 16.18 9.73 21.41
CA PRO B 34 16.67 10.46 20.22
C PRO B 34 15.71 11.54 19.74
N LEU B 35 16.28 12.62 19.21
CA LEU B 35 15.53 13.59 18.42
C LEU B 35 16.23 13.65 17.06
N GLU B 36 15.49 13.35 16.00
CA GLU B 36 16.08 13.11 14.68
C GLU B 36 15.50 13.99 13.58
N TYR B 37 16.34 14.38 12.64
CA TYR B 37 15.87 14.98 11.40
C TYR B 37 15.34 13.89 10.48
N LEU B 38 14.16 14.16 9.92
CA LEU B 38 13.54 13.26 8.96
C LEU B 38 13.69 13.83 7.54
N PRO B 39 14.84 13.57 6.88
CA PRO B 39 15.20 14.25 5.64
C PRO B 39 14.34 13.89 4.41
N ARG B 40 14.02 12.60 4.25
CA ARG B 40 13.21 12.15 3.12
C ARG B 40 11.77 12.62 3.25
N LEU B 41 11.25 12.60 4.47
CA LEU B 41 9.91 13.08 4.76
C LEU B 41 9.87 14.60 4.60
N SER B 42 10.94 15.26 5.06
CA SER B 42 11.10 16.70 4.90
C SER B 42 11.10 17.09 3.42
N ASP B 43 11.86 16.35 2.63
CA ASP B 43 11.95 16.53 1.18
C ASP B 43 10.59 16.44 0.51
N TYR B 44 9.87 15.35 0.81
CA TYR B 44 8.55 15.13 0.26
C TYR B 44 7.55 16.21 0.64
N LEU B 45 7.53 16.57 1.92
CA LEU B 45 6.55 17.53 2.44
C LEU B 45 6.88 19.00 2.18
N GLY B 46 8.13 19.27 1.82
CA GLY B 46 8.58 20.64 1.56
C GLY B 46 8.72 21.47 2.82
N ARG B 47 8.81 20.79 3.96
CA ARG B 47 9.00 21.40 5.27
C ARG B 47 10.02 20.62 6.09
N GLU B 48 10.76 21.31 6.95
CA GLU B 48 11.68 20.63 7.87
C GLU B 48 10.88 19.93 8.95
N ILE B 49 10.99 18.59 9.00
CA ILE B 49 10.30 17.81 10.03
C ILE B 49 11.31 17.03 10.86
N TYR B 50 11.20 17.19 12.18
CA TYR B 50 12.02 16.46 13.14
C TYR B 50 11.12 15.53 13.92
N ILE B 51 11.72 14.50 14.52
CA ILE B 51 10.95 13.54 15.30
C ILE B 51 11.58 13.35 16.69
N LYS B 52 10.72 13.22 17.69
CA LYS B 52 11.14 12.91 19.04
C LYS B 52 10.78 11.45 19.26
N ARG B 53 11.80 10.61 19.43
CA ARG B 53 11.60 9.17 19.47
C ARG B 53 11.27 8.62 20.86
N ASP B 54 10.08 8.94 21.36
CA ASP B 54 9.61 8.38 22.63
C ASP B 54 8.99 6.98 22.46
N ASP B 55 8.97 6.51 21.22
CA ASP B 55 8.60 5.13 20.92
C ASP B 55 9.72 4.18 21.31
N VAL B 56 10.94 4.71 21.45
CA VAL B 56 12.13 3.88 21.66
C VAL B 56 12.53 3.78 23.14
N THR B 57 11.59 3.96 24.05
CA THR B 57 11.84 3.68 25.47
C THR B 57 12.03 2.17 25.67
N PRO B 58 12.90 1.75 26.61
CA PRO B 58 13.43 0.37 26.55
C PRO B 58 12.57 -0.76 27.16
N ILE B 59 11.40 -0.41 27.70
CA ILE B 59 10.57 -1.40 28.39
C ILE B 59 9.42 -1.90 27.53
N ALA B 60 9.44 -3.19 27.23
CA ALA B 60 8.41 -3.88 26.47
C ALA B 60 7.82 -3.09 25.31
N MET B 61 8.68 -2.76 24.33
CA MET B 61 8.31 -2.05 23.09
C MET B 61 7.86 -0.59 23.30
N GLY B 62 8.16 -0.05 24.48
CA GLY B 62 8.18 1.39 24.71
C GLY B 62 6.86 2.13 24.63
N GLY B 63 6.96 3.45 24.62
CA GLY B 63 5.79 4.31 24.52
C GLY B 63 5.91 5.52 25.41
N ASN B 64 4.88 6.36 25.38
CA ASN B 64 4.89 7.61 26.11
C ASN B 64 4.50 7.44 27.57
N LYS B 65 3.94 6.27 27.88
CA LYS B 65 3.40 6.01 29.23
C LYS B 65 4.48 5.72 30.28
N LEU B 66 5.62 5.19 29.85
CA LEU B 66 6.74 4.91 30.75
C LEU B 66 7.28 6.15 31.45
N ARG B 67 7.27 7.28 30.73
CA ARG B 67 7.65 8.58 31.31
C ARG B 67 6.73 8.90 32.49
N LYS B 68 5.45 8.58 32.35
CA LYS B 68 4.46 8.80 33.41
C LYS B 68 4.59 7.78 34.53
N LEU B 69 4.95 6.54 34.17
CA LEU B 69 5.06 5.44 35.12
C LEU B 69 6.24 5.61 36.09
N GLU B 70 7.26 6.37 35.66
CA GLU B 70 8.39 6.73 36.52
C GLU B 70 7.94 7.46 37.78
N PHE B 71 6.90 8.28 37.65
CA PHE B 71 6.37 9.03 38.79
C PHE B 71 5.24 8.27 39.48
N LEU B 72 4.39 7.62 38.68
CA LEU B 72 3.21 6.91 39.19
C LEU B 72 3.57 5.69 40.03
N VAL B 73 4.49 4.87 39.53
CA VAL B 73 4.85 3.63 40.23
C VAL B 73 5.78 3.91 41.41
N ALA B 74 6.58 4.97 41.30
CA ALA B 74 7.36 5.47 42.44
C ALA B 74 6.39 5.82 43.57
N ASP B 75 5.32 6.53 43.22
CA ASP B 75 4.26 6.86 44.17
C ASP B 75 3.63 5.60 44.76
N ALA B 76 3.31 4.62 43.91
CA ALA B 76 2.77 3.34 44.36
C ALA B 76 3.65 2.68 45.43
N LEU B 77 4.96 2.69 45.21
CA LEU B 77 5.91 2.08 46.16
C LEU B 77 5.96 2.84 47.49
N ARG B 78 5.96 4.17 47.42
CA ARG B 78 5.87 5.03 48.59
C ARG B 78 4.69 4.65 49.49
N GLU B 79 3.58 4.25 48.88
CA GLU B 79 2.40 3.81 49.63
C GLU B 79 2.43 2.32 50.02
N GLY B 80 3.50 1.62 49.66
CA GLY B 80 3.63 0.20 49.98
C GLY B 80 2.60 -0.69 49.30
N ALA B 81 2.25 -0.35 48.06
CA ALA B 81 1.32 -1.16 47.27
C ALA B 81 2.00 -2.41 46.74
N ASP B 82 1.27 -3.51 46.63
CA ASP B 82 1.78 -4.72 45.98
C ASP B 82 1.09 -4.99 44.62
N THR B 83 0.13 -4.14 44.28
CA THR B 83 -0.65 -4.31 43.05
C THR B 83 -0.88 -2.99 42.32
N LEU B 84 -0.64 -3.01 41.01
CA LEU B 84 -0.99 -1.91 40.15
C LEU B 84 -2.31 -2.22 39.44
N ILE B 85 -3.23 -1.25 39.47
CA ILE B 85 -4.53 -1.39 38.82
C ILE B 85 -4.75 -0.25 37.84
N THR B 86 -5.03 -0.58 36.58
CA THR B 86 -5.37 0.44 35.58
C THR B 86 -6.43 -0.02 34.57
N ALA B 87 -6.85 0.90 33.71
CA ALA B 87 -7.97 0.65 32.81
C ALA B 87 -7.61 0.97 31.39
N GLY B 88 -8.25 0.30 30.44
CA GLY B 88 -8.07 0.65 29.05
C GLY B 88 -8.82 -0.20 28.05
N ALA B 89 -8.57 0.09 26.77
CA ALA B 89 -9.08 -0.71 25.67
C ALA B 89 -8.34 -2.04 25.68
N ILE B 90 -8.90 -3.04 25.02
CA ILE B 90 -8.22 -4.33 24.88
C ILE B 90 -6.80 -4.15 24.34
N GLN B 91 -6.64 -3.25 23.37
CA GLN B 91 -5.34 -2.98 22.76
C GLN B 91 -4.62 -1.76 23.33
N SER B 92 -4.96 -1.37 24.56
CA SER B 92 -4.35 -0.20 25.20
C SER B 92 -2.84 -0.37 25.35
N ASN B 93 -2.09 0.63 24.88
CA ASN B 93 -0.63 0.66 25.06
C ASN B 93 -0.25 0.90 26.50
N HIS B 94 -1.03 1.74 27.18
CA HIS B 94 -0.80 2.08 28.59
C HIS B 94 -0.95 0.90 29.51
N VAL B 95 -1.99 0.10 29.29
CA VAL B 95 -2.18 -1.14 30.05
C VAL B 95 -0.94 -2.03 29.88
N ARG B 96 -0.49 -2.21 28.64
CA ARG B 96 0.66 -3.07 28.33
C ARG B 96 1.92 -2.61 29.06
N GLN B 97 2.17 -1.31 29.06
CA GLN B 97 3.35 -0.74 29.70
C GLN B 97 3.28 -0.87 31.23
N THR B 98 2.09 -0.63 31.78
CA THR B 98 1.87 -0.77 33.22
C THR B 98 2.17 -2.20 33.68
N ALA B 99 1.70 -3.18 32.89
CA ALA B 99 1.90 -4.61 33.16
C ALA B 99 3.37 -5.02 33.07
N ALA B 100 4.06 -4.50 32.06
CA ALA B 100 5.49 -4.75 31.91
C ALA B 100 6.25 -4.24 33.13
N VAL B 101 5.96 -2.99 33.52
CA VAL B 101 6.59 -2.38 34.68
C VAL B 101 6.22 -3.16 35.95
N ALA B 102 4.96 -3.57 36.05
CA ALA B 102 4.50 -4.35 37.19
C ALA B 102 5.31 -5.63 37.31
N ALA B 103 5.47 -6.34 36.18
CA ALA B 103 6.23 -7.58 36.13
C ALA B 103 7.66 -7.35 36.59
N LYS B 104 8.30 -6.33 36.01
CA LYS B 104 9.70 -6.01 36.30
C LYS B 104 9.93 -5.77 37.79
N LEU B 105 8.92 -5.24 38.47
CA LEU B 105 9.10 -4.86 39.88
C LEU B 105 8.55 -5.89 40.86
N GLY B 106 7.92 -6.94 40.35
CA GLY B 106 7.33 -7.96 41.23
C GLY B 106 6.02 -7.50 41.83
N LEU B 107 5.35 -6.59 41.14
CA LEU B 107 4.01 -6.16 41.53
C LEU B 107 3.01 -6.91 40.68
N HIS B 108 1.84 -7.18 41.26
CA HIS B 108 0.71 -7.70 40.51
C HIS B 108 0.12 -6.62 39.69
N CYS B 109 -0.47 -7.00 38.57
CA CYS B 109 -1.21 -6.06 37.73
C CYS B 109 -2.62 -6.55 37.47
N VAL B 110 -3.58 -5.68 37.75
CA VAL B 110 -4.97 -5.92 37.43
C VAL B 110 -5.38 -4.90 36.36
N ALA B 111 -5.94 -5.39 35.27
CA ALA B 111 -6.36 -4.53 34.18
C ALA B 111 -7.86 -4.66 33.91
N LEU B 112 -8.51 -3.51 33.83
CA LEU B 112 -9.91 -3.44 33.42
C LEU B 112 -9.98 -3.03 31.95
N LEU B 113 -10.53 -3.91 31.13
CA LEU B 113 -10.50 -3.74 29.68
C LEU B 113 -11.90 -3.67 29.09
N GLU B 114 -12.04 -2.85 28.04
CA GLU B 114 -13.24 -2.83 27.21
C GLU B 114 -12.88 -3.00 25.74
N ASN B 115 -13.87 -3.37 24.94
CA ASN B 115 -13.76 -3.46 23.50
C ASN B 115 -14.46 -2.22 22.94
N PRO B 116 -13.69 -1.17 22.61
CA PRO B 116 -14.33 0.12 22.32
C PRO B 116 -14.94 0.23 20.92
N ILE B 117 -14.89 -0.86 20.15
CA ILE B 117 -15.28 -0.81 18.73
C ILE B 117 -16.25 -1.93 18.34
N GLY B 118 -16.46 -2.86 19.28
CA GLY B 118 -17.39 -3.96 19.08
C GLY B 118 -16.95 -4.95 18.02
N THR B 119 -15.64 -5.10 17.85
CA THR B 119 -15.11 -6.06 16.88
C THR B 119 -15.03 -7.49 17.43
N THR B 120 -15.18 -8.46 16.54
CA THR B 120 -14.95 -9.86 16.90
C THR B 120 -13.69 -10.39 16.21
N ALA B 121 -12.93 -9.50 15.60
CA ALA B 121 -11.69 -9.88 14.90
C ALA B 121 -10.64 -10.47 15.85
N GLU B 122 -10.16 -11.68 15.54
CA GLU B 122 -9.31 -12.41 16.48
C GLU B 122 -8.01 -11.70 16.89
N ASN B 123 -7.39 -11.01 15.94
CA ASN B 123 -6.13 -10.31 16.24
C ASN B 123 -6.30 -9.14 17.20
N TYR B 124 -7.40 -8.40 17.02
CA TYR B 124 -7.73 -7.34 17.96
C TYR B 124 -8.01 -7.97 19.33
N LEU B 125 -8.71 -9.10 19.34
CA LEU B 125 -9.11 -9.75 20.58
C LEU B 125 -7.96 -10.38 21.38
N THR B 126 -6.94 -10.87 20.68
CA THR B 126 -5.94 -11.74 21.34
C THR B 126 -4.48 -11.45 20.98
N ASN B 127 -4.24 -10.74 19.89
CA ASN B 127 -2.89 -10.43 19.43
C ASN B 127 -2.45 -9.05 19.94
N GLY B 128 -1.33 -8.55 19.42
CA GLY B 128 -0.82 -7.23 19.77
C GLY B 128 -0.59 -7.02 21.26
N ASN B 129 -0.99 -5.86 21.76
CA ASN B 129 -0.80 -5.53 23.18
C ASN B 129 -1.48 -6.53 24.14
N ARG B 130 -2.65 -7.02 23.75
CA ARG B 130 -3.39 -8.00 24.58
C ARG B 130 -2.66 -9.34 24.73
N LEU B 131 -1.90 -9.74 23.70
CA LEU B 131 -1.04 -10.92 23.79
C LEU B 131 0.06 -10.74 24.83
N LEU B 132 0.69 -9.56 24.83
CA LEU B 132 1.73 -9.23 25.82
C LEU B 132 1.19 -9.25 27.25
N LEU B 133 -0.06 -8.82 27.44
CA LEU B 133 -0.69 -8.84 28.76
C LEU B 133 -0.63 -10.23 29.38
N ASP B 134 -0.95 -11.26 28.59
CA ASP B 134 -0.84 -12.63 29.08
C ASP B 134 0.60 -13.03 29.41
N LEU B 135 1.57 -12.56 28.61
CA LEU B 135 2.98 -12.87 28.88
C LEU B 135 3.41 -12.26 30.21
N PHE B 136 2.92 -11.06 30.49
CA PHE B 136 3.19 -10.37 31.77
C PHE B 136 2.31 -10.87 32.94
N ASN B 137 1.58 -11.97 32.73
CA ASN B 137 0.66 -12.54 33.75
C ASN B 137 -0.35 -11.54 34.32
N THR B 138 -0.91 -10.69 33.45
CA THR B 138 -1.87 -9.67 33.86
C THR B 138 -3.22 -10.29 34.25
N GLN B 139 -3.75 -9.91 35.41
CA GLN B 139 -5.10 -10.34 35.78
C GLN B 139 -6.09 -9.50 34.98
N ILE B 140 -6.82 -10.15 34.07
CA ILE B 140 -7.74 -9.44 33.18
C ILE B 140 -9.19 -9.41 33.70
N GLU B 141 -9.74 -8.22 33.83
CA GLU B 141 -11.16 -8.04 34.14
C GLU B 141 -11.87 -7.29 33.00
N MET B 142 -12.82 -7.97 32.37
CA MET B 142 -13.57 -7.40 31.25
C MET B 142 -14.79 -6.61 31.72
N CYS B 143 -15.05 -5.48 31.07
CA CYS B 143 -16.25 -4.67 31.34
C CYS B 143 -16.93 -4.25 30.04
N ASP B 144 -18.24 -4.09 30.09
CA ASP B 144 -19.04 -3.73 28.92
C ASP B 144 -18.62 -2.38 28.32
N ALA B 145 -18.37 -1.41 29.18
CA ALA B 145 -17.98 -0.08 28.75
C ALA B 145 -17.27 0.63 29.89
N LEU B 146 -16.23 1.39 29.56
CA LEU B 146 -15.61 2.28 30.53
C LEU B 146 -16.36 3.61 30.51
N THR B 147 -17.59 3.57 31.03
CA THR B 147 -18.48 4.74 31.09
C THR B 147 -18.05 5.75 32.17
N ASP B 148 -17.62 5.24 33.33
CA ASP B 148 -17.01 6.07 34.38
C ASP B 148 -15.71 5.41 34.88
N PRO B 149 -14.61 5.60 34.13
CA PRO B 149 -13.34 4.92 34.43
C PRO B 149 -12.80 5.15 35.84
N ASP B 150 -12.82 6.40 36.30
CA ASP B 150 -12.36 6.73 37.66
C ASP B 150 -13.13 5.96 38.75
N ALA B 151 -14.46 5.91 38.60
CA ALA B 151 -15.31 5.21 39.57
C ALA B 151 -15.14 3.68 39.53
N GLN B 152 -15.11 3.11 38.33
CA GLN B 152 -15.01 1.65 38.13
C GLN B 152 -13.66 1.08 38.55
N LEU B 153 -12.61 1.89 38.45
CA LEU B 153 -11.29 1.47 38.91
C LEU B 153 -11.30 1.37 40.43
N GLN B 154 -11.96 2.35 41.06
CA GLN B 154 -12.09 2.42 42.51
C GLN B 154 -12.94 1.30 43.10
N THR B 155 -13.96 0.86 42.35
CA THR B 155 -14.76 -0.30 42.72
C THR B 155 -13.90 -1.57 42.64
N LEU B 156 -13.08 -1.65 41.59
CA LEU B 156 -12.16 -2.78 41.39
C LEU B 156 -11.06 -2.80 42.45
N ALA B 157 -10.58 -1.62 42.83
CA ALA B 157 -9.55 -1.48 43.86
C ALA B 157 -10.04 -1.99 45.21
N THR B 158 -11.33 -1.80 45.48
CA THR B 158 -11.95 -2.34 46.70
C THR B 158 -12.01 -3.88 46.67
N ARG B 159 -12.53 -4.45 45.58
CA ARG B 159 -12.61 -5.91 45.41
C ARG B 159 -11.27 -6.60 45.62
N ILE B 160 -10.24 -6.11 44.92
CA ILE B 160 -8.90 -6.70 44.93
C ILE B 160 -8.27 -6.59 46.31
N GLU B 161 -8.49 -5.45 46.97
CA GLU B 161 -8.04 -5.27 48.36
C GLU B 161 -8.69 -6.30 49.30
N ALA B 162 -9.96 -6.62 49.04
CA ALA B 162 -10.70 -7.62 49.83
C ALA B 162 -10.07 -9.01 49.77
N GLN B 163 -9.34 -9.28 48.67
CA GLN B 163 -8.64 -10.55 48.52
C GLN B 163 -7.30 -10.57 49.26
N GLY B 164 -6.90 -9.42 49.78
CA GLY B 164 -5.69 -9.33 50.61
C GLY B 164 -4.49 -8.71 49.91
N PHE B 165 -4.73 -7.96 48.85
CA PHE B 165 -3.68 -7.21 48.18
C PHE B 165 -3.76 -5.74 48.57
N ARG B 166 -2.68 -5.00 48.29
CA ARG B 166 -2.63 -3.58 48.57
C ARG B 166 -2.54 -2.87 47.22
N PRO B 167 -3.69 -2.47 46.66
CA PRO B 167 -3.69 -1.90 45.32
C PRO B 167 -3.37 -0.41 45.25
N TYR B 168 -2.73 -0.02 44.14
CA TYR B 168 -2.56 1.37 43.77
C TYR B 168 -3.23 1.58 42.43
N VAL B 169 -4.07 2.60 42.34
CA VAL B 169 -4.85 2.86 41.14
C VAL B 169 -4.15 3.88 40.25
N ILE B 170 -4.07 3.55 38.97
CA ILE B 170 -3.51 4.43 37.96
C ILE B 170 -4.64 4.74 36.98
N PRO B 171 -4.91 6.05 36.75
CA PRO B 171 -6.00 6.44 35.86
C PRO B 171 -5.73 6.06 34.41
N VAL B 172 -6.76 6.13 33.57
CA VAL B 172 -6.64 5.92 32.12
C VAL B 172 -5.45 6.70 31.57
N GLY B 173 -4.57 6.01 30.86
CA GLY B 173 -3.35 6.60 30.31
C GLY B 173 -2.37 7.14 31.34
N GLY B 174 -2.58 6.82 32.61
CA GLY B 174 -1.82 7.41 33.71
C GLY B 174 -1.81 8.93 33.68
N SER B 175 -2.92 9.52 33.26
CA SER B 175 -2.98 10.97 33.00
C SER B 175 -3.51 11.80 34.17
N SER B 176 -2.86 11.66 35.32
CA SER B 176 -3.05 12.55 36.46
C SER B 176 -2.01 13.66 36.33
N ALA B 177 -2.05 14.65 37.22
CA ALA B 177 -1.03 15.70 37.22
C ALA B 177 0.35 15.09 37.49
N LEU B 178 0.38 14.09 38.38
CA LEU B 178 1.62 13.44 38.76
C LEU B 178 2.27 12.69 37.59
N GLY B 179 1.46 11.96 36.82
CA GLY B 179 1.93 11.21 35.66
C GLY B 179 2.44 12.10 34.55
N ALA B 180 1.73 13.22 34.35
CA ALA B 180 2.06 14.19 33.29
C ALA B 180 3.40 14.89 33.48
N MET B 181 3.95 14.80 34.70
CA MET B 181 5.28 15.30 35.02
C MET B 181 6.33 14.65 34.12
N GLY B 182 6.06 13.41 33.71
CA GLY B 182 6.89 12.71 32.75
C GLY B 182 7.07 13.51 31.46
N TYR B 183 6.02 14.23 31.05
CA TYR B 183 6.11 15.04 29.83
C TYR B 183 6.60 16.50 30.00
N VAL B 184 6.71 16.95 31.25
CA VAL B 184 7.46 18.17 31.56
C VAL B 184 8.95 17.83 31.48
N GLU B 185 9.28 16.61 31.91
CA GLU B 185 10.63 16.07 31.78
C GLU B 185 11.04 15.97 30.30
N SER B 186 10.13 15.45 29.48
CA SER B 186 10.36 15.32 28.05
C SER B 186 10.68 16.67 27.39
N ALA B 187 9.93 17.71 27.76
CA ALA B 187 10.17 19.07 27.24
C ALA B 187 11.60 19.54 27.45
N LEU B 188 12.14 19.28 28.65
CA LEU B 188 13.55 19.56 28.97
C LEU B 188 14.50 18.94 27.94
N GLU B 189 14.30 17.65 27.66
CA GLU B 189 15.06 16.94 26.62
C GLU B 189 14.91 17.64 25.27
N ILE B 190 13.67 17.92 24.91
CA ILE B 190 13.35 18.60 23.65
C ILE B 190 14.08 19.94 23.55
N ALA B 191 13.91 20.79 24.56
CA ALA B 191 14.56 22.11 24.62
C ALA B 191 16.09 22.04 24.45
N GLN B 192 16.73 21.11 25.15
CA GLN B 192 18.17 20.87 25.04
C GLN B 192 18.55 20.31 23.67
N GLN B 193 17.71 19.40 23.16
CA GLN B 193 17.98 18.72 21.89
C GLN B 193 17.77 19.61 20.65
N CYS B 194 16.93 20.64 20.80
CA CYS B 194 16.54 21.50 19.67
C CYS B 194 17.36 22.78 19.50
N GLU B 195 18.25 23.05 20.46
CA GLU B 195 19.02 24.29 20.47
C GLU B 195 20.44 24.06 20.98
N GLU B 196 21.43 24.45 20.17
CA GLU B 196 21.19 25.05 18.87
C GLU B 196 21.45 24.06 17.75
N VAL B 197 20.36 23.51 17.19
CA VAL B 197 20.44 22.65 16.01
C VAL B 197 19.38 23.08 14.99
N VAL B 198 18.28 23.66 15.49
CA VAL B 198 17.22 24.21 14.64
C VAL B 198 16.64 25.52 15.15
N GLY B 199 15.66 26.04 14.42
CA GLY B 199 14.83 27.17 14.83
C GLY B 199 13.38 26.74 14.73
N LEU B 200 12.97 25.88 15.66
CA LEU B 200 11.66 25.23 15.63
C LEU B 200 10.50 26.22 15.64
N SER B 201 9.44 25.87 14.90
CA SER B 201 8.26 26.71 14.76
CA SER B 201 8.25 26.72 14.78
C SER B 201 7.00 26.07 15.35
N SER B 202 6.92 24.74 15.27
CA SER B 202 5.73 24.00 15.69
C SER B 202 6.02 22.60 16.26
N VAL B 203 5.21 22.19 17.23
CA VAL B 203 5.25 20.82 17.76
C VAL B 203 3.88 20.16 17.58
N VAL B 204 3.89 18.87 17.25
CA VAL B 204 2.67 18.08 17.06
C VAL B 204 2.69 16.79 17.88
N VAL B 205 1.63 16.57 18.65
CA VAL B 205 1.46 15.36 19.43
C VAL B 205 -0.01 14.91 19.35
N ALA B 206 -0.23 13.60 19.46
CA ALA B 206 -1.58 13.05 19.61
C ALA B 206 -2.09 13.37 21.00
N SER B 207 -3.37 13.78 21.07
CA SER B 207 -4.00 14.17 22.33
C SER B 207 -5.16 13.24 22.66
N GLY B 208 -4.94 12.36 23.64
CA GLY B 208 -5.92 11.34 24.02
C GLY B 208 -6.45 11.56 25.43
N SER B 209 -5.84 10.90 26.41
CA SER B 209 -6.21 11.11 27.82
C SER B 209 -5.67 12.45 28.38
N ALA B 210 -4.83 13.14 27.59
CA ALA B 210 -4.37 14.52 27.85
C ALA B 210 -3.09 14.71 28.68
N GLY B 211 -2.53 13.62 29.21
CA GLY B 211 -1.31 13.71 30.01
C GLY B 211 -0.10 14.18 29.21
N THR B 212 0.08 13.60 28.02
CA THR B 212 1.21 13.95 27.15
C THR B 212 1.08 15.39 26.65
N HIS B 213 -0.13 15.79 26.26
CA HIS B 213 -0.40 17.15 25.78
C HIS B 213 -0.11 18.20 26.82
N ALA B 214 -0.71 18.06 28.00
CA ALA B 214 -0.62 19.07 29.06
C ALA B 214 0.78 19.19 29.66
N GLY B 215 1.46 18.06 29.83
CA GLY B 215 2.82 18.06 30.35
C GLY B 215 3.77 18.83 29.43
N LEU B 216 3.68 18.55 28.14
CA LEU B 216 4.45 19.29 27.13
C LEU B 216 4.04 20.77 27.08
N ALA B 217 2.77 21.05 27.34
CA ALA B 217 2.24 22.42 27.34
C ALA B 217 2.95 23.29 28.38
N VAL B 218 2.98 22.80 29.62
CA VAL B 218 3.64 23.50 30.73
C VAL B 218 5.15 23.68 30.45
N GLY B 219 5.80 22.57 30.07
CA GLY B 219 7.24 22.57 29.83
C GLY B 219 7.70 23.46 28.69
N LEU B 220 6.99 23.39 27.56
CA LEU B 220 7.35 24.18 26.38
C LEU B 220 7.02 25.66 26.52
N GLU B 221 5.95 25.99 27.24
CA GLU B 221 5.64 27.40 27.54
C GLU B 221 6.84 28.08 28.21
N HIS B 222 7.41 27.39 29.21
CA HIS B 222 8.56 27.92 29.95
C HIS B 222 9.88 27.73 29.27
N LEU B 223 10.04 26.66 28.51
CA LEU B 223 11.34 26.36 27.91
C LEU B 223 11.53 26.88 26.49
N MET B 224 10.45 26.87 25.69
CA MET B 224 10.48 27.33 24.30
C MET B 224 9.19 28.09 23.97
N PRO B 225 9.02 29.30 24.53
CA PRO B 225 7.75 30.04 24.46
C PRO B 225 7.27 30.42 23.06
N ASP B 226 8.19 30.45 22.08
CA ASP B 226 7.86 30.88 20.72
C ASP B 226 7.30 29.78 19.82
N VAL B 227 7.34 28.54 20.32
CA VAL B 227 6.87 27.37 19.55
C VAL B 227 5.36 27.12 19.74
N GLU B 228 4.67 26.81 18.63
CA GLU B 228 3.27 26.42 18.67
C GLU B 228 3.13 24.91 18.92
N LEU B 229 2.49 24.54 20.03
CA LEU B 229 2.14 23.16 20.31
C LEU B 229 0.73 22.87 19.82
N ILE B 230 0.60 21.83 19.00
CA ILE B 230 -0.68 21.41 18.46
C ILE B 230 -0.95 19.96 18.87
N GLY B 231 -2.07 19.74 19.55
CA GLY B 231 -2.54 18.40 19.85
C GLY B 231 -3.60 17.94 18.86
N VAL B 232 -3.33 16.84 18.15
CA VAL B 232 -4.34 16.22 17.29
C VAL B 232 -5.10 15.19 18.13
N THR B 233 -6.41 15.42 18.28
CA THR B 233 -7.24 14.54 19.11
C THR B 233 -7.43 13.16 18.48
N VAL B 234 -7.70 12.16 19.31
CA VAL B 234 -7.80 10.77 18.84
C VAL B 234 -9.08 10.08 19.30
N SER B 235 -9.94 10.81 20.03
CA SER B 235 -11.16 10.25 20.61
C SER B 235 -12.30 11.25 20.87
N ARG B 236 -11.99 12.56 20.86
CA ARG B 236 -12.97 13.60 21.21
C ARG B 236 -12.91 14.83 20.34
N SER B 237 -14.00 15.61 20.38
CA SER B 237 -14.06 16.92 19.76
C SER B 237 -13.19 17.92 20.53
N VAL B 238 -12.83 19.03 19.87
CA VAL B 238 -12.13 20.15 20.51
C VAL B 238 -12.89 20.64 21.74
N ALA B 239 -14.23 20.66 21.65
CA ALA B 239 -15.11 21.08 22.73
C ALA B 239 -15.07 20.16 23.95
N GLU B 240 -14.99 18.85 23.71
CA GLU B 240 -14.92 17.86 24.79
C GLU B 240 -13.52 17.78 25.37
N GLN B 241 -12.51 18.03 24.54
CA GLN B 241 -11.12 17.82 24.92
C GLN B 241 -10.42 19.03 25.56
N LYS B 242 -10.70 20.23 25.07
CA LYS B 242 -9.99 21.42 25.54
C LYS B 242 -10.04 21.64 27.06
N PRO B 243 -11.22 21.47 27.69
CA PRO B 243 -11.24 21.61 29.15
C PRO B 243 -10.37 20.56 29.85
N LYS B 244 -10.30 19.35 29.29
CA LYS B 244 -9.47 18.29 29.87
C LYS B 244 -8.01 18.71 29.91
N VAL B 245 -7.47 19.13 28.76
CA VAL B 245 -6.07 19.55 28.68
C VAL B 245 -5.79 20.80 29.53
N ILE B 246 -6.70 21.79 29.47
CA ILE B 246 -6.54 23.03 30.25
C ILE B 246 -6.47 22.75 31.76
N ALA B 247 -7.37 21.93 32.26
CA ALA B 247 -7.41 21.56 33.67
C ALA B 247 -6.11 20.87 34.13
N LEU B 248 -5.66 19.87 33.38
CA LEU B 248 -4.39 19.22 33.69
C LEU B 248 -3.25 20.21 33.63
N GLN B 249 -3.27 21.06 32.61
CA GLN B 249 -2.24 22.09 32.43
C GLN B 249 -2.11 22.95 33.68
N GLN B 250 -3.25 23.37 34.23
CA GLN B 250 -3.29 24.18 35.44
C GLN B 250 -2.88 23.39 36.69
N ALA B 251 -3.34 22.15 36.80
CA ALA B 251 -2.97 21.28 37.92
C ALA B 251 -1.44 21.05 37.96
N ILE B 252 -0.87 20.68 36.81
CA ILE B 252 0.58 20.50 36.69
C ILE B 252 1.36 21.75 37.08
N ALA B 253 0.93 22.90 36.54
CA ALA B 253 1.60 24.18 36.82
C ALA B 253 1.60 24.52 38.32
N GLY B 254 0.47 24.29 38.97
CA GLY B 254 0.31 24.52 40.41
C GLY B 254 1.28 23.72 41.26
N GLN B 255 1.40 22.42 40.97
CA GLN B 255 2.25 21.51 41.74
C GLN B 255 3.74 21.78 41.52
N LEU B 256 4.06 22.51 40.45
CA LEU B 256 5.43 22.93 40.18
C LEU B 256 5.66 24.41 40.52
N ALA B 257 4.67 25.04 41.14
CA ALA B 257 4.71 26.45 41.51
C ALA B 257 5.02 27.37 40.32
N LEU B 258 4.43 27.03 39.17
CA LEU B 258 4.52 27.82 37.95
C LEU B 258 3.13 28.29 37.54
N THR B 259 3.09 29.32 36.70
CA THR B 259 1.83 29.78 36.10
C THR B 259 1.80 29.38 34.63
N ALA B 260 0.65 28.88 34.18
CA ALA B 260 0.48 28.46 32.81
C ALA B 260 -0.65 29.25 32.14
N THR B 261 -0.24 30.22 31.32
CA THR B 261 -1.15 31.17 30.68
C THR B 261 -1.44 30.82 29.22
N ALA B 262 -0.53 30.06 28.61
CA ALA B 262 -0.60 29.71 27.18
C ALA B 262 -1.90 29.04 26.76
N ASP B 263 -2.31 29.31 25.52
CA ASP B 263 -3.44 28.65 24.87
C ASP B 263 -3.15 27.17 24.64
N ILE B 264 -4.19 26.35 24.75
CA ILE B 264 -4.15 24.99 24.25
C ILE B 264 -4.73 24.97 22.83
N HIS B 265 -4.00 24.33 21.91
CA HIS B 265 -4.44 24.21 20.53
C HIS B 265 -4.76 22.77 20.21
N LEU B 266 -5.95 22.55 19.67
CA LEU B 266 -6.44 21.22 19.29
C LEU B 266 -7.06 21.19 17.90
N TRP B 267 -6.70 20.17 17.11
CA TRP B 267 -7.35 19.87 15.83
C TRP B 267 -8.04 18.53 15.95
N ASP B 268 -9.33 18.49 15.63
CA ASP B 268 -10.13 17.27 15.83
C ASP B 268 -10.65 16.64 14.54
N ASP B 269 -10.03 16.98 13.41
CA ASP B 269 -10.54 16.58 12.10
C ASP B 269 -9.98 15.24 11.64
N TYR B 270 -9.24 14.57 12.51
CA TYR B 270 -8.35 13.51 12.07
C TYR B 270 -8.55 12.15 12.71
N PHE B 271 -9.69 11.95 13.37
CA PHE B 271 -9.91 10.72 14.13
C PHE B 271 -11.22 9.99 13.81
N ALA B 272 -12.03 10.56 12.92
CA ALA B 272 -13.31 9.93 12.56
C ALA B 272 -13.03 8.55 12.00
N PRO B 273 -13.90 7.56 12.30
CA PRO B 273 -15.19 7.66 12.98
C PRO B 273 -15.17 7.50 14.51
N GLY B 274 -14.00 7.37 15.11
CA GLY B 274 -13.92 7.27 16.56
C GLY B 274 -12.66 6.63 17.11
N TYR B 275 -12.52 6.67 18.43
CA TYR B 275 -11.37 6.10 19.09
C TYR B 275 -11.14 4.63 18.70
N GLY B 276 -9.89 4.32 18.35
CA GLY B 276 -9.48 2.95 18.07
C GLY B 276 -9.93 2.37 16.74
N VAL B 277 -10.54 3.20 15.91
CA VAL B 277 -10.85 2.82 14.54
C VAL B 277 -9.88 3.53 13.62
N PRO B 278 -9.18 2.79 12.75
CA PRO B 278 -8.26 3.39 11.79
C PRO B 278 -9.04 4.09 10.67
N ASN B 279 -8.45 5.14 10.11
CA ASN B 279 -9.04 5.81 8.94
C ASN B 279 -8.00 5.89 7.83
N ASP B 280 -8.44 6.26 6.63
CA ASP B 280 -7.56 6.22 5.45
C ASP B 280 -6.33 7.12 5.56
N ALA B 281 -6.52 8.37 6.00
CA ALA B 281 -5.43 9.32 6.15
C ALA B 281 -4.41 8.83 7.18
N GLY B 282 -4.92 8.29 8.29
CA GLY B 282 -4.08 7.69 9.32
C GLY B 282 -3.24 6.54 8.82
N MET B 283 -3.86 5.65 8.05
CA MET B 283 -3.12 4.50 7.46
C MET B 283 -2.14 4.94 6.36
N GLU B 284 -2.52 5.97 5.61
CA GLU B 284 -1.60 6.56 4.64
C GLU B 284 -0.42 7.25 5.32
N ALA B 285 -0.64 7.75 6.53
CA ALA B 285 0.44 8.33 7.34
C ALA B 285 1.37 7.24 7.87
N VAL B 286 0.80 6.13 8.32
CA VAL B 286 1.59 4.95 8.72
C VAL B 286 2.50 4.53 7.55
N LYS B 287 1.91 4.40 6.36
CA LYS B 287 2.65 3.99 5.17
C LYS B 287 3.77 4.96 4.79
N LEU B 288 3.44 6.25 4.76
CA LEU B 288 4.38 7.31 4.41
C LEU B 288 5.65 7.35 5.26
N LEU B 289 5.51 7.16 6.57
CA LEU B 289 6.66 7.24 7.47
C LEU B 289 7.51 5.99 7.42
N ALA B 290 6.86 4.84 7.22
CA ALA B 290 7.54 3.55 7.08
C ALA B 290 8.35 3.50 5.80
N SER B 291 7.74 3.95 4.71
CA SER B 291 8.35 3.88 3.39
C SER B 291 9.42 4.96 3.18
N LEU B 292 9.20 6.16 3.73
CA LEU B 292 10.16 7.25 3.53
C LEU B 292 11.29 7.26 4.55
N GLU B 293 11.04 6.76 5.75
CA GLU B 293 11.98 6.90 6.88
C GLU B 293 12.30 5.62 7.64
N GLY B 294 11.59 4.54 7.35
CA GLY B 294 11.73 3.30 8.13
C GLY B 294 11.24 3.49 9.56
N VAL B 295 10.20 4.32 9.73
CA VAL B 295 9.64 4.62 11.04
C VAL B 295 8.24 4.01 11.13
N LEU B 296 7.90 3.44 12.29
CA LEU B 296 6.61 2.80 12.44
C LEU B 296 5.69 3.59 13.37
N LEU B 297 4.55 3.99 12.82
CA LEU B 297 3.49 4.62 13.58
C LEU B 297 2.44 3.56 13.91
N ASP B 298 1.23 4.00 14.26
CA ASP B 298 0.16 3.09 14.64
C ASP B 298 -1.22 3.63 14.23
N PRO B 299 -2.20 2.73 14.01
CA PRO B 299 -3.53 3.11 13.51
C PRO B 299 -4.43 3.91 14.46
N VAL B 300 -4.08 3.93 15.74
CA VAL B 300 -4.95 4.54 16.74
C VAL B 300 -4.53 5.96 17.10
N TYR B 301 -3.22 6.16 17.29
CA TYR B 301 -2.68 7.42 17.83
C TYR B 301 -1.79 8.22 16.89
N THR B 302 -0.56 7.74 16.71
CA THR B 302 0.47 8.49 15.98
C THR B 302 0.16 8.63 14.49
N GLY B 303 -0.49 7.62 13.91
CA GLY B 303 -0.87 7.66 12.50
C GLY B 303 -1.85 8.79 12.22
N LYS B 304 -2.82 8.93 13.11
CA LYS B 304 -3.83 9.98 13.04
C LYS B 304 -3.26 11.36 13.36
N ALA B 305 -2.29 11.40 14.26
CA ALA B 305 -1.62 12.66 14.58
C ALA B 305 -0.72 13.11 13.43
N MET B 306 0.03 12.17 12.83
CA MET B 306 0.85 12.48 11.66
C MET B 306 0.00 12.95 10.48
N ALA B 307 -1.15 12.31 10.26
CA ALA B 307 -2.07 12.75 9.20
C ALA B 307 -2.49 14.20 9.46
N GLY B 308 -2.73 14.53 10.72
CA GLY B 308 -3.05 15.90 11.15
C GLY B 308 -1.94 16.88 10.80
N LEU B 309 -0.70 16.50 11.11
CA LEU B 309 0.49 17.27 10.75
C LEU B 309 0.61 17.51 9.24
N ILE B 310 0.38 16.47 8.45
CA ILE B 310 0.51 16.55 6.98
C ILE B 310 -0.57 17.46 6.37
N ASP B 311 -1.80 17.33 6.88
CA ASP B 311 -2.92 18.12 6.37
C ASP B 311 -2.72 19.60 6.73
N GLY B 312 -2.04 19.84 7.85
CA GLY B 312 -1.72 21.19 8.30
C GLY B 312 -0.77 21.88 7.34
N ILE B 313 0.05 21.09 6.67
CA ILE B 313 0.96 21.63 5.65
C ILE B 313 0.20 21.98 4.37
N SER B 314 -0.68 21.09 3.91
CA SER B 314 -1.49 21.35 2.72
C SER B 314 -2.49 22.50 2.90
N GLN B 315 -3.04 22.62 4.11
CA GLN B 315 -4.01 23.68 4.38
C GLN B 315 -3.39 24.95 4.94
N LYS B 316 -2.05 24.98 5.01
CA LYS B 316 -1.29 26.08 5.65
C LYS B 316 -1.86 26.44 7.02
N ARG B 317 -2.08 25.42 7.85
CA ARG B 317 -2.80 25.58 9.11
C ARG B 317 -1.90 25.89 10.32
N PHE B 318 -0.59 25.71 10.15
CA PHE B 318 0.39 26.07 11.19
C PHE B 318 0.56 27.59 11.24
N ASN B 319 1.07 28.11 12.36
CA ASN B 319 1.28 29.54 12.56
C ASN B 319 2.25 30.16 11.54
N ASP B 320 3.31 29.43 11.22
CA ASP B 320 4.20 29.75 10.11
C ASP B 320 4.80 28.48 9.52
N ASP B 321 5.37 28.60 8.33
CA ASP B 321 5.92 27.45 7.59
C ASP B 321 7.37 27.14 7.95
N GLY B 322 7.66 27.01 9.25
CA GLY B 322 8.97 26.63 9.72
C GLY B 322 9.03 25.18 10.19
N PRO B 323 10.15 24.77 10.81
CA PRO B 323 10.36 23.39 11.23
C PRO B 323 9.27 22.88 12.16
N ILE B 324 8.85 21.63 11.96
CA ILE B 324 7.87 20.98 12.85
C ILE B 324 8.48 19.78 13.55
N LEU B 325 8.22 19.66 14.85
CA LEU B 325 8.63 18.48 15.61
C LEU B 325 7.41 17.59 15.84
N PHE B 326 7.51 16.35 15.39
CA PHE B 326 6.47 15.38 15.71
C PHE B 326 6.91 14.59 16.94
N ILE B 327 6.00 14.41 17.90
CA ILE B 327 6.29 13.59 19.07
C ILE B 327 5.76 12.17 18.86
N HIS B 328 6.66 11.24 18.59
CA HIS B 328 6.29 9.83 18.45
C HIS B 328 6.02 9.21 19.79
N THR B 329 4.75 9.02 20.09
CA THR B 329 4.34 8.56 21.41
C THR B 329 4.25 7.04 21.53
N GLY B 330 4.54 6.34 20.43
CA GLY B 330 4.64 4.87 20.42
C GLY B 330 3.55 4.17 19.63
N GLY B 331 2.97 3.12 20.23
CA GLY B 331 1.76 2.50 19.72
C GLY B 331 1.93 1.33 18.76
N ALA B 332 3.12 1.20 18.18
CA ALA B 332 3.37 0.24 17.09
C ALA B 332 2.91 -1.22 17.29
N PRO B 333 2.94 -1.75 18.52
CA PRO B 333 2.46 -3.16 18.59
C PRO B 333 1.01 -3.35 18.16
N ALA B 334 0.24 -2.26 18.15
CA ALA B 334 -1.15 -2.28 17.68
C ALA B 334 -1.27 -2.67 16.21
N LEU B 335 -0.22 -2.44 15.42
CA LEU B 335 -0.25 -2.80 14.01
C LEU B 335 -0.60 -4.28 13.85
N PHE B 336 -0.08 -5.10 14.76
CA PHE B 336 -0.22 -6.55 14.66
C PHE B 336 -1.59 -7.03 15.10
N ALA B 337 -2.28 -6.20 15.87
CA ALA B 337 -3.63 -6.47 16.33
C ALA B 337 -4.65 -6.05 15.30
N TYR B 338 -4.36 -4.94 14.62
CA TYR B 338 -5.27 -4.33 13.66
C TYR B 338 -5.24 -5.00 12.30
N HIS B 339 -4.14 -5.68 12.00
CA HIS B 339 -4.02 -6.51 10.81
C HIS B 339 -4.82 -7.78 11.00
N PRO B 340 -5.52 -8.24 9.94
CA PRO B 340 -5.62 -7.60 8.61
C PRO B 340 -6.74 -6.55 8.53
N HIS B 341 -7.71 -6.65 9.43
CA HIS B 341 -8.76 -5.66 9.58
C HIS B 341 -9.41 -5.88 10.91
N VAL B 342 -10.27 -4.94 11.30
CA VAL B 342 -11.14 -5.12 12.47
C VAL B 342 -12.61 -5.03 12.05
N THR C 21 -4.03 21.09 -40.14
CA THR C 21 -5.47 20.74 -40.29
C THR C 21 -5.82 20.33 -41.72
N ARG C 22 -4.83 20.35 -42.62
CA ARG C 22 -5.03 19.94 -44.01
C ARG C 22 -4.78 18.45 -44.20
N PHE C 23 -4.22 17.82 -43.17
CA PHE C 23 -3.85 16.41 -43.24
C PHE C 23 -5.09 15.52 -43.15
N PRO C 24 -5.15 14.48 -44.00
CA PRO C 24 -6.19 13.46 -43.87
C PRO C 24 -6.14 12.85 -42.46
N ARG C 25 -7.32 12.64 -41.90
CA ARG C 25 -7.47 12.28 -40.51
C ARG C 25 -8.69 11.38 -40.32
N LEU C 26 -8.45 10.11 -40.00
CA LEU C 26 -9.52 9.20 -39.59
C LEU C 26 -10.02 9.60 -38.22
N GLU C 27 -11.28 9.28 -37.91
CA GLU C 27 -11.90 9.64 -36.63
C GLU C 27 -11.98 8.42 -35.70
N PHE C 28 -11.13 8.41 -34.68
CA PHE C 28 -11.10 7.32 -33.72
C PHE C 28 -11.66 7.73 -32.35
N ILE C 29 -11.89 9.02 -32.16
CA ILE C 29 -12.21 9.59 -30.84
C ILE C 29 -13.59 10.27 -30.77
N GLY C 30 -13.85 11.20 -31.69
CA GLY C 30 -15.10 11.95 -31.69
C GLY C 30 -15.10 13.10 -30.69
N ALA C 31 -15.88 12.94 -29.62
CA ALA C 31 -16.00 13.96 -28.58
C ALA C 31 -14.65 14.30 -27.95
N PRO C 32 -14.42 15.59 -27.59
CA PRO C 32 -13.24 15.94 -26.79
C PRO C 32 -13.22 15.16 -25.47
N THR C 33 -12.05 14.61 -25.12
CA THR C 33 -11.90 13.86 -23.87
C THR C 33 -12.09 14.80 -22.67
N PRO C 34 -12.66 14.29 -21.57
CA PRO C 34 -12.93 15.12 -20.40
C PRO C 34 -11.67 15.85 -19.89
N LEU C 35 -11.86 17.10 -19.46
CA LEU C 35 -10.83 17.79 -18.69
C LEU C 35 -11.45 18.04 -17.34
N GLU C 36 -10.85 17.45 -16.30
CA GLU C 36 -11.48 17.38 -14.99
C GLU C 36 -10.65 18.02 -13.88
N TYR C 37 -11.33 18.72 -12.98
CA TYR C 37 -10.75 19.15 -11.72
C TYR C 37 -10.62 17.97 -10.77
N LEU C 38 -9.54 17.91 -10.01
CA LEU C 38 -9.37 16.88 -8.99
C LEU C 38 -9.38 17.52 -7.60
N PRO C 39 -10.57 17.63 -6.99
CA PRO C 39 -10.75 18.38 -5.72
C PRO C 39 -10.06 17.75 -4.51
N ARG C 40 -9.94 16.42 -4.51
CA ARG C 40 -9.27 15.72 -3.42
C ARG C 40 -7.74 15.69 -3.54
N LEU C 41 -7.25 15.45 -4.75
CA LEU C 41 -5.82 15.57 -5.01
C LEU C 41 -5.35 17.01 -4.78
N SER C 42 -6.18 17.97 -5.19
CA SER C 42 -5.87 19.40 -5.04
C SER C 42 -5.81 19.80 -3.57
N ASP C 43 -6.83 19.41 -2.80
CA ASP C 43 -6.86 19.66 -1.38
C ASP C 43 -5.59 19.11 -0.70
N TYR C 44 -5.27 17.85 -0.96
CA TYR C 44 -4.14 17.18 -0.29
C TYR C 44 -2.77 17.79 -0.64
N LEU C 45 -2.64 18.38 -1.82
CA LEU C 45 -1.36 18.90 -2.29
C LEU C 45 -1.20 20.43 -2.16
N GLY C 46 -2.27 21.11 -1.75
CA GLY C 46 -2.26 22.58 -1.63
C GLY C 46 -2.31 23.39 -2.92
N ARG C 47 -2.63 22.74 -4.03
CA ARG C 47 -2.51 23.35 -5.37
C ARG C 47 -3.66 22.89 -6.27
N GLU C 48 -4.09 23.74 -7.19
CA GLU C 48 -5.16 23.36 -8.12
C GLU C 48 -4.67 22.38 -9.19
N ILE C 49 -5.21 21.17 -9.17
CA ILE C 49 -4.83 20.13 -10.12
C ILE C 49 -6.01 19.77 -11.02
N TYR C 50 -5.76 19.85 -12.32
CA TYR C 50 -6.70 19.42 -13.34
C TYR C 50 -6.10 18.27 -14.12
N ILE C 51 -6.97 17.48 -14.77
CA ILE C 51 -6.50 16.34 -15.55
C ILE C 51 -7.19 16.26 -16.92
N LYS C 52 -6.39 16.01 -17.95
CA LYS C 52 -6.88 15.77 -19.31
C LYS C 52 -6.97 14.26 -19.49
N ARG C 53 -8.19 13.75 -19.57
CA ARG C 53 -8.46 12.32 -19.59
CA ARG C 53 -8.45 12.32 -19.59
C ARG C 53 -8.29 11.68 -20.97
N ASP C 54 -7.08 11.74 -21.53
CA ASP C 54 -6.80 11.05 -22.80
C ASP C 54 -6.75 9.52 -22.66
N ASP C 55 -6.79 9.04 -21.41
CA ASP C 55 -6.83 7.59 -21.14
C ASP C 55 -8.21 7.02 -21.46
N VAL C 56 -9.17 7.91 -21.67
CA VAL C 56 -10.58 7.57 -21.82
C VAL C 56 -11.04 7.31 -23.28
N THR C 57 -10.15 7.48 -24.25
CA THR C 57 -10.49 7.23 -25.67
C THR C 57 -11.10 5.82 -25.89
N PRO C 58 -12.02 5.68 -26.87
CA PRO C 58 -12.92 4.52 -26.84
C PRO C 58 -12.30 3.18 -27.25
N ILE C 59 -11.19 3.22 -27.99
CA ILE C 59 -10.61 2.01 -28.59
C ILE C 59 -9.76 1.25 -27.60
N ALA C 60 -10.14 0.01 -27.35
CA ALA C 60 -9.42 -0.95 -26.51
C ALA C 60 -8.57 -0.29 -25.42
N MET C 61 -9.26 0.21 -24.39
CA MET C 61 -8.65 0.76 -23.17
C MET C 61 -7.84 2.06 -23.33
N GLY C 62 -7.96 2.70 -24.49
CA GLY C 62 -7.57 4.10 -24.66
C GLY C 62 -6.09 4.43 -24.72
N GLY C 63 -5.78 5.71 -24.52
CA GLY C 63 -4.39 6.17 -24.53
C GLY C 63 -4.09 7.29 -25.50
N ASN C 64 -2.83 7.75 -25.44
CA ASN C 64 -2.34 8.91 -26.17
C ASN C 64 -2.01 8.64 -27.64
N LYS C 65 -1.88 7.37 -27.98
CA LYS C 65 -1.46 6.96 -29.31
C LYS C 65 -2.57 6.94 -30.34
N LEU C 66 -3.80 6.76 -29.87
CA LEU C 66 -4.99 6.84 -30.72
C LEU C 66 -5.08 8.14 -31.49
N ARG C 67 -4.63 9.22 -30.86
CA ARG C 67 -4.58 10.54 -31.48
C ARG C 67 -3.62 10.58 -32.66
N LYS C 68 -2.47 9.92 -32.53
CA LYS C 68 -1.46 9.87 -33.58
C LYS C 68 -1.88 8.93 -34.69
N LEU C 69 -2.59 7.86 -34.31
CA LEU C 69 -3.05 6.84 -35.24
C LEU C 69 -4.10 7.36 -36.21
N GLU C 70 -4.88 8.36 -35.78
CA GLU C 70 -5.80 9.06 -36.67
C GLU C 70 -5.07 9.52 -37.94
N PHE C 71 -3.95 10.22 -37.76
CA PHE C 71 -3.15 10.72 -38.88
C PHE C 71 -2.35 9.62 -39.57
N LEU C 72 -1.62 8.84 -38.78
CA LEU C 72 -0.74 7.79 -39.33
C LEU C 72 -1.49 6.76 -40.15
N VAL C 73 -2.65 6.31 -39.65
CA VAL C 73 -3.41 5.27 -40.34
C VAL C 73 -4.21 5.84 -41.54
N ALA C 74 -4.64 7.10 -41.43
CA ALA C 74 -5.22 7.79 -42.58
C ALA C 74 -4.21 7.79 -43.72
N ASP C 75 -2.95 8.08 -43.34
CA ASP C 75 -1.83 8.03 -44.26
C ASP C 75 -1.64 6.62 -44.82
N ALA C 76 -1.84 5.61 -43.98
CA ALA C 76 -1.67 4.21 -44.41
C ALA C 76 -2.65 3.85 -45.51
N LEU C 77 -3.93 4.21 -45.33
CA LEU C 77 -4.97 3.92 -46.31
C LEU C 77 -4.70 4.63 -47.64
N ARG C 78 -4.36 5.91 -47.56
CA ARG C 78 -3.88 6.69 -48.71
C ARG C 78 -2.88 5.91 -49.56
N GLU C 79 -1.97 5.18 -48.90
CA GLU C 79 -0.96 4.36 -49.58
C GLU C 79 -1.50 3.01 -50.06
N GLY C 80 -2.77 2.73 -49.73
CA GLY C 80 -3.36 1.43 -50.06
C GLY C 80 -2.75 0.27 -49.29
N ALA C 81 -2.30 0.55 -48.07
CA ALA C 81 -1.72 -0.46 -47.20
C ALA C 81 -2.76 -1.44 -46.68
N ASP C 82 -2.37 -2.70 -46.52
CA ASP C 82 -3.23 -3.71 -45.89
C ASP C 82 -2.67 -4.21 -44.56
N THR C 83 -1.47 -3.73 -44.23
CA THR C 83 -0.73 -4.16 -43.05
C THR C 83 -0.07 -2.98 -42.34
N LEU C 84 -0.20 -2.94 -41.01
CA LEU C 84 0.50 -1.96 -40.20
C LEU C 84 1.60 -2.66 -39.41
N ILE C 85 2.82 -2.16 -39.55
CA ILE C 85 3.95 -2.65 -38.75
C ILE C 85 4.47 -1.56 -37.82
N THR C 86 4.78 -1.94 -36.59
CA THR C 86 5.31 -1.03 -35.58
C THR C 86 6.13 -1.78 -34.52
N ALA C 87 6.72 -1.04 -33.59
CA ALA C 87 7.63 -1.63 -32.59
C ALA C 87 7.47 -1.06 -31.18
N GLY C 88 7.85 -1.85 -30.19
CA GLY C 88 7.88 -1.39 -28.80
C GLY C 88 8.28 -2.50 -27.84
N ALA C 89 8.24 -2.19 -26.55
CA ALA C 89 8.47 -3.19 -25.53
C ALA C 89 7.32 -4.21 -25.56
N ILE C 90 7.50 -5.36 -24.92
CA ILE C 90 6.43 -6.34 -24.84
C ILE C 90 5.13 -5.71 -24.31
N GLN C 91 5.26 -4.81 -23.34
CA GLN C 91 4.10 -4.14 -22.75
C GLN C 91 3.79 -2.75 -23.31
N SER C 92 4.21 -2.52 -24.56
CA SER C 92 3.95 -1.27 -25.25
C SER C 92 2.46 -0.98 -25.40
N ASN C 93 2.05 0.20 -24.95
CA ASN C 93 0.69 0.69 -25.10
C ASN C 93 0.39 1.02 -26.56
N HIS C 94 1.40 1.56 -27.23
CA HIS C 94 1.28 2.01 -28.62
C HIS C 94 1.04 0.86 -29.56
N VAL C 95 1.71 -0.26 -29.30
CA VAL C 95 1.51 -1.44 -30.12
C VAL C 95 0.10 -1.97 -29.95
N ARG C 96 -0.37 -2.06 -28.71
CA ARG C 96 -1.72 -2.52 -28.41
C ARG C 96 -2.78 -1.66 -29.12
N GLN C 97 -2.64 -0.34 -29.05
CA GLN C 97 -3.57 0.59 -29.69
C GLN C 97 -3.50 0.46 -31.21
N THR C 98 -2.29 0.29 -31.74
CA THR C 98 -2.09 0.09 -33.18
C THR C 98 -2.78 -1.19 -33.65
N ALA C 99 -2.62 -2.26 -32.85
CA ALA C 99 -3.22 -3.57 -33.17
C ALA C 99 -4.75 -3.54 -33.08
N ALA C 100 -5.27 -2.75 -32.14
CA ALA C 100 -6.73 -2.57 -32.00
C ALA C 100 -7.34 -1.90 -33.22
N VAL C 101 -6.73 -0.79 -33.63
CA VAL C 101 -7.10 -0.05 -34.84
C VAL C 101 -7.02 -0.92 -36.11
N ALA C 102 -5.95 -1.70 -36.23
CA ALA C 102 -5.80 -2.60 -37.38
C ALA C 102 -6.94 -3.62 -37.40
N ALA C 103 -7.23 -4.18 -36.24
CA ALA C 103 -8.34 -5.13 -36.07
C ALA C 103 -9.64 -4.49 -36.54
N LYS C 104 -9.89 -3.28 -36.02
CA LYS C 104 -11.09 -2.52 -36.34
C LYS C 104 -11.20 -2.21 -37.82
N LEU C 105 -10.07 -1.91 -38.46
CA LEU C 105 -10.09 -1.57 -39.88
C LEU C 105 -9.88 -2.76 -40.83
N GLY C 106 -9.73 -3.97 -40.28
CA GLY C 106 -9.50 -5.16 -41.11
C GLY C 106 -8.13 -5.20 -41.76
N LEU C 107 -7.17 -4.49 -41.16
CA LEU C 107 -5.78 -4.53 -41.61
C LEU C 107 -5.03 -5.57 -40.79
N HIS C 108 -3.99 -6.14 -41.37
CA HIS C 108 -3.06 -6.96 -40.60
C HIS C 108 -2.22 -6.08 -39.73
N CYS C 109 -1.72 -6.63 -38.63
CA CYS C 109 -0.74 -5.94 -37.80
C CYS C 109 0.45 -6.84 -37.47
N VAL C 110 1.65 -6.31 -37.70
CA VAL C 110 2.89 -6.97 -37.28
C VAL C 110 3.55 -6.12 -36.20
N ALA C 111 3.90 -6.74 -35.08
CA ALA C 111 4.59 -6.05 -34.01
C ALA C 111 6.00 -6.59 -33.80
N LEU C 112 6.97 -5.68 -33.79
CA LEU C 112 8.34 -6.00 -33.45
C LEU C 112 8.56 -5.65 -31.98
N LEU C 113 8.87 -6.65 -31.15
CA LEU C 113 8.93 -6.47 -29.71
C LEU C 113 10.28 -6.81 -29.10
N GLU C 114 10.64 -6.07 -28.05
CA GLU C 114 11.81 -6.37 -27.23
C GLU C 114 11.40 -6.51 -25.76
N ASN C 115 12.20 -7.26 -25.01
CA ASN C 115 12.14 -7.26 -23.55
C ASN C 115 13.19 -6.28 -23.04
N PRO C 116 12.79 -5.04 -22.67
CA PRO C 116 13.78 -4.01 -22.37
C PRO C 116 14.25 -4.00 -20.91
N ILE C 117 13.71 -4.90 -20.08
CA ILE C 117 14.09 -4.94 -18.66
C ILE C 117 14.62 -6.30 -18.22
N GLY C 118 14.68 -7.24 -19.17
CA GLY C 118 15.30 -8.54 -18.96
C GLY C 118 14.60 -9.47 -17.99
N THR C 119 13.31 -9.22 -17.74
CA THR C 119 12.55 -10.01 -16.78
C THR C 119 12.12 -11.34 -17.38
N THR C 120 11.94 -12.34 -16.52
CA THR C 120 11.31 -13.58 -16.95
C THR C 120 9.97 -13.70 -16.25
N ALA C 121 9.48 -12.60 -15.71
CA ALA C 121 8.20 -12.60 -15.00
C ALA C 121 7.01 -12.84 -15.95
N GLU C 122 6.26 -13.91 -15.68
CA GLU C 122 5.17 -14.39 -16.54
C GLU C 122 4.11 -13.33 -16.90
N ASN C 123 3.73 -12.51 -15.93
CA ASN C 123 2.75 -11.44 -16.21
C ASN C 123 3.29 -10.35 -17.11
N TYR C 124 4.59 -10.05 -17.00
CA TYR C 124 5.22 -9.12 -17.95
C TYR C 124 5.26 -9.71 -19.36
N LEU C 125 5.61 -11.00 -19.44
CA LEU C 125 5.80 -11.64 -20.73
C LEU C 125 4.50 -11.95 -21.48
N THR C 126 3.40 -12.22 -20.75
CA THR C 126 2.17 -12.75 -21.35
C THR C 126 0.84 -12.05 -20.98
N ASN C 127 0.84 -11.21 -19.95
CA ASN C 127 -0.40 -10.56 -19.50
C ASN C 127 -0.50 -9.11 -19.97
N GLY C 128 -1.46 -8.36 -19.44
CA GLY C 128 -1.60 -6.93 -19.74
C GLY C 128 -1.71 -6.66 -21.23
N ASN C 129 -0.99 -5.63 -21.70
CA ASN C 129 -0.97 -5.28 -23.13
C ASN C 129 -0.64 -6.45 -24.08
N ARG C 130 0.29 -7.30 -23.67
CA ARG C 130 0.73 -8.43 -24.50
C ARG C 130 -0.37 -9.46 -24.78
N LEU C 131 -1.16 -9.79 -23.75
CA LEU C 131 -2.32 -10.68 -23.91
C LEU C 131 -3.27 -10.14 -24.96
N LEU C 132 -3.51 -8.83 -24.91
CA LEU C 132 -4.42 -8.16 -25.82
C LEU C 132 -3.99 -8.25 -27.28
N LEU C 133 -2.69 -8.20 -27.52
CA LEU C 133 -2.14 -8.39 -28.86
C LEU C 133 -2.58 -9.73 -29.44
N ASP C 134 -2.55 -10.79 -28.62
CA ASP C 134 -2.97 -12.12 -29.06
C ASP C 134 -4.46 -12.12 -29.40
N LEU C 135 -5.24 -11.30 -28.70
CA LEU C 135 -6.68 -11.21 -28.96
C LEU C 135 -6.94 -10.44 -30.26
N PHE C 136 -6.10 -9.44 -30.54
CA PHE C 136 -6.18 -8.66 -31.78
C PHE C 136 -5.53 -9.35 -32.99
N ASN C 137 -5.11 -10.61 -32.83
CA ASN C 137 -4.46 -11.37 -33.90
C ASN C 137 -3.18 -10.73 -34.45
N THR C 138 -2.38 -10.13 -33.57
CA THR C 138 -1.15 -9.45 -33.95
C THR C 138 -0.02 -10.45 -34.21
N GLN C 139 0.63 -10.32 -35.37
CA GLN C 139 1.82 -11.13 -35.67
C GLN C 139 2.97 -10.58 -34.85
N ILE C 140 3.57 -11.45 -34.04
CA ILE C 140 4.61 -11.02 -33.11
C ILE C 140 6.00 -11.40 -33.62
N GLU C 141 6.87 -10.40 -33.73
CA GLU C 141 8.28 -10.61 -34.03
C GLU C 141 9.14 -10.21 -32.83
N MET C 142 9.75 -11.18 -32.17
CA MET C 142 10.70 -10.88 -31.10
C MET C 142 12.07 -10.45 -31.65
N CYS C 143 12.73 -9.53 -30.94
CA CYS C 143 14.11 -9.16 -31.24
C CYS C 143 14.91 -9.09 -29.96
N ASP C 144 16.23 -9.29 -30.05
CA ASP C 144 17.12 -9.19 -28.90
C ASP C 144 17.02 -7.81 -28.25
N ALA C 145 17.11 -6.77 -29.08
CA ALA C 145 17.04 -5.39 -28.61
C ALA C 145 16.61 -4.47 -29.76
N LEU C 146 15.95 -3.38 -29.41
CA LEU C 146 15.60 -2.36 -30.40
C LEU C 146 16.72 -1.31 -30.49
N THR C 147 17.87 -1.73 -31.02
CA THR C 147 19.04 -0.86 -31.12
C THR C 147 18.84 0.23 -32.16
N ASP C 148 18.28 -0.14 -33.31
CA ASP C 148 17.93 0.83 -34.35
C ASP C 148 16.51 0.56 -34.87
N PRO C 149 15.51 1.14 -34.18
CA PRO C 149 14.09 0.82 -34.39
C PRO C 149 13.65 1.04 -35.85
N ASP C 150 13.93 2.23 -36.37
CA ASP C 150 13.59 2.60 -37.75
C ASP C 150 14.19 1.64 -38.77
N ALA C 151 15.48 1.32 -38.61
CA ALA C 151 16.17 0.40 -39.50
C ALA C 151 15.58 -1.00 -39.42
N GLN C 152 15.34 -1.46 -38.19
CA GLN C 152 14.80 -2.80 -37.96
C GLN C 152 13.39 -2.98 -38.51
N LEU C 153 12.62 -1.89 -38.55
CA LEU C 153 11.25 -1.92 -39.07
C LEU C 153 11.21 -2.02 -40.59
N GLN C 154 12.13 -1.34 -41.27
CA GLN C 154 12.22 -1.37 -42.73
C GLN C 154 12.61 -2.76 -43.22
N THR C 155 13.53 -3.39 -42.50
CA THR C 155 13.91 -4.77 -42.79
C THR C 155 12.71 -5.71 -42.62
N LEU C 156 11.97 -5.53 -41.54
CA LEU C 156 10.73 -6.28 -41.30
C LEU C 156 9.73 -6.05 -42.42
N ALA C 157 9.52 -4.78 -42.77
CA ALA C 157 8.63 -4.42 -43.86
C ALA C 157 8.94 -5.23 -45.11
N THR C 158 10.23 -5.32 -45.43
CA THR C 158 10.69 -6.01 -46.63
C THR C 158 10.30 -7.49 -46.62
N ARG C 159 10.62 -8.19 -45.52
CA ARG C 159 10.23 -9.58 -45.32
C ARG C 159 8.71 -9.80 -45.36
N ILE C 160 7.96 -8.80 -44.90
CA ILE C 160 6.50 -8.86 -44.94
C ILE C 160 6.02 -8.56 -46.37
N GLU C 161 6.60 -7.54 -46.99
CA GLU C 161 6.32 -7.21 -48.39
C GLU C 161 6.61 -8.40 -49.32
N ALA C 162 7.66 -9.14 -49.00
CA ALA C 162 8.02 -10.39 -49.69
C ALA C 162 6.94 -11.46 -49.58
N GLN C 163 6.18 -11.41 -48.49
CA GLN C 163 5.04 -12.32 -48.29
C GLN C 163 3.81 -11.88 -49.08
N GLY C 164 3.92 -10.76 -49.78
CA GLY C 164 2.87 -10.30 -50.69
C GLY C 164 1.85 -9.38 -50.05
N PHE C 165 2.24 -8.75 -48.94
CA PHE C 165 1.40 -7.77 -48.27
C PHE C 165 1.84 -6.38 -48.69
N ARG C 166 1.04 -5.37 -48.32
CA ARG C 166 1.38 -3.98 -48.54
C ARG C 166 1.57 -3.28 -47.20
N PRO C 167 2.78 -3.37 -46.62
CA PRO C 167 2.95 -2.86 -45.26
C PRO C 167 3.10 -1.34 -45.20
N TYR C 168 2.65 -0.78 -44.08
CA TYR C 168 2.87 0.60 -43.72
C TYR C 168 3.53 0.62 -42.36
N VAL C 169 4.66 1.31 -42.28
CA VAL C 169 5.49 1.35 -41.09
C VAL C 169 5.12 2.54 -40.19
N ILE C 170 4.87 2.23 -38.92
CA ILE C 170 4.61 3.25 -37.91
C ILE C 170 5.78 3.22 -36.92
N PRO C 171 6.46 4.37 -36.72
CA PRO C 171 7.67 4.36 -35.90
C PRO C 171 7.33 4.15 -34.42
N VAL C 172 8.35 3.94 -33.58
CA VAL C 172 8.15 3.81 -32.14
C VAL C 172 7.29 4.97 -31.61
N GLY C 173 6.19 4.63 -30.94
CA GLY C 173 5.24 5.59 -30.41
C GLY C 173 4.46 6.39 -31.44
N GLY C 174 4.53 5.98 -32.69
CA GLY C 174 4.01 6.78 -33.80
C GLY C 174 4.43 8.23 -33.71
N SER C 175 5.65 8.46 -33.21
CA SER C 175 6.13 9.80 -32.88
C SER C 175 6.90 10.47 -34.02
N SER C 176 6.45 10.21 -35.25
CA SER C 176 6.87 11.01 -36.39
C SER C 176 6.17 12.37 -36.30
N ALA C 177 6.53 13.31 -37.17
CA ALA C 177 5.95 14.64 -37.15
C ALA C 177 4.45 14.60 -37.46
N LEU C 178 4.07 13.73 -38.40
CA LEU C 178 2.68 13.54 -38.79
C LEU C 178 1.85 12.96 -37.64
N GLY C 179 2.41 11.98 -36.94
CA GLY C 179 1.76 11.38 -35.77
C GLY C 179 1.52 12.41 -34.69
N ALA C 180 2.54 13.21 -34.41
CA ALA C 180 2.50 14.20 -33.34
C ALA C 180 1.45 15.31 -33.56
N MET C 181 0.98 15.44 -34.80
CA MET C 181 -0.08 16.41 -35.13
C MET C 181 -1.34 16.21 -34.29
N GLY C 182 -1.64 14.94 -33.93
CA GLY C 182 -2.74 14.64 -33.01
C GLY C 182 -2.67 15.38 -31.69
N TYR C 183 -1.47 15.71 -31.24
CA TYR C 183 -1.30 16.48 -30.01
C TYR C 183 -1.17 18.00 -30.20
N VAL C 184 -0.83 18.42 -31.41
CA VAL C 184 -1.04 19.80 -31.84
C VAL C 184 -2.54 20.07 -31.76
N GLU C 185 -3.33 19.18 -32.35
CA GLU C 185 -4.81 19.26 -32.33
C GLU C 185 -5.37 19.25 -30.91
N SER C 186 -4.89 18.33 -30.08
CA SER C 186 -5.30 18.23 -28.67
C SER C 186 -5.13 19.55 -27.92
N ALA C 187 -4.09 20.30 -28.26
CA ALA C 187 -3.87 21.63 -27.68
C ALA C 187 -5.09 22.52 -27.85
N LEU C 188 -5.71 22.48 -29.03
CA LEU C 188 -6.92 23.27 -29.31
C LEU C 188 -8.07 22.91 -28.39
N GLU C 189 -8.25 21.61 -28.15
CA GLU C 189 -9.25 21.10 -27.20
C GLU C 189 -9.02 21.61 -25.79
N ILE C 190 -7.79 21.45 -25.33
CA ILE C 190 -7.38 21.91 -24.01
C ILE C 190 -7.65 23.42 -23.85
N ALA C 191 -7.20 24.22 -24.83
CA ALA C 191 -7.42 25.67 -24.80
C ALA C 191 -8.91 26.02 -24.75
N GLN C 192 -9.71 25.28 -25.50
CA GLN C 192 -11.16 25.48 -25.50
C GLN C 192 -11.80 25.12 -24.17
N GLN C 193 -11.44 23.96 -23.62
CA GLN C 193 -11.97 23.46 -22.36
C GLN C 193 -11.54 24.28 -21.15
N CYS C 194 -10.40 24.97 -21.28
CA CYS C 194 -9.85 25.78 -20.18
C CYS C 194 -10.42 27.18 -20.15
N GLU C 195 -10.80 27.69 -21.32
CA GLU C 195 -11.32 29.06 -21.48
C GLU C 195 -12.58 29.26 -20.63
N GLU C 196 -12.62 30.35 -19.86
CA GLU C 196 -13.72 30.65 -18.93
C GLU C 196 -13.90 29.61 -17.83
N VAL C 197 -12.87 28.80 -17.61
CA VAL C 197 -12.89 27.74 -16.59
C VAL C 197 -11.74 27.92 -15.60
N VAL C 198 -10.51 27.94 -16.10
CA VAL C 198 -9.33 28.06 -15.25
C VAL C 198 -8.15 28.75 -15.95
N GLY C 199 -7.42 29.58 -15.21
CA GLY C 199 -6.17 30.17 -15.68
C GLY C 199 -4.98 29.30 -15.32
N LEU C 200 -4.56 28.45 -16.26
CA LEU C 200 -3.46 27.50 -16.07
C LEU C 200 -2.10 28.15 -16.03
N SER C 201 -1.24 27.67 -15.13
CA SER C 201 0.15 28.10 -15.08
CA SER C 201 0.15 28.10 -15.08
C SER C 201 1.08 27.08 -15.74
N SER C 202 0.76 25.80 -15.57
CA SER C 202 1.63 24.73 -16.07
C SER C 202 0.88 23.50 -16.59
N VAL C 203 1.54 22.73 -17.44
CA VAL C 203 1.04 21.45 -17.94
C VAL C 203 2.13 20.40 -17.82
N VAL C 204 1.77 19.24 -17.27
CA VAL C 204 2.72 18.15 -17.06
C VAL C 204 2.33 16.96 -17.93
N VAL C 205 3.31 16.44 -18.66
CA VAL C 205 3.10 15.26 -19.47
C VAL C 205 4.34 14.36 -19.40
N ALA C 206 4.13 13.06 -19.52
CA ALA C 206 5.22 12.10 -19.66
C ALA C 206 5.92 12.28 -21.01
N SER C 207 7.24 12.24 -21.00
CA SER C 207 8.03 12.47 -22.20
C SER C 207 8.90 11.25 -22.55
N GLY C 208 8.48 10.52 -23.57
CA GLY C 208 9.10 9.25 -23.94
C GLY C 208 9.62 9.23 -25.36
N SER C 209 8.85 8.66 -26.28
CA SER C 209 9.21 8.69 -27.69
C SER C 209 9.06 10.09 -28.29
N ALA C 210 8.42 10.98 -27.55
CA ALA C 210 8.49 12.45 -27.76
C ALA C 210 7.33 13.12 -28.49
N GLY C 211 6.48 12.32 -29.12
CA GLY C 211 5.36 12.84 -29.93
C GLY C 211 4.36 13.69 -29.19
N THR C 212 4.00 13.27 -27.98
CA THR C 212 3.01 13.95 -27.15
C THR C 212 3.56 15.28 -26.64
N HIS C 213 4.82 15.25 -26.23
CA HIS C 213 5.55 16.41 -25.78
C HIS C 213 5.68 17.46 -26.85
N ALA C 214 6.33 17.09 -27.96
CA ALA C 214 6.59 18.02 -29.07
C ALA C 214 5.29 18.48 -29.71
N GLY C 215 4.34 17.57 -29.87
CA GLY C 215 3.02 17.88 -30.39
C GLY C 215 2.34 18.96 -29.58
N LEU C 216 2.28 18.76 -28.27
CA LEU C 216 1.75 19.75 -27.34
C LEU C 216 2.61 21.02 -27.30
N ALA C 217 3.92 20.87 -27.42
CA ALA C 217 4.83 22.02 -27.40
C ALA C 217 4.47 23.00 -28.51
N VAL C 218 4.30 22.48 -29.74
CA VAL C 218 3.96 23.32 -30.89
C VAL C 218 2.56 23.90 -30.72
N GLY C 219 1.58 23.04 -30.45
CA GLY C 219 0.21 23.49 -30.20
C GLY C 219 0.12 24.53 -29.09
N LEU C 220 0.83 24.30 -27.99
CA LEU C 220 0.68 25.16 -26.82
C LEU C 220 1.42 26.50 -26.92
N GLU C 221 2.51 26.54 -27.69
CA GLU C 221 3.19 27.80 -28.00
C GLU C 221 2.24 28.77 -28.71
N HIS C 222 1.43 28.23 -29.63
CA HIS C 222 0.53 29.06 -30.45
C HIS C 222 -0.77 29.44 -29.83
N LEU C 223 -1.34 28.56 -29.00
CA LEU C 223 -2.69 28.80 -28.45
C LEU C 223 -2.75 29.13 -26.95
N MET C 224 -1.74 28.67 -26.21
CA MET C 224 -1.66 28.92 -24.77
C MET C 224 -0.24 29.38 -24.40
N PRO C 225 0.17 30.56 -24.92
CA PRO C 225 1.59 30.96 -24.92
C PRO C 225 2.19 31.15 -23.52
N ASP C 226 1.36 31.56 -22.56
CA ASP C 226 1.81 31.82 -21.19
C ASP C 226 2.00 30.55 -20.34
N VAL C 227 1.58 29.40 -20.86
CA VAL C 227 1.66 28.16 -20.11
C VAL C 227 3.03 27.51 -20.23
N GLU C 228 3.60 27.14 -19.08
CA GLU C 228 4.83 26.37 -19.03
C GLU C 228 4.51 24.88 -19.22
N LEU C 229 5.15 24.23 -20.18
CA LEU C 229 4.96 22.81 -20.40
C LEU C 229 6.15 22.03 -19.87
N ILE C 230 5.89 21.13 -18.92
CA ILE C 230 6.96 20.28 -18.38
C ILE C 230 6.82 18.85 -18.88
N GLY C 231 7.86 18.37 -19.54
CA GLY C 231 7.97 16.95 -19.87
C GLY C 231 8.74 16.26 -18.76
N VAL C 232 8.18 15.16 -18.25
CA VAL C 232 8.86 14.30 -17.28
C VAL C 232 9.38 13.06 -18.00
N THR C 233 10.71 12.95 -18.10
CA THR C 233 11.27 11.87 -18.89
C THR C 233 10.96 10.51 -18.26
N VAL C 234 10.84 9.51 -19.11
CA VAL C 234 10.49 8.17 -18.66
C VAL C 234 11.56 7.17 -19.06
N SER C 235 12.55 7.64 -19.82
CA SER C 235 13.55 6.74 -20.43
C SER C 235 14.95 7.32 -20.62
N ARG C 236 15.09 8.65 -20.58
CA ARG C 236 16.38 9.30 -20.87
C ARG C 236 16.68 10.49 -19.99
N SER C 237 17.96 10.84 -19.90
CA SER C 237 18.39 12.09 -19.27
C SER C 237 17.95 13.28 -20.11
N VAL C 238 17.96 14.47 -19.50
CA VAL C 238 17.62 15.71 -20.20
C VAL C 238 18.49 15.92 -21.43
N ALA C 239 19.79 15.70 -21.29
CA ALA C 239 20.74 15.90 -22.38
C ALA C 239 20.53 14.92 -23.53
N GLU C 240 19.96 13.75 -23.21
CA GLU C 240 19.64 12.73 -24.21
C GLU C 240 18.26 12.94 -24.84
N GLN C 241 17.34 13.54 -24.07
CA GLN C 241 15.96 13.73 -24.50
C GLN C 241 15.70 15.10 -25.13
N LYS C 242 16.34 16.15 -24.58
CA LYS C 242 16.11 17.52 -25.05
C LYS C 242 16.33 17.77 -26.56
N PRO C 243 17.38 17.19 -27.16
CA PRO C 243 17.53 17.38 -28.62
C PRO C 243 16.46 16.65 -29.44
N LYS C 244 16.00 15.49 -28.96
CA LYS C 244 14.96 14.72 -29.64
C LYS C 244 13.63 15.47 -29.68
N VAL C 245 13.26 16.05 -28.53
CA VAL C 245 12.03 16.82 -28.38
C VAL C 245 12.14 18.18 -29.10
N ILE C 246 13.36 18.71 -29.19
CA ILE C 246 13.63 19.90 -29.99
C ILE C 246 13.47 19.56 -31.48
N ALA C 247 14.15 18.51 -31.93
CA ALA C 247 14.17 18.12 -33.35
C ALA C 247 12.83 17.65 -33.90
N LEU C 248 11.92 17.27 -33.02
CA LEU C 248 10.57 16.89 -33.42
C LEU C 248 9.68 18.13 -33.44
N GLN C 249 9.79 18.95 -32.38
CA GLN C 249 9.12 20.24 -32.33
C GLN C 249 9.45 21.05 -33.59
N GLN C 250 10.69 20.94 -34.07
CA GLN C 250 11.14 21.67 -35.26
C GLN C 250 10.64 21.04 -36.54
N ALA C 251 10.68 19.71 -36.61
CA ALA C 251 10.12 18.98 -37.74
C ALA C 251 8.62 19.24 -37.90
N ILE C 252 7.90 19.34 -36.78
CA ILE C 252 6.45 19.59 -36.75
C ILE C 252 6.13 21.00 -37.24
N ALA C 253 6.86 21.98 -36.71
CA ALA C 253 6.72 23.37 -37.13
C ALA C 253 6.86 23.48 -38.64
N GLY C 254 7.94 22.87 -39.17
CA GLY C 254 8.22 22.84 -40.60
C GLY C 254 7.07 22.32 -41.44
N GLN C 255 6.51 21.19 -41.03
CA GLN C 255 5.37 20.57 -41.72
C GLN C 255 4.12 21.45 -41.70
N LEU C 256 3.91 22.17 -40.60
CA LEU C 256 2.80 23.11 -40.47
C LEU C 256 3.19 24.50 -41.01
N ALA C 257 4.40 24.59 -41.57
CA ALA C 257 4.99 25.85 -42.03
C ALA C 257 4.84 26.98 -41.01
N LEU C 258 5.24 26.70 -39.77
CA LEU C 258 5.20 27.66 -38.66
C LEU C 258 6.57 27.75 -37.97
N THR C 259 6.71 28.66 -37.00
CA THR C 259 7.96 28.78 -36.22
C THR C 259 7.74 28.48 -34.73
N ALA C 260 8.48 27.50 -34.23
CA ALA C 260 8.44 27.14 -32.82
C ALA C 260 9.71 27.62 -32.10
N THR C 261 9.57 28.68 -31.31
CA THR C 261 10.71 29.30 -30.63
C THR C 261 10.89 28.85 -29.17
N ALA C 262 9.78 28.59 -28.48
CA ALA C 262 9.80 28.29 -27.03
C ALA C 262 10.78 27.17 -26.64
N ASP C 263 11.34 27.30 -25.43
CA ASP C 263 12.26 26.30 -24.90
C ASP C 263 11.51 25.05 -24.48
N ILE C 264 12.15 23.89 -24.61
CA ILE C 264 11.64 22.63 -24.10
C ILE C 264 12.09 22.50 -22.64
N HIS C 265 11.18 22.07 -21.76
CA HIS C 265 11.52 21.83 -20.36
C HIS C 265 11.35 20.38 -20.02
N LEU C 266 12.39 19.79 -19.43
CA LEU C 266 12.39 18.38 -19.11
C LEU C 266 12.95 18.08 -17.73
N TRP C 267 12.17 17.40 -16.89
CA TRP C 267 12.67 16.88 -15.62
C TRP C 267 12.96 15.41 -15.74
N ASP C 268 14.18 15.01 -15.38
CA ASP C 268 14.63 13.65 -15.56
C ASP C 268 14.87 12.93 -14.23
N ASP C 269 14.41 13.51 -13.13
CA ASP C 269 14.74 12.97 -11.80
C ASP C 269 13.89 11.77 -11.38
N TYR C 270 12.97 11.34 -12.24
CA TYR C 270 11.83 10.55 -11.79
C TYR C 270 11.60 9.22 -12.49
N PHE C 271 12.60 8.74 -13.24
CA PHE C 271 12.44 7.51 -14.01
C PHE C 271 13.42 6.39 -13.67
N ALA C 272 14.33 6.65 -12.72
CA ALA C 272 15.30 5.64 -12.29
C ALA C 272 14.59 4.36 -11.87
N PRO C 273 15.19 3.19 -12.15
CA PRO C 273 16.51 3.01 -12.75
C PRO C 273 16.48 2.84 -14.27
N GLY C 274 15.39 3.23 -14.91
CA GLY C 274 15.27 3.17 -16.36
C GLY C 274 13.84 3.02 -16.90
N TYR C 275 13.70 3.08 -18.22
CA TYR C 275 12.44 2.80 -18.89
C TYR C 275 11.86 1.44 -18.52
N GLY C 276 10.55 1.37 -18.32
CA GLY C 276 9.88 0.10 -18.07
C GLY C 276 10.09 -0.52 -16.70
N VAL C 277 10.80 0.20 -15.83
CA VAL C 277 11.02 -0.28 -14.47
C VAL C 277 10.29 0.64 -13.48
N PRO C 278 9.35 0.08 -12.71
CA PRO C 278 8.63 0.95 -11.80
C PRO C 278 9.56 1.40 -10.67
N ASN C 279 9.26 2.55 -10.10
CA ASN C 279 9.99 2.98 -8.91
C ASN C 279 9.01 3.37 -7.83
N ASP C 280 9.51 3.54 -6.61
CA ASP C 280 8.66 3.76 -5.45
C ASP C 280 7.82 5.02 -5.51
N ALA C 281 8.43 6.12 -5.92
CA ALA C 281 7.70 7.38 -6.03
C ALA C 281 6.57 7.24 -7.06
N GLY C 282 6.88 6.55 -8.16
CA GLY C 282 5.89 6.34 -9.23
C GLY C 282 4.74 5.47 -8.81
N MET C 283 5.02 4.46 -7.99
CA MET C 283 3.97 3.57 -7.50
C MET C 283 3.13 4.22 -6.41
N GLU C 284 3.78 5.02 -5.56
CA GLU C 284 3.04 5.84 -4.60
C GLU C 284 2.13 6.85 -5.31
N ALA C 285 2.57 7.37 -6.44
CA ALA C 285 1.71 8.26 -7.26
C ALA C 285 0.49 7.51 -7.81
N VAL C 286 0.69 6.27 -8.23
CA VAL C 286 -0.44 5.43 -8.66
C VAL C 286 -1.41 5.23 -7.51
N LYS C 287 -0.89 4.84 -6.35
CA LYS C 287 -1.74 4.65 -5.16
C LYS C 287 -2.49 5.93 -4.77
N LEU C 288 -1.81 7.07 -4.79
CA LEU C 288 -2.41 8.35 -4.40
C LEU C 288 -3.59 8.76 -5.29
N LEU C 289 -3.43 8.59 -6.60
CA LEU C 289 -4.50 8.95 -7.55
C LEU C 289 -5.69 7.99 -7.47
N ALA C 290 -5.38 6.71 -7.35
CA ALA C 290 -6.40 5.68 -7.25
C ALA C 290 -7.24 5.89 -5.98
N SER C 291 -6.57 6.03 -4.84
CA SER C 291 -7.27 6.21 -3.56
C SER C 291 -8.03 7.53 -3.38
N LEU C 292 -7.44 8.64 -3.82
CA LEU C 292 -8.07 9.95 -3.64
C LEU C 292 -9.11 10.26 -4.70
N GLU C 293 -8.89 9.77 -5.93
CA GLU C 293 -9.70 10.20 -7.08
C GLU C 293 -10.35 9.06 -7.88
N GLY C 294 -10.00 7.82 -7.56
CA GLY C 294 -10.47 6.68 -8.35
C GLY C 294 -9.92 6.70 -9.75
N VAL C 295 -8.79 7.39 -9.93
CA VAL C 295 -8.12 7.49 -11.23
C VAL C 295 -6.99 6.48 -11.32
N LEU C 296 -6.89 5.78 -12.44
CA LEU C 296 -5.88 4.73 -12.57
C LEU C 296 -4.73 5.16 -13.47
N LEU C 297 -3.54 5.29 -12.87
CA LEU C 297 -2.31 5.61 -13.59
C LEU C 297 -1.60 4.33 -13.99
N ASP C 298 -0.33 4.43 -14.38
CA ASP C 298 0.45 3.25 -14.75
C ASP C 298 1.89 3.32 -14.23
N PRO C 299 2.54 2.15 -14.08
CA PRO C 299 3.91 2.12 -13.51
C PRO C 299 5.02 2.66 -14.43
N VAL C 300 4.77 2.70 -15.74
CA VAL C 300 5.82 3.02 -16.72
C VAL C 300 5.84 4.48 -17.12
N TYR C 301 4.66 5.10 -17.23
CA TYR C 301 4.56 6.46 -17.75
C TYR C 301 3.94 7.46 -16.79
N THR C 302 2.63 7.32 -16.60
CA THR C 302 1.85 8.34 -15.90
C THR C 302 2.18 8.40 -14.41
N GLY C 303 2.46 7.24 -13.81
CA GLY C 303 2.92 7.17 -12.42
C GLY C 303 4.17 8.02 -12.17
N LYS C 304 5.20 7.82 -12.98
CA LYS C 304 6.45 8.58 -12.87
C LYS C 304 6.21 10.06 -13.16
N ALA C 305 5.50 10.34 -14.24
CA ALA C 305 5.11 11.70 -14.60
C ALA C 305 4.35 12.41 -13.47
N MET C 306 3.44 11.69 -12.81
CA MET C 306 2.68 12.27 -11.68
C MET C 306 3.56 12.48 -10.44
N ALA C 307 4.48 11.56 -10.21
CA ALA C 307 5.45 11.72 -9.11
C ALA C 307 6.32 12.97 -9.31
N GLY C 308 6.75 13.19 -10.55
CA GLY C 308 7.49 14.41 -10.91
C GLY C 308 6.71 15.67 -10.60
N LEU C 309 5.43 15.67 -10.97
CA LEU C 309 4.51 16.78 -10.71
C LEU C 309 4.43 17.06 -9.20
N ILE C 310 4.29 15.99 -8.42
CA ILE C 310 4.19 16.08 -6.97
C ILE C 310 5.48 16.67 -6.38
N ASP C 311 6.62 16.17 -6.84
CA ASP C 311 7.90 16.69 -6.38
C ASP C 311 8.16 18.12 -6.87
N GLY C 312 7.52 18.50 -7.97
CA GLY C 312 7.58 19.88 -8.48
C GLY C 312 6.95 20.86 -7.52
N ILE C 313 5.88 20.41 -6.84
CA ILE C 313 5.14 21.19 -5.85
C ILE C 313 5.89 21.27 -4.52
N SER C 314 6.60 20.20 -4.19
CA SER C 314 7.39 20.13 -2.96
C SER C 314 8.66 20.98 -3.08
N GLN C 315 9.30 20.92 -4.24
CA GLN C 315 10.56 21.62 -4.48
C GLN C 315 10.37 22.96 -5.20
N LYS C 316 9.10 23.35 -5.38
CA LYS C 316 8.73 24.62 -6.01
C LYS C 316 9.41 24.82 -7.38
N ARG C 317 9.48 23.74 -8.14
CA ARG C 317 10.14 23.72 -9.44
C ARG C 317 9.32 24.44 -10.52
N PHE C 318 8.02 24.55 -10.30
CA PHE C 318 7.13 25.22 -11.25
C PHE C 318 7.35 26.73 -11.20
N ASN C 319 7.11 27.40 -12.32
CA ASN C 319 7.33 28.85 -12.42
C ASN C 319 6.59 29.64 -11.34
N ASP C 320 5.41 29.18 -10.96
CA ASP C 320 4.69 29.71 -9.79
C ASP C 320 3.76 28.65 -9.20
N ASP C 321 2.90 29.08 -8.27
CA ASP C 321 1.98 28.17 -7.59
C ASP C 321 0.57 28.21 -8.19
N GLY C 322 0.49 28.24 -9.52
CA GLY C 322 -0.79 28.29 -10.22
C GLY C 322 -1.28 26.92 -10.65
N PRO C 323 -2.51 26.84 -11.22
CA PRO C 323 -3.11 25.56 -11.56
C PRO C 323 -2.27 24.74 -12.54
N ILE C 324 -2.21 23.43 -12.30
CA ILE C 324 -1.45 22.52 -13.15
C ILE C 324 -2.40 21.53 -13.83
N LEU C 325 -2.18 21.33 -15.14
CA LEU C 325 -2.94 20.35 -15.89
C LEU C 325 -2.07 19.12 -16.06
N PHE C 326 -2.56 17.99 -15.59
CA PHE C 326 -1.89 16.73 -15.84
C PHE C 326 -2.51 16.08 -17.07
N ILE C 327 -1.66 15.73 -18.03
CA ILE C 327 -2.12 15.05 -19.23
C ILE C 327 -2.10 13.55 -18.98
N HIS C 328 -3.27 12.95 -18.78
CA HIS C 328 -3.35 11.50 -18.62
C HIS C 328 -3.22 10.81 -19.94
N THR C 329 -2.04 10.27 -20.19
CA THR C 329 -1.73 9.65 -21.47
C THR C 329 -2.10 8.15 -21.52
N GLY C 330 -2.55 7.60 -20.39
CA GLY C 330 -3.05 6.22 -20.34
C GLY C 330 -2.14 5.22 -19.66
N GLY C 331 -2.10 4.01 -20.21
CA GLY C 331 -1.17 3.00 -19.74
C GLY C 331 -1.61 1.99 -18.69
N ALA C 332 -2.84 2.13 -18.19
CA ALA C 332 -3.36 1.26 -17.10
C ALA C 332 -3.32 -0.27 -17.31
N PRO C 333 -3.44 -0.76 -18.57
CA PRO C 333 -3.36 -2.22 -18.75
C PRO C 333 -2.04 -2.82 -18.29
N ALA C 334 -1.01 -1.99 -18.24
CA ALA C 334 0.30 -2.38 -17.70
C ALA C 334 0.30 -2.78 -16.23
N LEU C 335 -0.66 -2.25 -15.45
CA LEU C 335 -0.74 -2.57 -14.02
C LEU C 335 -0.87 -4.09 -13.80
N PHE C 336 -1.57 -4.75 -14.70
CA PHE C 336 -1.81 -6.18 -14.60
C PHE C 336 -0.62 -7.01 -15.11
N ALA C 337 0.23 -6.38 -15.92
CA ALA C 337 1.46 -6.98 -16.38
C ALA C 337 2.54 -6.91 -15.31
N TYR C 338 2.61 -5.76 -14.64
CA TYR C 338 3.65 -5.52 -13.62
C TYR C 338 3.39 -6.19 -12.27
N HIS C 339 2.12 -6.44 -11.97
CA HIS C 339 1.75 -7.17 -10.76
C HIS C 339 2.12 -8.63 -10.90
N PRO C 340 2.75 -9.22 -9.85
CA PRO C 340 3.13 -8.61 -8.56
C PRO C 340 4.51 -7.94 -8.54
N HIS C 341 5.41 -8.41 -9.41
CA HIS C 341 6.72 -7.78 -9.62
C HIS C 341 7.24 -8.16 -10.98
N VAL C 342 8.38 -7.60 -11.35
CA VAL C 342 9.05 -7.95 -12.60
C VAL C 342 10.50 -8.35 -12.33
N MET D 15 -41.72 11.65 -22.24
CA MET D 15 -43.14 11.47 -21.80
C MET D 15 -43.38 10.23 -20.92
N PRO D 16 -43.28 9.01 -21.48
CA PRO D 16 -43.79 7.87 -20.71
C PRO D 16 -43.01 7.57 -19.42
N LEU D 17 -41.71 7.94 -19.41
CA LEU D 17 -40.81 7.67 -18.30
CA LEU D 17 -40.86 7.66 -18.25
C LEU D 17 -40.50 8.92 -17.45
N HIS D 18 -41.39 9.91 -17.47
CA HIS D 18 -41.18 11.19 -16.77
C HIS D 18 -40.93 11.12 -15.29
N HIS D 19 -41.48 10.11 -14.61
CA HIS D 19 -41.30 9.93 -13.15
C HIS D 19 -39.89 9.57 -12.75
N LEU D 20 -39.04 9.29 -13.73
CA LEU D 20 -37.62 9.02 -13.49
C LEU D 20 -36.91 10.26 -12.96
N THR D 21 -37.45 11.44 -13.28
CA THR D 21 -36.93 12.73 -12.83
C THR D 21 -37.08 12.92 -11.32
N ARG D 22 -37.98 12.15 -10.72
CA ARG D 22 -38.24 12.21 -9.28
C ARG D 22 -37.05 11.78 -8.41
N PHE D 23 -36.22 10.88 -8.92
CA PHE D 23 -35.11 10.33 -8.14
C PHE D 23 -33.84 11.18 -8.27
N PRO D 24 -33.26 11.59 -7.12
CA PRO D 24 -31.95 12.20 -7.14
C PRO D 24 -30.92 11.24 -7.73
N ARG D 25 -29.93 11.78 -8.42
CA ARG D 25 -28.93 10.98 -9.08
C ARG D 25 -27.64 11.79 -9.16
N LEU D 26 -26.51 11.10 -9.06
CA LEU D 26 -25.23 11.75 -9.31
C LEU D 26 -24.92 11.63 -10.80
N GLU D 27 -23.88 12.32 -11.26
CA GLU D 27 -23.46 12.17 -12.65
C GLU D 27 -22.02 11.74 -12.79
N PHE D 28 -21.86 10.47 -13.14
CA PHE D 28 -20.56 9.88 -13.32
C PHE D 28 -20.28 9.65 -14.80
N ILE D 29 -21.31 9.86 -15.63
CA ILE D 29 -21.24 9.54 -17.07
C ILE D 29 -21.28 10.79 -17.97
N GLY D 30 -22.31 11.62 -17.80
CA GLY D 30 -22.47 12.83 -18.60
C GLY D 30 -23.14 12.56 -19.94
N ALA D 31 -22.33 12.56 -21.00
CA ALA D 31 -22.83 12.32 -22.35
C ALA D 31 -23.19 10.85 -22.57
N PRO D 32 -24.23 10.60 -23.38
CA PRO D 32 -24.61 9.23 -23.76
C PRO D 32 -23.43 8.47 -24.32
N THR D 33 -23.30 7.20 -23.93
CA THR D 33 -22.21 6.35 -24.42
C THR D 33 -22.44 6.01 -25.89
N PRO D 34 -21.35 5.80 -26.67
CA PRO D 34 -21.53 5.50 -28.10
C PRO D 34 -22.48 4.34 -28.38
N LEU D 35 -23.19 4.43 -29.50
CA LEU D 35 -23.90 3.31 -30.08
C LEU D 35 -23.36 3.18 -31.49
N GLU D 36 -22.66 2.08 -31.75
CA GLU D 36 -21.86 1.95 -32.98
C GLU D 36 -22.28 0.77 -33.83
N TYR D 37 -22.26 0.96 -35.15
CA TYR D 37 -22.33 -0.14 -36.07
C TYR D 37 -21.04 -0.95 -36.01
N LEU D 38 -21.16 -2.26 -36.18
CA LEU D 38 -20.01 -3.16 -36.24
C LEU D 38 -19.94 -3.82 -37.62
N PRO D 39 -19.27 -3.16 -38.58
CA PRO D 39 -19.28 -3.61 -39.98
C PRO D 39 -18.64 -4.99 -40.23
N ARG D 40 -17.47 -5.24 -39.65
CA ARG D 40 -16.75 -6.49 -39.92
C ARG D 40 -17.49 -7.68 -39.32
N LEU D 41 -17.85 -7.54 -38.05
CA LEU D 41 -18.68 -8.53 -37.37
C LEU D 41 -20.01 -8.78 -38.09
N SER D 42 -20.66 -7.71 -38.54
CA SER D 42 -21.90 -7.84 -39.32
C SER D 42 -21.68 -8.62 -40.62
N ASP D 43 -20.61 -8.29 -41.34
CA ASP D 43 -20.26 -8.96 -42.59
C ASP D 43 -20.02 -10.45 -42.34
N TYR D 44 -19.37 -10.76 -41.23
CA TYR D 44 -19.09 -12.15 -40.88
C TYR D 44 -20.35 -12.91 -40.47
N LEU D 45 -21.22 -12.28 -39.68
CA LEU D 45 -22.41 -12.98 -39.16
C LEU D 45 -23.59 -12.97 -40.14
N GLY D 46 -23.55 -12.10 -41.15
CA GLY D 46 -24.61 -12.00 -42.15
C GLY D 46 -25.82 -11.21 -41.65
N ARG D 47 -25.61 -10.47 -40.57
CA ARG D 47 -26.69 -9.79 -39.87
C ARG D 47 -26.16 -8.44 -39.40
N GLU D 48 -26.98 -7.40 -39.48
CA GLU D 48 -26.58 -6.11 -38.96
C GLU D 48 -26.47 -6.16 -37.44
N ILE D 49 -25.29 -5.80 -36.94
CA ILE D 49 -24.99 -5.81 -35.50
C ILE D 49 -24.53 -4.41 -35.05
N TYR D 50 -25.17 -3.90 -34.01
CA TYR D 50 -24.82 -2.62 -33.40
C TYR D 50 -24.40 -2.88 -31.95
N ILE D 51 -23.71 -1.91 -31.35
CA ILE D 51 -23.21 -2.11 -29.97
C ILE D 51 -23.38 -0.87 -29.10
N LYS D 52 -23.95 -1.07 -27.91
CA LYS D 52 -24.06 0.00 -26.92
C LYS D 52 -22.86 -0.07 -25.99
N ARG D 53 -22.02 0.97 -26.03
CA ARG D 53 -20.71 0.95 -25.36
C ARG D 53 -20.77 1.49 -23.93
N ASP D 54 -21.42 0.74 -23.04
CA ASP D 54 -21.46 1.12 -21.65
C ASP D 54 -20.19 0.68 -20.94
N ASP D 55 -19.34 -0.04 -21.68
CA ASP D 55 -17.99 -0.36 -21.25
C ASP D 55 -17.06 0.86 -21.25
N VAL D 56 -17.56 1.97 -21.77
CA VAL D 56 -16.76 3.19 -21.97
C VAL D 56 -17.14 4.30 -20.96
N THR D 57 -17.94 3.97 -19.95
CA THR D 57 -18.22 4.89 -18.84
C THR D 57 -16.89 5.31 -18.18
N PRO D 58 -16.72 6.63 -17.90
CA PRO D 58 -15.37 7.18 -17.68
C PRO D 58 -14.65 6.80 -16.37
N ILE D 59 -15.35 6.19 -15.42
CA ILE D 59 -14.75 5.85 -14.12
C ILE D 59 -14.10 4.45 -14.07
N ALA D 60 -12.84 4.44 -13.66
CA ALA D 60 -11.99 3.25 -13.52
C ALA D 60 -12.44 2.04 -14.35
N MET D 61 -12.13 2.08 -15.64
CA MET D 61 -12.37 0.98 -16.58
C MET D 61 -13.83 0.61 -16.86
N GLY D 62 -14.74 1.49 -16.46
CA GLY D 62 -16.12 1.49 -16.94
C GLY D 62 -17.02 0.34 -16.54
N GLY D 63 -18.22 0.33 -17.11
CA GLY D 63 -19.16 -0.76 -16.90
C GLY D 63 -20.57 -0.33 -16.59
N ASN D 64 -21.46 -1.32 -16.60
CA ASN D 64 -22.88 -1.13 -16.41
C ASN D 64 -23.30 -0.77 -14.98
N LYS D 65 -22.38 -0.88 -14.03
CA LYS D 65 -22.71 -0.58 -12.63
C LYS D 65 -22.62 0.91 -12.32
N LEU D 66 -21.83 1.64 -13.12
CA LEU D 66 -21.77 3.10 -13.03
C LEU D 66 -23.16 3.74 -13.12
N ARG D 67 -23.96 3.26 -14.06
CA ARG D 67 -25.31 3.79 -14.28
C ARG D 67 -26.18 3.64 -13.04
N LYS D 68 -26.04 2.50 -12.36
CA LYS D 68 -26.86 2.20 -11.20
C LYS D 68 -26.41 3.01 -10.01
N LEU D 69 -25.09 3.16 -9.89
CA LEU D 69 -24.45 3.84 -8.77
C LEU D 69 -24.81 5.32 -8.70
N GLU D 70 -25.08 5.94 -9.85
CA GLU D 70 -25.54 7.33 -9.90
C GLU D 70 -26.76 7.52 -8.99
N PHE D 71 -27.68 6.54 -9.01
CA PHE D 71 -28.87 6.57 -8.18
C PHE D 71 -28.61 6.08 -6.74
N LEU D 72 -27.86 5.00 -6.61
CA LEU D 72 -27.61 4.38 -5.31
C LEU D 72 -26.75 5.23 -4.39
N VAL D 73 -25.73 5.89 -4.95
CA VAL D 73 -24.81 6.69 -4.16
C VAL D 73 -25.45 8.04 -3.81
N ALA D 74 -26.24 8.57 -4.74
CA ALA D 74 -27.06 9.76 -4.45
C ALA D 74 -27.97 9.48 -3.25
N ASP D 75 -28.61 8.31 -3.27
CA ASP D 75 -29.42 7.82 -2.15
C ASP D 75 -28.60 7.71 -0.87
N ALA D 76 -27.36 7.25 -0.99
CA ALA D 76 -26.46 7.11 0.15
C ALA D 76 -26.17 8.47 0.78
N LEU D 77 -25.65 9.40 -0.03
CA LEU D 77 -25.35 10.75 0.45
C LEU D 77 -26.57 11.42 1.12
N ARG D 78 -27.75 11.22 0.52
CA ARG D 78 -29.02 11.69 1.08
C ARG D 78 -29.27 11.21 2.52
N GLU D 79 -28.86 9.98 2.81
CA GLU D 79 -28.96 9.43 4.17
C GLU D 79 -27.83 9.91 5.09
N GLY D 80 -26.85 10.62 4.52
CA GLY D 80 -25.66 11.02 5.28
C GLY D 80 -24.71 9.87 5.56
N ALA D 81 -24.71 8.87 4.68
CA ALA D 81 -23.80 7.73 4.80
C ALA D 81 -22.38 8.15 4.43
N ASP D 82 -21.40 7.52 5.07
CA ASP D 82 -19.98 7.77 4.77
C ASP D 82 -19.25 6.50 4.28
N THR D 83 -19.95 5.37 4.29
CA THR D 83 -19.38 4.06 3.96
C THR D 83 -20.31 3.30 3.02
N LEU D 84 -19.79 2.86 1.89
CA LEU D 84 -20.53 1.96 1.00
C LEU D 84 -20.10 0.51 1.23
N ILE D 85 -21.08 -0.35 1.50
CA ILE D 85 -20.82 -1.77 1.61
C ILE D 85 -21.56 -2.53 0.51
N THR D 86 -20.83 -3.40 -0.18
CA THR D 86 -21.40 -4.26 -1.22
C THR D 86 -20.72 -5.64 -1.22
N ALA D 87 -21.18 -6.53 -2.09
CA ALA D 87 -20.65 -7.89 -2.13
C ALA D 87 -20.51 -8.40 -3.57
N GLY D 88 -19.64 -9.37 -3.76
CA GLY D 88 -19.50 -10.02 -5.06
C GLY D 88 -18.38 -11.04 -5.07
N ALA D 89 -18.07 -11.52 -6.27
CA ALA D 89 -16.95 -12.41 -6.50
C ALA D 89 -15.65 -11.64 -6.35
N ILE D 90 -14.56 -12.34 -6.07
CA ILE D 90 -13.22 -11.72 -6.00
C ILE D 90 -13.02 -10.81 -7.22
N GLN D 91 -13.43 -11.29 -8.39
CA GLN D 91 -13.25 -10.54 -9.63
C GLN D 91 -14.47 -9.73 -10.07
N SER D 92 -15.36 -9.44 -9.11
CA SER D 92 -16.53 -8.62 -9.39
C SER D 92 -16.21 -7.24 -9.97
N ASN D 93 -16.81 -6.93 -11.11
CA ASN D 93 -16.73 -5.58 -11.69
C ASN D 93 -17.53 -4.58 -10.87
N HIS D 94 -18.65 -5.05 -10.31
CA HIS D 94 -19.48 -4.21 -9.48
C HIS D 94 -18.71 -3.66 -8.32
N VAL D 95 -18.06 -4.56 -7.57
CA VAL D 95 -17.26 -4.16 -6.42
C VAL D 95 -16.17 -3.13 -6.82
N ARG D 96 -15.50 -3.40 -7.95
CA ARG D 96 -14.47 -2.47 -8.44
C ARG D 96 -15.04 -1.09 -8.79
N GLN D 97 -16.19 -1.05 -9.46
CA GLN D 97 -16.83 0.22 -9.80
C GLN D 97 -17.30 0.98 -8.54
N THR D 98 -17.89 0.24 -7.60
CA THR D 98 -18.31 0.78 -6.31
C THR D 98 -17.13 1.37 -5.53
N ALA D 99 -16.01 0.65 -5.50
CA ALA D 99 -14.83 1.09 -4.76
C ALA D 99 -14.14 2.28 -5.41
N ALA D 100 -14.33 2.44 -6.72
CA ALA D 100 -13.73 3.54 -7.46
C ALA D 100 -14.53 4.83 -7.26
N VAL D 101 -15.85 4.68 -7.22
CA VAL D 101 -16.75 5.78 -6.89
C VAL D 101 -16.56 6.24 -5.45
N ALA D 102 -16.42 5.28 -4.55
CA ALA D 102 -16.18 5.58 -3.14
C ALA D 102 -14.91 6.42 -2.98
N ALA D 103 -13.84 5.98 -3.62
CA ALA D 103 -12.56 6.68 -3.59
C ALA D 103 -12.69 8.13 -4.08
N LYS D 104 -13.33 8.28 -5.23
CA LYS D 104 -13.60 9.58 -5.84
C LYS D 104 -14.36 10.51 -4.91
N LEU D 105 -15.35 9.96 -4.21
CA LEU D 105 -16.20 10.76 -3.32
C LEU D 105 -15.71 10.84 -1.87
N GLY D 106 -14.56 10.24 -1.56
CA GLY D 106 -14.03 10.27 -0.20
C GLY D 106 -14.92 9.46 0.73
N LEU D 107 -15.65 8.53 0.14
CA LEU D 107 -16.47 7.62 0.93
C LEU D 107 -15.62 6.43 1.29
N HIS D 108 -15.96 5.80 2.40
CA HIS D 108 -15.35 4.54 2.74
C HIS D 108 -15.97 3.44 1.93
N CYS D 109 -15.24 2.34 1.74
CA CYS D 109 -15.79 1.18 1.04
C CYS D 109 -15.37 -0.14 1.70
N VAL D 110 -16.36 -1.01 1.89
CA VAL D 110 -16.14 -2.34 2.45
C VAL D 110 -16.81 -3.36 1.55
N ALA D 111 -16.03 -4.35 1.13
CA ALA D 111 -16.48 -5.36 0.17
C ALA D 111 -16.37 -6.78 0.73
N LEU D 112 -17.51 -7.47 0.76
CA LEU D 112 -17.54 -8.88 1.13
C LEU D 112 -17.34 -9.71 -0.13
N LEU D 113 -16.26 -10.51 -0.14
CA LEU D 113 -15.88 -11.26 -1.33
C LEU D 113 -15.89 -12.77 -1.16
N GLU D 114 -16.36 -13.47 -2.19
CA GLU D 114 -16.27 -14.92 -2.25
C GLU D 114 -15.43 -15.37 -3.46
N ASN D 115 -14.96 -16.61 -3.41
CA ASN D 115 -14.32 -17.24 -4.55
C ASN D 115 -15.34 -18.23 -5.11
N PRO D 116 -15.97 -17.90 -6.26
CA PRO D 116 -17.15 -18.63 -6.71
C PRO D 116 -16.86 -19.89 -7.53
N ILE D 117 -15.59 -20.10 -7.88
CA ILE D 117 -15.19 -21.20 -8.78
C ILE D 117 -14.14 -22.14 -8.16
N GLY D 118 -13.74 -21.88 -6.92
CA GLY D 118 -12.82 -22.75 -6.18
C GLY D 118 -11.39 -22.74 -6.69
N THR D 119 -11.00 -21.68 -7.40
CA THR D 119 -9.65 -21.56 -7.97
C THR D 119 -8.58 -21.13 -6.97
N THR D 120 -7.37 -21.66 -7.13
CA THR D 120 -6.20 -21.22 -6.38
C THR D 120 -5.21 -20.47 -7.29
N ALA D 121 -5.61 -20.26 -8.54
CA ALA D 121 -4.78 -19.56 -9.53
C ALA D 121 -4.50 -18.11 -9.10
N GLU D 122 -3.22 -17.74 -9.14
CA GLU D 122 -2.74 -16.48 -8.58
C GLU D 122 -3.36 -15.23 -9.20
N ASN D 123 -3.44 -15.17 -10.52
CA ASN D 123 -4.00 -14.02 -11.21
C ASN D 123 -5.47 -13.79 -10.86
N TYR D 124 -6.22 -14.87 -10.68
CA TYR D 124 -7.61 -14.71 -10.28
C TYR D 124 -7.72 -14.15 -8.86
N LEU D 125 -6.83 -14.61 -7.98
CA LEU D 125 -6.90 -14.22 -6.57
C LEU D 125 -6.36 -12.82 -6.32
N THR D 126 -5.46 -12.35 -7.17
CA THR D 126 -4.70 -11.11 -6.88
C THR D 126 -4.65 -10.05 -7.99
N ASN D 127 -4.97 -10.43 -9.23
CA ASN D 127 -4.84 -9.53 -10.37
C ASN D 127 -6.21 -9.03 -10.81
N GLY D 128 -6.26 -8.32 -11.95
CA GLY D 128 -7.49 -7.78 -12.52
C GLY D 128 -8.24 -6.85 -11.60
N ASN D 129 -9.56 -7.02 -11.52
CA ASN D 129 -10.39 -6.23 -10.61
C ASN D 129 -9.92 -6.27 -9.17
N ARG D 130 -9.47 -7.43 -8.70
CA ARG D 130 -9.03 -7.56 -7.31
C ARG D 130 -7.83 -6.67 -6.99
N LEU D 131 -6.90 -6.54 -7.94
CA LEU D 131 -5.74 -5.66 -7.79
C LEU D 131 -6.22 -4.24 -7.55
N LEU D 132 -7.18 -3.83 -8.37
CA LEU D 132 -7.70 -2.48 -8.36
C LEU D 132 -8.34 -2.12 -7.02
N LEU D 133 -9.02 -3.09 -6.39
CA LEU D 133 -9.65 -2.87 -5.09
C LEU D 133 -8.66 -2.30 -4.07
N ASP D 134 -7.45 -2.85 -4.05
CA ASP D 134 -6.41 -2.39 -3.12
C ASP D 134 -5.93 -0.98 -3.45
N LEU D 135 -5.84 -0.63 -4.73
CA LEU D 135 -5.43 0.73 -5.11
C LEU D 135 -6.47 1.75 -4.63
N PHE D 136 -7.73 1.33 -4.60
CA PHE D 136 -8.81 2.18 -4.07
C PHE D 136 -9.00 2.06 -2.55
N ASN D 137 -8.10 1.37 -1.85
CA ASN D 137 -8.18 1.21 -0.39
C ASN D 137 -9.47 0.58 0.10
N THR D 138 -10.03 -0.35 -0.68
CA THR D 138 -11.23 -1.05 -0.28
C THR D 138 -10.89 -1.89 0.95
N GLN D 139 -11.79 -1.92 1.93
CA GLN D 139 -11.63 -2.87 3.02
C GLN D 139 -12.23 -4.19 2.57
N ILE D 140 -11.40 -5.22 2.49
CA ILE D 140 -11.81 -6.52 1.97
C ILE D 140 -12.24 -7.47 3.09
N GLU D 141 -13.44 -8.03 2.96
CA GLU D 141 -13.92 -9.06 3.87
C GLU D 141 -14.17 -10.34 3.08
N MET D 142 -13.42 -11.40 3.40
CA MET D 142 -13.58 -12.68 2.71
C MET D 142 -14.66 -13.52 3.38
N CYS D 143 -15.46 -14.21 2.57
CA CYS D 143 -16.38 -15.21 3.11
C CYS D 143 -16.25 -16.50 2.31
N ASP D 144 -16.53 -17.63 2.97
CA ASP D 144 -16.57 -18.93 2.29
C ASP D 144 -17.42 -18.84 1.04
N ALA D 145 -18.63 -18.31 1.19
CA ALA D 145 -19.59 -18.27 0.09
C ALA D 145 -20.67 -17.25 0.34
N LEU D 146 -21.19 -16.67 -0.73
CA LEU D 146 -22.35 -15.81 -0.65
C LEU D 146 -23.60 -16.68 -0.81
N THR D 147 -23.91 -17.41 0.25
CA THR D 147 -25.11 -18.25 0.28
C THR D 147 -26.35 -17.41 0.52
N ASP D 148 -26.21 -16.34 1.31
CA ASP D 148 -27.31 -15.43 1.57
C ASP D 148 -26.80 -13.98 1.54
N PRO D 149 -26.52 -13.47 0.32
CA PRO D 149 -25.94 -12.14 0.11
C PRO D 149 -26.57 -11.01 0.94
N ASP D 150 -27.90 -10.94 0.95
CA ASP D 150 -28.61 -9.84 1.62
C ASP D 150 -28.46 -9.86 3.14
N ALA D 151 -28.57 -11.04 3.74
CA ALA D 151 -28.40 -11.16 5.19
C ALA D 151 -26.93 -10.99 5.61
N GLN D 152 -26.03 -11.56 4.80
CA GLN D 152 -24.60 -11.41 5.04
C GLN D 152 -24.16 -9.94 5.00
N LEU D 153 -24.73 -9.18 4.07
CA LEU D 153 -24.45 -7.74 3.96
C LEU D 153 -24.95 -6.96 5.19
N GLN D 154 -26.05 -7.41 5.76
CA GLN D 154 -26.61 -6.80 6.99
C GLN D 154 -25.71 -7.02 8.21
N THR D 155 -25.22 -8.26 8.34
CA THR D 155 -24.30 -8.64 9.41
C THR D 155 -23.00 -7.82 9.30
N LEU D 156 -22.56 -7.55 8.08
CA LEU D 156 -21.40 -6.73 7.84
C LEU D 156 -21.69 -5.25 8.20
N ALA D 157 -22.86 -4.77 7.80
CA ALA D 157 -23.30 -3.40 8.12
C ALA D 157 -23.31 -3.13 9.64
N THR D 158 -23.91 -4.03 10.41
CA THR D 158 -23.92 -3.96 11.86
C THR D 158 -22.51 -3.87 12.46
N ARG D 159 -21.62 -4.76 12.04
CA ARG D 159 -20.21 -4.71 12.46
C ARG D 159 -19.56 -3.36 12.15
N ILE D 160 -19.71 -2.91 10.90
CA ILE D 160 -19.11 -1.66 10.46
C ILE D 160 -19.71 -0.46 11.21
N GLU D 161 -21.02 -0.52 11.49
CA GLU D 161 -21.70 0.55 12.22
C GLU D 161 -21.25 0.67 13.68
N ALA D 162 -20.96 -0.48 14.30
CA ALA D 162 -20.43 -0.50 15.67
C ALA D 162 -19.10 0.24 15.79
N GLN D 163 -18.39 0.37 14.68
CA GLN D 163 -17.15 1.14 14.63
C GLN D 163 -17.39 2.66 14.54
N GLY D 164 -18.65 3.05 14.47
CA GLY D 164 -18.99 4.47 14.35
C GLY D 164 -19.25 4.92 12.92
N PHE D 165 -18.93 4.06 11.96
CA PHE D 165 -19.24 4.33 10.54
C PHE D 165 -20.75 4.44 10.34
N ARG D 166 -21.17 5.11 9.26
CA ARG D 166 -22.56 5.11 8.85
C ARG D 166 -22.67 4.42 7.49
N PRO D 167 -22.93 3.10 7.48
CA PRO D 167 -22.86 2.35 6.23
C PRO D 167 -24.10 2.49 5.34
N TYR D 168 -23.87 2.37 4.03
CA TYR D 168 -24.97 2.21 3.07
C TYR D 168 -24.75 0.92 2.29
N VAL D 169 -25.74 0.05 2.36
CA VAL D 169 -25.64 -1.25 1.70
C VAL D 169 -26.18 -1.18 0.28
N ILE D 170 -25.30 -1.51 -0.67
CA ILE D 170 -25.67 -1.72 -2.05
C ILE D 170 -25.70 -3.24 -2.21
N PRO D 171 -26.84 -3.78 -2.68
CA PRO D 171 -26.90 -5.24 -2.89
C PRO D 171 -25.97 -5.72 -4.02
N VAL D 172 -25.87 -7.04 -4.17
CA VAL D 172 -25.11 -7.66 -5.24
C VAL D 172 -25.48 -7.04 -6.60
N GLY D 173 -24.46 -6.57 -7.31
CA GLY D 173 -24.64 -5.90 -8.60
C GLY D 173 -25.47 -4.63 -8.57
N GLY D 174 -25.78 -4.12 -7.37
CA GLY D 174 -26.64 -2.95 -7.22
C GLY D 174 -28.02 -3.16 -7.84
N SER D 175 -28.44 -4.41 -7.93
CA SER D 175 -29.65 -4.77 -8.62
C SER D 175 -30.87 -4.64 -7.72
N SER D 176 -31.20 -3.39 -7.39
CA SER D 176 -32.46 -3.06 -6.74
C SER D 176 -33.23 -2.23 -7.78
N ALA D 177 -34.50 -1.98 -7.51
CA ALA D 177 -35.34 -1.19 -8.42
C ALA D 177 -34.77 0.22 -8.60
N LEU D 178 -34.26 0.79 -7.50
CA LEU D 178 -33.58 2.08 -7.56
C LEU D 178 -32.36 2.07 -8.46
N GLY D 179 -31.49 1.07 -8.28
CA GLY D 179 -30.26 0.96 -9.08
C GLY D 179 -30.55 0.71 -10.55
N ALA D 180 -31.56 -0.10 -10.82
CA ALA D 180 -31.99 -0.46 -12.17
C ALA D 180 -32.55 0.73 -12.96
N MET D 181 -32.91 1.81 -12.24
CA MET D 181 -33.35 3.06 -12.89
C MET D 181 -32.30 3.57 -13.86
N GLY D 182 -31.04 3.23 -13.59
CA GLY D 182 -29.93 3.52 -14.51
C GLY D 182 -30.09 2.89 -15.88
N TYR D 183 -30.64 1.68 -15.93
CA TYR D 183 -30.89 1.04 -17.22
C TYR D 183 -32.24 1.34 -17.85
N VAL D 184 -33.12 1.95 -17.04
CA VAL D 184 -34.30 2.60 -17.58
C VAL D 184 -33.83 3.84 -18.34
N GLU D 185 -32.98 4.63 -17.69
CA GLU D 185 -32.40 5.83 -18.29
C GLU D 185 -31.65 5.47 -19.56
N SER D 186 -30.85 4.42 -19.48
CA SER D 186 -30.07 3.92 -20.61
C SER D 186 -30.94 3.62 -21.83
N ALA D 187 -32.12 3.03 -21.60
CA ALA D 187 -33.08 2.76 -22.68
C ALA D 187 -33.45 4.03 -23.44
N LEU D 188 -33.57 5.13 -22.71
CA LEU D 188 -33.92 6.43 -23.27
C LEU D 188 -32.85 6.96 -24.24
N GLU D 189 -31.58 6.66 -23.96
CA GLU D 189 -30.48 6.98 -24.87
C GLU D 189 -30.53 6.11 -26.11
N ILE D 190 -30.78 4.83 -25.90
CA ILE D 190 -30.81 3.82 -26.96
C ILE D 190 -31.89 4.14 -27.98
N ALA D 191 -33.10 4.39 -27.49
CA ALA D 191 -34.22 4.77 -28.34
C ALA D 191 -33.88 6.00 -29.18
N GLN D 192 -33.29 7.02 -28.54
CA GLN D 192 -32.87 8.25 -29.23
C GLN D 192 -31.82 7.97 -30.31
N GLN D 193 -30.79 7.18 -29.96
CA GLN D 193 -29.70 6.84 -30.87
C GLN D 193 -30.13 5.92 -32.01
N CYS D 194 -31.16 5.12 -31.78
CA CYS D 194 -31.73 4.26 -32.82
C CYS D 194 -32.77 4.99 -33.67
N GLU D 195 -33.17 6.18 -33.22
CA GLU D 195 -34.26 6.91 -33.83
C GLU D 195 -33.81 7.57 -35.13
N GLU D 196 -34.23 7.00 -36.25
CA GLU D 196 -33.91 7.54 -37.57
C GLU D 196 -32.60 6.95 -38.09
N VAL D 197 -31.85 6.30 -37.20
CA VAL D 197 -30.60 5.67 -37.58
C VAL D 197 -30.83 4.20 -37.98
N VAL D 198 -31.48 3.42 -37.11
CA VAL D 198 -31.55 1.96 -37.31
C VAL D 198 -32.95 1.39 -37.53
N GLY D 199 -33.46 0.63 -36.55
CA GLY D 199 -34.66 -0.17 -36.69
C GLY D 199 -34.42 -1.60 -36.23
N LEU D 200 -33.94 -1.73 -34.99
CA LEU D 200 -33.61 -3.02 -34.40
C LEU D 200 -34.80 -3.95 -34.37
N SER D 201 -34.53 -5.24 -34.46
CA SER D 201 -35.53 -6.25 -34.14
C SER D 201 -35.27 -6.78 -32.74
N SER D 202 -34.01 -6.74 -32.32
CA SER D 202 -33.58 -7.44 -31.11
C SER D 202 -32.48 -6.73 -30.33
N VAL D 203 -32.53 -6.92 -29.01
CA VAL D 203 -31.47 -6.47 -28.12
C VAL D 203 -30.98 -7.65 -27.28
N VAL D 204 -29.66 -7.74 -27.14
CA VAL D 204 -29.04 -8.81 -26.35
C VAL D 204 -28.24 -8.23 -25.20
N VAL D 205 -28.50 -8.73 -23.99
CA VAL D 205 -27.73 -8.33 -22.82
C VAL D 205 -27.50 -9.53 -21.90
N ALA D 206 -26.31 -9.57 -21.28
CA ALA D 206 -26.02 -10.54 -20.23
C ALA D 206 -27.01 -10.33 -19.08
N SER D 207 -27.43 -11.43 -18.46
CA SER D 207 -28.41 -11.39 -17.37
C SER D 207 -27.87 -12.13 -16.16
N GLY D 208 -27.48 -11.38 -15.14
CA GLY D 208 -26.85 -11.92 -13.94
C GLY D 208 -27.65 -11.55 -12.71
N SER D 209 -27.16 -10.54 -11.97
CA SER D 209 -27.88 -10.02 -10.80
C SER D 209 -29.21 -9.34 -11.19
N ALA D 210 -29.34 -9.04 -12.48
CA ALA D 210 -30.65 -8.79 -13.16
C ALA D 210 -31.13 -7.33 -13.33
N GLY D 211 -30.50 -6.40 -12.61
CA GLY D 211 -30.89 -5.00 -12.68
C GLY D 211 -30.86 -4.43 -14.09
N THR D 212 -29.79 -4.73 -14.83
CA THR D 212 -29.63 -4.23 -16.21
C THR D 212 -30.78 -4.72 -17.11
N HIS D 213 -30.98 -6.03 -17.12
CA HIS D 213 -32.07 -6.68 -17.86
C HIS D 213 -33.40 -6.08 -17.54
N ALA D 214 -33.75 -6.00 -16.26
CA ALA D 214 -35.06 -5.50 -15.82
C ALA D 214 -35.21 -4.00 -16.11
N GLY D 215 -34.12 -3.25 -15.94
CA GLY D 215 -34.10 -1.84 -16.27
C GLY D 215 -34.42 -1.60 -17.73
N LEU D 216 -33.73 -2.34 -18.60
CA LEU D 216 -33.95 -2.23 -20.04
C LEU D 216 -35.32 -2.75 -20.45
N ALA D 217 -35.74 -3.84 -19.81
CA ALA D 217 -37.08 -4.41 -20.04
C ALA D 217 -38.17 -3.34 -19.90
N VAL D 218 -38.13 -2.60 -18.79
CA VAL D 218 -39.14 -1.58 -18.51
C VAL D 218 -39.04 -0.47 -19.55
N GLY D 219 -37.84 0.10 -19.69
CA GLY D 219 -37.58 1.18 -20.66
C GLY D 219 -38.00 0.85 -22.08
N LEU D 220 -37.61 -0.33 -22.56
CA LEU D 220 -37.88 -0.73 -23.94
C LEU D 220 -39.34 -1.13 -24.22
N GLU D 221 -40.03 -1.68 -23.23
CA GLU D 221 -41.45 -1.95 -23.39
C GLU D 221 -42.20 -0.67 -23.73
N HIS D 222 -41.76 0.45 -23.14
CA HIS D 222 -42.43 1.72 -23.35
C HIS D 222 -41.94 2.55 -24.52
N LEU D 223 -40.63 2.50 -24.80
CA LEU D 223 -40.08 3.36 -25.87
C LEU D 223 -39.99 2.66 -27.22
N MET D 224 -39.68 1.36 -27.20
CA MET D 224 -39.56 0.56 -28.42
C MET D 224 -40.29 -0.77 -28.25
N PRO D 225 -41.64 -0.76 -28.23
CA PRO D 225 -42.41 -1.97 -27.87
C PRO D 225 -42.26 -3.18 -28.80
N ASP D 226 -41.91 -2.93 -30.07
CA ASP D 226 -41.78 -4.02 -31.03
C ASP D 226 -40.42 -4.75 -30.96
N VAL D 227 -39.51 -4.24 -30.12
CA VAL D 227 -38.17 -4.83 -29.99
C VAL D 227 -38.16 -6.00 -29.02
N GLU D 228 -37.49 -7.08 -29.42
CA GLU D 228 -37.33 -8.26 -28.59
C GLU D 228 -36.07 -8.13 -27.74
N LEU D 229 -36.24 -8.10 -26.41
CA LEU D 229 -35.09 -8.07 -25.51
C LEU D 229 -34.77 -9.48 -25.05
N ILE D 230 -33.55 -9.93 -25.34
CA ILE D 230 -33.12 -11.26 -24.92
C ILE D 230 -31.99 -11.16 -23.89
N GLY D 231 -32.24 -11.73 -22.72
CA GLY D 231 -31.25 -11.80 -21.67
C GLY D 231 -30.53 -13.12 -21.76
N VAL D 232 -29.20 -13.07 -21.83
CA VAL D 232 -28.40 -14.29 -21.80
C VAL D 232 -27.88 -14.51 -20.39
N THR D 233 -28.30 -15.60 -19.76
CA THR D 233 -27.96 -15.84 -18.36
C THR D 233 -26.49 -16.19 -18.27
N VAL D 234 -25.86 -15.77 -17.17
CA VAL D 234 -24.45 -16.02 -16.93
C VAL D 234 -24.22 -16.80 -15.62
N SER D 235 -25.30 -17.06 -14.89
CA SER D 235 -25.20 -17.74 -13.58
C SER D 235 -26.34 -18.71 -13.26
N ARG D 236 -27.50 -18.55 -13.89
CA ARG D 236 -28.70 -19.32 -13.53
C ARG D 236 -29.46 -19.86 -14.74
N SER D 237 -30.28 -20.88 -14.48
CA SER D 237 -31.23 -21.40 -15.45
C SER D 237 -32.33 -20.37 -15.67
N VAL D 238 -33.05 -20.51 -16.77
CA VAL D 238 -34.22 -19.70 -17.03
C VAL D 238 -35.18 -19.75 -15.84
N ALA D 239 -35.52 -20.96 -15.38
CA ALA D 239 -36.43 -21.17 -14.25
C ALA D 239 -36.07 -20.34 -13.03
N GLU D 240 -34.79 -20.31 -12.69
CA GLU D 240 -34.31 -19.59 -11.52
C GLU D 240 -34.04 -18.10 -11.76
N GLN D 241 -33.72 -17.75 -13.00
CA GLN D 241 -33.37 -16.36 -13.32
C GLN D 241 -34.60 -15.49 -13.56
N LYS D 242 -35.59 -16.05 -14.24
CA LYS D 242 -36.78 -15.28 -14.63
C LYS D 242 -37.55 -14.56 -13.47
N PRO D 243 -37.78 -15.23 -12.33
CA PRO D 243 -38.47 -14.56 -11.22
C PRO D 243 -37.72 -13.35 -10.67
N LYS D 244 -36.38 -13.40 -10.69
CA LYS D 244 -35.56 -12.27 -10.26
C LYS D 244 -35.69 -11.09 -11.21
N VAL D 245 -35.69 -11.36 -12.52
CA VAL D 245 -35.88 -10.29 -13.49
C VAL D 245 -37.30 -9.72 -13.39
N ILE D 246 -38.29 -10.60 -13.26
CA ILE D 246 -39.68 -10.14 -13.19
C ILE D 246 -39.93 -9.26 -11.96
N ALA D 247 -39.41 -9.69 -10.80
CA ALA D 247 -39.60 -8.95 -9.55
C ALA D 247 -39.12 -7.51 -9.69
N LEU D 248 -37.89 -7.35 -10.20
CA LEU D 248 -37.34 -6.02 -10.44
C LEU D 248 -38.14 -5.25 -11.50
N GLN D 249 -38.46 -5.91 -12.61
CA GLN D 249 -39.32 -5.32 -13.65
C GLN D 249 -40.57 -4.70 -13.05
N GLN D 250 -41.32 -5.49 -12.28
CA GLN D 250 -42.56 -5.01 -11.68
C GLN D 250 -42.31 -3.88 -10.67
N ALA D 251 -41.30 -4.04 -9.82
CA ALA D 251 -40.97 -2.99 -8.84
C ALA D 251 -40.59 -1.66 -9.51
N ILE D 252 -39.73 -1.72 -10.53
CA ILE D 252 -39.33 -0.54 -11.31
C ILE D 252 -40.56 0.15 -11.91
N ALA D 253 -41.38 -0.62 -12.63
CA ALA D 253 -42.63 -0.10 -13.20
C ALA D 253 -43.45 0.72 -12.19
N GLY D 254 -43.76 0.09 -11.06
CA GLY D 254 -44.54 0.70 -9.98
C GLY D 254 -43.94 2.00 -9.49
N GLN D 255 -42.63 2.00 -9.25
CA GLN D 255 -41.89 3.21 -8.86
C GLN D 255 -42.07 4.35 -9.87
N LEU D 256 -42.37 4.00 -11.12
CA LEU D 256 -42.54 4.98 -12.19
C LEU D 256 -43.99 5.18 -12.64
N ALA D 257 -44.92 4.67 -11.83
CA ALA D 257 -46.37 4.70 -12.12
C ALA D 257 -46.75 4.15 -13.50
N LEU D 258 -46.07 3.09 -13.92
CA LEU D 258 -46.41 2.40 -15.17
C LEU D 258 -46.73 0.93 -14.89
N THR D 259 -47.36 0.29 -15.86
CA THR D 259 -47.45 -1.17 -15.84
C THR D 259 -46.37 -1.72 -16.76
N ALA D 260 -46.07 -3.01 -16.60
CA ALA D 260 -45.16 -3.68 -17.49
C ALA D 260 -45.73 -5.06 -17.75
N THR D 261 -46.29 -5.22 -18.94
CA THR D 261 -46.96 -6.46 -19.31
C THR D 261 -46.06 -7.36 -20.16
N ALA D 262 -44.90 -6.86 -20.58
CA ALA D 262 -44.01 -7.64 -21.43
C ALA D 262 -43.52 -8.92 -20.75
N ASP D 263 -43.43 -9.99 -21.53
CA ASP D 263 -42.82 -11.24 -21.08
C ASP D 263 -41.31 -11.09 -21.11
N ILE D 264 -40.64 -11.62 -20.09
CA ILE D 264 -39.17 -11.60 -20.01
C ILE D 264 -38.62 -12.80 -20.79
N HIS D 265 -37.62 -12.54 -21.64
CA HIS D 265 -37.01 -13.58 -22.46
C HIS D 265 -35.58 -13.82 -22.03
N LEU D 266 -35.26 -15.10 -21.87
CA LEU D 266 -33.98 -15.54 -21.34
C LEU D 266 -33.51 -16.81 -22.04
N TRP D 267 -32.22 -16.83 -22.41
CA TRP D 267 -31.55 -18.02 -22.94
C TRP D 267 -30.49 -18.46 -21.97
N ASP D 268 -30.59 -19.69 -21.47
CA ASP D 268 -29.65 -20.20 -20.47
C ASP D 268 -28.60 -21.19 -21.00
N ASP D 269 -28.54 -21.32 -22.32
CA ASP D 269 -27.69 -22.33 -22.97
C ASP D 269 -26.21 -21.99 -23.01
N TYR D 270 -25.82 -20.83 -22.49
CA TYR D 270 -24.51 -20.25 -22.84
C TYR D 270 -23.53 -20.01 -21.69
N PHE D 271 -23.88 -20.49 -20.50
CA PHE D 271 -23.07 -20.21 -19.30
C PHE D 271 -22.41 -21.42 -18.63
N ALA D 272 -22.74 -22.62 -19.07
CA ALA D 272 -22.14 -23.85 -18.55
C ALA D 272 -20.62 -23.80 -18.70
N PRO D 273 -19.87 -24.36 -17.74
CA PRO D 273 -20.34 -25.07 -16.54
C PRO D 273 -20.72 -24.24 -15.29
N GLY D 274 -20.79 -22.90 -15.37
CA GLY D 274 -21.19 -22.13 -14.20
C GLY D 274 -20.76 -20.68 -14.17
N TYR D 275 -21.27 -19.93 -13.20
CA TYR D 275 -20.91 -18.53 -13.10
C TYR D 275 -19.42 -18.39 -12.89
N GLY D 276 -18.78 -17.57 -13.72
CA GLY D 276 -17.37 -17.27 -13.54
C GLY D 276 -16.41 -18.31 -14.09
N VAL D 277 -16.96 -19.33 -14.76
CA VAL D 277 -16.11 -20.32 -15.44
C VAL D 277 -16.15 -20.05 -16.94
N PRO D 278 -14.98 -19.82 -17.55
CA PRO D 278 -14.98 -19.59 -19.00
C PRO D 278 -15.46 -20.83 -19.75
N ASN D 279 -16.04 -20.63 -20.93
CA ASN D 279 -16.29 -21.73 -21.85
C ASN D 279 -15.75 -21.42 -23.25
N ASP D 280 -15.64 -22.47 -24.07
CA ASP D 280 -15.12 -22.39 -25.44
C ASP D 280 -15.88 -21.42 -26.35
N ALA D 281 -17.20 -21.40 -26.22
CA ALA D 281 -18.03 -20.52 -27.04
C ALA D 281 -17.82 -19.05 -26.64
N GLY D 282 -17.65 -18.83 -25.34
CA GLY D 282 -17.36 -17.51 -24.78
C GLY D 282 -16.01 -16.99 -25.24
N MET D 283 -14.99 -17.84 -25.11
CA MET D 283 -13.64 -17.51 -25.56
C MET D 283 -13.61 -17.19 -27.06
N GLU D 284 -14.31 -18.00 -27.85
CA GLU D 284 -14.44 -17.77 -29.29
C GLU D 284 -15.04 -16.40 -29.61
N ALA D 285 -16.06 -16.01 -28.86
CA ALA D 285 -16.71 -14.71 -29.03
C ALA D 285 -15.77 -13.57 -28.67
N VAL D 286 -15.04 -13.72 -27.57
CA VAL D 286 -14.02 -12.77 -27.15
C VAL D 286 -12.99 -12.59 -28.27
N LYS D 287 -12.43 -13.70 -28.74
CA LYS D 287 -11.50 -13.70 -29.89
C LYS D 287 -12.07 -13.01 -31.13
N LEU D 288 -13.35 -13.24 -31.40
CA LEU D 288 -13.98 -12.72 -32.60
C LEU D 288 -14.18 -11.21 -32.55
N LEU D 289 -14.64 -10.70 -31.41
CA LEU D 289 -14.86 -9.26 -31.28
C LEU D 289 -13.55 -8.50 -31.23
N ALA D 290 -12.55 -9.07 -30.56
CA ALA D 290 -11.26 -8.41 -30.52
C ALA D 290 -10.66 -8.35 -31.94
N SER D 291 -10.68 -9.48 -32.63
CA SER D 291 -10.02 -9.60 -33.93
C SER D 291 -10.76 -8.89 -35.06
N LEU D 292 -12.08 -8.93 -35.04
CA LEU D 292 -12.84 -8.28 -36.11
C LEU D 292 -13.08 -6.78 -35.86
N GLU D 293 -13.20 -6.40 -34.59
CA GLU D 293 -13.68 -5.07 -34.26
C GLU D 293 -12.82 -4.28 -33.28
N GLY D 294 -11.71 -4.87 -32.82
CA GLY D 294 -10.88 -4.26 -31.78
C GLY D 294 -11.65 -3.97 -30.49
N VAL D 295 -12.69 -4.76 -30.24
CA VAL D 295 -13.57 -4.61 -29.08
C VAL D 295 -13.30 -5.70 -28.05
N LEU D 296 -13.05 -5.31 -26.81
CA LEU D 296 -12.73 -6.29 -25.76
C LEU D 296 -13.93 -6.70 -24.92
N LEU D 297 -14.24 -7.99 -24.92
CA LEU D 297 -15.30 -8.53 -24.09
C LEU D 297 -14.69 -9.12 -22.82
N ASP D 298 -15.36 -10.08 -22.18
CA ASP D 298 -14.80 -10.73 -20.99
C ASP D 298 -15.29 -12.19 -20.85
N PRO D 299 -14.54 -13.05 -20.13
CA PRO D 299 -14.89 -14.49 -20.07
C PRO D 299 -16.16 -14.82 -19.26
N VAL D 300 -16.56 -13.90 -18.38
CA VAL D 300 -17.58 -14.14 -17.38
C VAL D 300 -18.98 -13.72 -17.85
N TYR D 301 -19.08 -12.52 -18.42
CA TYR D 301 -20.36 -11.94 -18.82
C TYR D 301 -20.51 -11.75 -20.33
N THR D 302 -19.91 -10.68 -20.87
CA THR D 302 -20.13 -10.30 -22.27
C THR D 302 -19.70 -11.37 -23.29
N GLY D 303 -18.62 -12.10 -23.00
CA GLY D 303 -18.21 -13.24 -23.83
C GLY D 303 -19.35 -14.22 -24.02
N LYS D 304 -19.96 -14.62 -22.90
CA LYS D 304 -21.07 -15.58 -22.93
C LYS D 304 -22.33 -15.00 -23.55
N ALA D 305 -22.65 -13.75 -23.21
CA ALA D 305 -23.77 -13.04 -23.82
C ALA D 305 -23.62 -12.94 -25.36
N MET D 306 -22.41 -12.60 -25.82
CA MET D 306 -22.13 -12.54 -27.26
C MET D 306 -22.17 -13.93 -27.91
N ALA D 307 -21.66 -14.93 -27.21
CA ALA D 307 -21.79 -16.31 -27.66
C ALA D 307 -23.27 -16.67 -27.88
N GLY D 308 -24.13 -16.18 -26.99
CA GLY D 308 -25.58 -16.34 -27.12
C GLY D 308 -26.15 -15.69 -28.37
N LEU D 309 -25.79 -14.42 -28.59
CA LEU D 309 -26.17 -13.69 -29.80
C LEU D 309 -25.80 -14.47 -31.07
N ILE D 310 -24.57 -14.99 -31.09
CA ILE D 310 -24.02 -15.67 -32.28
C ILE D 310 -24.78 -16.96 -32.59
N ASP D 311 -24.94 -17.80 -31.57
CA ASP D 311 -25.69 -19.04 -31.72
C ASP D 311 -27.15 -18.72 -32.04
N GLY D 312 -27.63 -17.60 -31.51
CA GLY D 312 -28.98 -17.12 -31.81
C GLY D 312 -29.16 -16.96 -33.30
N ILE D 313 -28.21 -16.28 -33.93
CA ILE D 313 -28.19 -16.11 -35.40
C ILE D 313 -28.03 -17.47 -36.07
N SER D 314 -27.05 -18.25 -35.62
CA SER D 314 -26.79 -19.56 -36.19
C SER D 314 -28.03 -20.46 -36.19
N GLN D 315 -28.83 -20.40 -35.13
CA GLN D 315 -29.99 -21.29 -34.97
C GLN D 315 -31.32 -20.61 -35.30
N LYS D 316 -31.26 -19.39 -35.84
CA LYS D 316 -32.47 -18.58 -36.05
C LYS D 316 -33.35 -18.49 -34.79
N ARG D 317 -32.72 -18.20 -33.66
CA ARG D 317 -33.41 -18.14 -32.37
C ARG D 317 -34.22 -16.86 -32.17
N PHE D 318 -33.88 -15.82 -32.93
CA PHE D 318 -34.60 -14.55 -32.81
C PHE D 318 -35.96 -14.61 -33.50
N ASN D 319 -36.85 -13.70 -33.09
CA ASN D 319 -38.21 -13.59 -33.65
C ASN D 319 -38.20 -13.32 -35.17
N ASP D 320 -37.23 -12.52 -35.62
CA ASP D 320 -36.98 -12.28 -37.03
C ASP D 320 -35.53 -11.84 -37.19
N ASP D 321 -35.03 -11.86 -38.42
CA ASP D 321 -33.61 -11.61 -38.67
C ASP D 321 -33.21 -10.15 -38.94
N GLY D 322 -33.88 -9.21 -38.29
CA GLY D 322 -33.51 -7.78 -38.40
C GLY D 322 -32.25 -7.44 -37.61
N PRO D 323 -31.89 -6.15 -37.57
CA PRO D 323 -30.68 -5.74 -36.85
C PRO D 323 -30.73 -6.12 -35.36
N ILE D 324 -29.56 -6.37 -34.79
CA ILE D 324 -29.43 -6.69 -33.36
C ILE D 324 -28.48 -5.71 -32.68
N LEU D 325 -28.91 -5.19 -31.55
CA LEU D 325 -28.08 -4.37 -30.69
C LEU D 325 -27.55 -5.17 -29.51
N PHE D 326 -26.23 -5.23 -29.39
CA PHE D 326 -25.57 -5.86 -28.26
C PHE D 326 -25.30 -4.77 -27.21
N ILE D 327 -25.70 -5.03 -25.97
CA ILE D 327 -25.37 -4.11 -24.87
C ILE D 327 -24.03 -4.50 -24.27
N HIS D 328 -23.01 -3.73 -24.57
CA HIS D 328 -21.70 -4.00 -24.00
C HIS D 328 -21.63 -3.48 -22.58
N THR D 329 -21.75 -4.41 -21.65
CA THR D 329 -21.83 -4.06 -20.23
C THR D 329 -20.46 -4.01 -19.55
N GLY D 330 -19.41 -4.38 -20.28
CA GLY D 330 -18.02 -4.23 -19.79
C GLY D 330 -17.31 -5.52 -19.42
N GLY D 331 -16.57 -5.48 -18.32
CA GLY D 331 -16.00 -6.68 -17.72
C GLY D 331 -14.58 -7.01 -18.13
N ALA D 332 -14.02 -6.20 -19.03
CA ALA D 332 -12.71 -6.47 -19.62
C ALA D 332 -11.52 -6.66 -18.66
N PRO D 333 -11.52 -5.96 -17.49
CA PRO D 333 -10.43 -6.18 -16.53
C PRO D 333 -10.25 -7.62 -16.07
N ALA D 334 -11.32 -8.41 -16.13
CA ALA D 334 -11.24 -9.82 -15.78
C ALA D 334 -10.33 -10.62 -16.71
N LEU D 335 -10.18 -10.15 -17.96
CA LEU D 335 -9.30 -10.81 -18.93
C LEU D 335 -7.93 -11.06 -18.32
N PHE D 336 -7.45 -10.08 -17.57
CA PHE D 336 -6.12 -10.16 -16.96
C PHE D 336 -6.07 -11.11 -15.76
N ALA D 337 -7.21 -11.36 -15.15
CA ALA D 337 -7.30 -12.25 -14.00
C ALA D 337 -7.47 -13.70 -14.43
N TYR D 338 -8.20 -13.93 -15.51
CA TYR D 338 -8.42 -15.29 -15.99
C TYR D 338 -7.25 -15.86 -16.78
N HIS D 339 -6.33 -14.99 -17.18
CA HIS D 339 -5.12 -15.40 -17.86
C HIS D 339 -4.08 -15.93 -16.89
N PRO D 340 -3.40 -17.06 -17.22
CA PRO D 340 -3.55 -17.94 -18.40
C PRO D 340 -4.68 -18.98 -18.26
N HIS D 341 -4.93 -19.42 -17.03
CA HIS D 341 -6.04 -20.30 -16.72
C HIS D 341 -6.50 -20.12 -15.29
N VAL D 342 -7.65 -20.69 -14.97
CA VAL D 342 -8.12 -20.77 -13.58
C VAL D 342 -8.20 -22.24 -13.13
C4 5PA E . 19.09 -13.93 14.91
C4A 5PA E . 19.45 -14.24 13.49
P 5PA E . 23.22 -14.66 14.00
O1P 5PA E . 22.34 -14.88 12.79
O2P 5PA E . 23.89 -15.95 14.42
O3P 5PA E . 24.09 -13.44 13.97
O4P 5PA E . 22.18 -14.30 15.18
C5A 5PA E . 21.20 -15.23 15.65
C5 5PA E . 19.97 -14.44 15.99
N1 5PA E . 18.58 -13.45 17.66
C6 5PA E . 19.67 -14.16 17.32
C2 5PA E . 17.71 -12.92 16.76
C2A 5PA E . 16.53 -12.14 17.25
C3 5PA E . 17.89 -13.12 15.31
O3 5PA E . 17.00 -12.61 14.42
N 5PA E . 18.27 -14.24 12.67
C8 5PA E . 18.29 -14.49 11.23
C7 5PA E . 17.20 -13.82 10.43
O7 5PA E . 16.48 -13.00 11.04
O8 5PA E . 17.02 -14.11 9.22
C9 5PA E . 19.70 -14.34 10.65
C10 5PA E . 19.01 -15.71 10.67
C1 BEN F . 15.54 -23.22 38.83
C2 BEN F . 15.25 -23.82 37.59
C3 BEN F . 16.23 -23.90 36.60
C4 BEN F . 17.50 -23.37 36.85
C5 BEN F . 17.80 -22.78 38.07
C6 BEN F . 16.82 -22.71 39.06
C BEN F . 14.49 -23.13 39.90
N1 BEN F . 14.51 -22.16 40.72
N2 BEN F . 13.53 -24.04 40.03
S SO4 G . 19.91 -19.32 10.89
O1 SO4 G . 20.51 -18.26 10.06
O2 SO4 G . 20.89 -20.42 11.13
O3 SO4 G . 19.50 -18.72 12.18
O4 SO4 G . 18.73 -19.89 10.19
C4 5PA H . -1.50 7.26 23.80
C4A 5PA H . -2.43 7.13 24.98
P 5PA H . -2.18 10.92 26.08
O1P 5PA H . -2.97 12.08 25.54
O2P 5PA H . -3.08 9.77 26.48
O3P 5PA H . -1.12 11.27 27.10
O4P 5PA H . -1.33 10.31 24.85
C5A 5PA H . -2.01 9.82 23.69
C5 5PA H . -1.31 8.59 23.17
N1 5PA H . 0.22 7.68 21.56
C6 5PA H . -0.45 8.73 22.08
C2 5PA H . 0.12 6.43 22.04
C2A 5PA H . 0.91 5.36 21.36
C3 5PA H . -0.75 6.12 23.21
O3 5PA H . -0.85 4.85 23.70
N 5PA H . -2.66 5.76 25.40
C8 5PA H . -3.99 5.22 25.67
C7 5PA H . -3.98 3.75 26.08
O7 5PA H . -4.89 3.27 26.80
O8 5PA H . -3.05 3.07 25.64
C9 5PA H . -5.20 6.08 26.11
C10 5PA H . -4.08 5.84 27.07
C1 BEN I . 2.70 19.04 0.00
C2 BEN I . 1.72 18.39 0.76
C3 BEN I . 1.48 17.03 0.61
C4 BEN I . 2.22 16.30 -0.33
C5 BEN I . 3.20 16.94 -1.10
C6 BEN I . 3.43 18.30 -0.93
C BEN I . 2.95 20.51 0.17
N1 BEN I . 1.99 21.32 0.24
N2 BEN I . 4.20 20.96 0.27
C4 5PA J . 3.57 6.66 -23.76
C4A 5PA J . 4.46 6.22 -24.90
P 5PA J . 5.35 9.86 -26.06
O1P 5PA J . 5.79 8.50 -26.50
O2P 5PA J . 6.44 10.69 -25.45
O3P 5PA J . 4.45 10.57 -27.06
O4P 5PA J . 4.36 9.62 -24.81
C5A 5PA J . 4.83 8.96 -23.65
C5 5PA J . 3.76 8.01 -23.15
N1 5PA J . 1.97 7.64 -21.60
C6 5PA J . 2.95 8.41 -22.11
C2 5PA J . 1.69 6.40 -22.07
C2A 5PA J . 0.59 5.61 -21.42
C3 5PA J . 2.48 5.83 -23.18
O3 5PA J . 2.21 4.58 -23.64
N 5PA J . 4.25 4.86 -25.32
C8 5PA J . 5.30 4.02 -25.91
C7 5PA J . 4.92 2.59 -26.20
O7 5PA J . 5.74 1.86 -26.78
O8 5PA J . 3.80 2.20 -25.82
C9 5PA J . 6.12 4.67 -27.03
C10 5PA J . 6.79 4.32 -25.70
C4 5PA K . -22.41 -7.72 -14.98
C4A 5PA K . -22.83 -7.87 -13.55
P 5PA K . -26.67 -7.48 -14.06
O1P 5PA K . -25.85 -7.83 -12.84
O2P 5PA K . -27.57 -8.57 -14.56
O3P 5PA K . -27.32 -6.12 -14.00
O4P 5PA K . -25.55 -7.35 -15.22
C5A 5PA K . -24.79 -8.48 -15.64
C5 5PA K . -23.41 -8.03 -16.03
N1 5PA K . -21.82 -7.50 -17.75
C6 5PA K . -23.05 -7.90 -17.37
C2 5PA K . -20.84 -7.19 -16.88
C2A 5PA K . -19.50 -6.75 -17.38
C3 5PA K . -21.06 -7.28 -15.42
O3 5PA K . -20.06 -6.96 -14.56
N 5PA K . -21.71 -7.87 -12.64
C8 5PA K . -21.76 -8.59 -11.37
C7 5PA K . -20.63 -8.16 -10.47
O7 5PA K . -19.68 -7.64 -11.06
O8 5PA K . -20.65 -8.32 -9.22
C9 5PA K . -23.07 -9.18 -10.79
C10 5PA K . -22.82 -7.71 -10.67
C1 BEN L . -21.38 -17.48 -38.91
C2 BEN L . -22.50 -16.70 -39.11
C3 BEN L . -23.45 -16.54 -38.09
C4 BEN L . -23.28 -17.20 -36.86
C5 BEN L . -22.14 -17.99 -36.67
C6 BEN L . -21.21 -18.13 -37.68
C BEN L . -20.34 -17.65 -39.99
N1 BEN L . -20.05 -16.72 -40.80
N2 BEN L . -19.71 -18.82 -40.10
S SO4 M . -24.41 -12.80 -10.75
O1 SO4 M . -23.56 -12.28 -11.85
O2 SO4 M . -23.73 -13.96 -10.10
O3 SO4 M . -24.59 -11.74 -9.73
O4 SO4 M . -25.69 -13.27 -11.30
#